data_2J2S
#
_entry.id   2J2S
#
_cell.length_a   1.000
_cell.length_b   1.000
_cell.length_c   1.000
_cell.angle_alpha   90.00
_cell.angle_beta   90.00
_cell.angle_gamma   90.00
#
_symmetry.space_group_name_H-M   'P 1'
#
loop_
_entity.id
_entity.type
_entity.pdbx_description
1 polymer 'ZINC FINGER PROTEIN HRX'
2 non-polymer 'ZINC ION'
#
_entity_poly.entity_id   1
_entity_poly.type   'polypeptide(L)'
_entity_poly.pdbx_seq_one_letter_code
;GGSVKKGRRSRRCGQCPGCQVPEDCGVCTNCLDKPKFGGRNIKKQCCKMRKCQNLQWMPSKAYLQKQAKAVK
;
_entity_poly.pdbx_strand_id   A
#
loop_
_chem_comp.id
_chem_comp.type
_chem_comp.name
_chem_comp.formula
ZN non-polymer 'ZINC ION' 'Zn 2'
#
# COMPACT_ATOMS: atom_id res chain seq x y z
N GLY A 1 -4.72 -15.23 -1.78
CA GLY A 1 -5.29 -14.19 -0.87
C GLY A 1 -4.55 -12.87 -0.96
N GLY A 2 -3.23 -12.94 -1.06
CA GLY A 2 -2.43 -11.74 -1.14
C GLY A 2 -2.05 -11.40 -2.57
N SER A 3 -2.96 -11.69 -3.51
CA SER A 3 -2.72 -11.41 -4.92
C SER A 3 -3.72 -10.37 -5.44
N VAL A 4 -3.36 -9.72 -6.54
CA VAL A 4 -4.21 -8.71 -7.14
C VAL A 4 -5.41 -9.35 -7.85
N LYS A 5 -6.59 -8.80 -7.60
CA LYS A 5 -7.81 -9.31 -8.21
C LYS A 5 -8.69 -8.17 -8.72
N LYS A 6 -9.22 -7.38 -7.79
CA LYS A 6 -10.07 -6.26 -8.15
C LYS A 6 -9.27 -4.95 -8.13
N GLY A 7 -7.99 -5.05 -8.43
CA GLY A 7 -7.14 -3.86 -8.45
C GLY A 7 -6.33 -3.75 -9.74
N ARG A 8 -5.53 -2.70 -9.82
CA ARG A 8 -4.70 -2.47 -11.01
C ARG A 8 -3.25 -2.26 -10.62
N ARG A 9 -2.38 -2.17 -11.63
CA ARG A 9 -0.96 -1.96 -11.40
C ARG A 9 -0.72 -0.59 -10.78
N SER A 10 0.02 -0.56 -9.69
CA SER A 10 0.31 0.69 -9.00
C SER A 10 1.75 0.75 -8.53
N ARG A 11 2.40 1.87 -8.81
CA ARG A 11 3.79 2.06 -8.41
C ARG A 11 3.99 3.42 -7.75
N ARG A 12 4.36 3.40 -6.48
CA ARG A 12 4.58 4.61 -5.71
C ARG A 12 5.60 5.52 -6.40
N CYS A 13 5.31 6.81 -6.38
CA CYS A 13 6.16 7.81 -7.01
C CYS A 13 7.60 7.74 -6.49
N GLY A 14 7.76 7.85 -5.18
CA GLY A 14 9.09 7.81 -4.59
C GLY A 14 9.62 9.18 -4.24
N GLN A 15 8.72 10.16 -4.07
CA GLN A 15 9.13 11.51 -3.74
C GLN A 15 8.01 12.29 -3.03
N CYS A 16 7.11 11.55 -2.37
CA CYS A 16 6.01 12.17 -1.63
C CYS A 16 6.21 11.97 -0.14
N PRO A 17 5.33 12.54 0.69
CA PRO A 17 5.40 12.44 2.15
C PRO A 17 5.45 11.00 2.63
N GLY A 18 4.80 10.10 1.88
CA GLY A 18 4.79 8.69 2.24
C GLY A 18 6.08 7.98 1.88
N CYS A 19 6.47 8.11 0.62
CA CYS A 19 7.68 7.46 0.10
C CYS A 19 8.93 7.94 0.81
N GLN A 20 8.89 9.15 1.36
CA GLN A 20 10.07 9.71 2.03
C GLN A 20 10.19 9.24 3.48
N VAL A 21 9.28 8.37 3.92
CA VAL A 21 9.34 7.86 5.29
C VAL A 21 9.86 6.42 5.35
N PRO A 22 11.16 6.24 5.59
CA PRO A 22 11.78 4.92 5.68
C PRO A 22 11.63 4.33 7.09
N GLU A 23 11.00 5.08 7.99
CA GLU A 23 10.81 4.63 9.36
C GLU A 23 9.35 4.78 9.78
N ASP A 24 9.06 4.42 11.03
CA ASP A 24 7.72 4.51 11.57
C ASP A 24 7.54 5.84 12.30
N CYS A 25 6.60 6.68 11.83
CA CYS A 25 6.38 7.98 12.46
C CYS A 25 6.26 7.80 13.97
N GLY A 26 5.63 6.71 14.40
CA GLY A 26 5.53 6.43 15.81
C GLY A 26 4.39 7.12 16.51
N VAL A 27 3.38 7.55 15.77
CA VAL A 27 2.27 8.25 16.38
C VAL A 27 0.93 7.94 15.72
N CYS A 28 0.95 7.18 14.63
CA CYS A 28 -0.30 6.79 13.96
C CYS A 28 -0.73 5.44 14.51
N THR A 29 -2.01 5.12 14.41
CA THR A 29 -2.53 3.85 14.94
C THR A 29 -1.63 2.67 14.55
N ASN A 30 -1.24 2.63 13.29
CA ASN A 30 -0.41 1.55 12.77
C ASN A 30 0.94 1.47 13.47
N CYS A 31 1.57 2.61 13.65
CA CYS A 31 2.88 2.68 14.30
C CYS A 31 2.75 2.45 15.79
N LEU A 32 1.79 3.13 16.39
CA LEU A 32 1.53 2.99 17.80
C LEU A 32 1.15 1.55 18.11
N ASP A 33 0.68 0.86 17.08
CA ASP A 33 0.31 -0.54 17.20
C ASP A 33 1.56 -1.40 17.39
N LYS A 34 2.74 -0.80 17.20
CA LYS A 34 4.02 -1.49 17.36
C LYS A 34 4.47 -1.46 18.80
N PRO A 35 5.25 -2.47 19.24
CA PRO A 35 5.76 -2.53 20.62
C PRO A 35 6.59 -1.32 20.99
N LYS A 36 7.48 -0.92 20.07
CA LYS A 36 8.34 0.23 20.29
C LYS A 36 7.52 1.50 20.50
N PHE A 37 6.26 1.47 20.05
CA PHE A 37 5.38 2.62 20.19
C PHE A 37 4.28 2.36 21.22
N GLY A 38 4.48 1.34 22.05
CA GLY A 38 3.50 1.02 23.08
C GLY A 38 2.55 -0.10 22.67
N GLY A 39 2.50 -0.39 21.38
CA GLY A 39 1.62 -1.44 20.89
C GLY A 39 2.13 -2.83 21.23
N ARG A 40 1.88 -3.79 20.33
CA ARG A 40 2.31 -5.17 20.54
C ARG A 40 2.66 -5.87 19.23
N ASN A 41 2.88 -5.09 18.18
CA ASN A 41 3.22 -5.67 16.87
C ASN A 41 2.14 -6.64 16.41
N ILE A 42 0.94 -6.49 16.95
CA ILE A 42 -0.17 -7.37 16.61
C ILE A 42 -0.90 -6.84 15.38
N LYS A 43 -1.05 -5.53 15.32
CA LYS A 43 -1.72 -4.89 14.19
C LYS A 43 -0.72 -4.65 13.07
N LYS A 44 0.54 -4.41 13.44
CA LYS A 44 1.63 -4.16 12.49
C LYS A 44 1.09 -3.81 11.09
N GLN A 45 0.49 -2.63 10.97
CA GLN A 45 -0.07 -2.20 9.69
C GLN A 45 0.83 -1.16 9.02
N CYS A 46 0.55 -0.88 7.76
CA CYS A 46 1.33 0.09 7.00
C CYS A 46 1.21 1.48 7.62
N CYS A 47 2.35 2.06 7.96
CA CYS A 47 2.39 3.39 8.57
C CYS A 47 1.60 4.39 7.74
N LYS A 48 0.69 5.11 8.40
CA LYS A 48 -0.14 6.10 7.75
C LYS A 48 0.70 7.18 7.06
N MET A 49 1.81 7.56 7.69
CA MET A 49 2.68 8.58 7.13
C MET A 49 3.60 8.00 6.05
N ARG A 50 3.67 6.68 5.99
CA ARG A 50 4.52 6.00 5.00
C ARG A 50 3.76 5.73 3.72
N LYS A 51 2.47 5.48 3.85
CA LYS A 51 1.62 5.19 2.70
C LYS A 51 1.74 6.26 1.63
N CYS A 52 2.18 5.86 0.44
CA CYS A 52 2.35 6.79 -0.67
C CYS A 52 1.06 7.52 -1.01
N GLN A 53 1.21 8.76 -1.46
CA GLN A 53 0.09 9.61 -1.82
C GLN A 53 -0.11 9.66 -3.33
N ASN A 54 0.98 9.51 -4.08
CA ASN A 54 0.91 9.56 -5.53
C ASN A 54 1.64 8.37 -6.15
N LEU A 55 0.90 7.54 -6.86
CA LEU A 55 1.47 6.36 -7.50
C LEU A 55 1.02 6.28 -8.95
N GLN A 56 1.78 5.56 -9.77
CA GLN A 56 1.44 5.38 -11.17
C GLN A 56 0.46 4.23 -11.33
N TRP A 57 -0.76 4.54 -11.76
CA TRP A 57 -1.78 3.52 -11.94
C TRP A 57 -2.19 3.39 -13.40
N MET A 58 -2.71 2.21 -13.75
CA MET A 58 -3.14 1.95 -15.12
C MET A 58 -4.31 0.97 -15.14
N PRO A 59 -5.26 1.15 -16.07
CA PRO A 59 -6.43 0.28 -16.19
C PRO A 59 -6.05 -1.19 -16.31
N SER A 60 -6.85 -2.06 -15.71
CA SER A 60 -6.59 -3.50 -15.74
C SER A 60 -6.98 -4.09 -17.10
N LYS A 61 -6.36 -5.20 -17.45
CA LYS A 61 -6.65 -5.88 -18.72
C LYS A 61 -6.86 -7.37 -18.50
N ALA A 62 -7.37 -7.73 -17.32
CA ALA A 62 -7.62 -9.12 -17.00
C ALA A 62 -8.92 -9.61 -17.61
N TYR A 63 -9.82 -8.68 -17.92
CA TYR A 63 -11.11 -9.03 -18.53
C TYR A 63 -11.01 -9.02 -20.05
N LEU A 64 -10.15 -8.15 -20.58
CA LEU A 64 -9.96 -8.04 -22.02
C LEU A 64 -8.88 -8.99 -22.50
N GLN A 65 -7.78 -9.03 -21.77
CA GLN A 65 -6.65 -9.91 -22.11
C GLN A 65 -6.16 -9.63 -23.53
N LYS A 66 -6.30 -8.38 -23.97
CA LYS A 66 -5.88 -7.99 -25.31
C LYS A 66 -4.37 -8.16 -25.47
N GLN A 67 -3.86 -7.79 -26.64
CA GLN A 67 -2.44 -7.91 -26.93
C GLN A 67 -1.80 -6.52 -27.09
N ALA A 68 -0.62 -6.35 -26.52
CA ALA A 68 0.10 -5.08 -26.61
C ALA A 68 1.60 -5.30 -26.66
N LYS A 69 2.02 -6.36 -27.36
CA LYS A 69 3.44 -6.67 -27.49
C LYS A 69 3.89 -6.53 -28.94
N ALA A 70 5.20 -6.62 -29.16
CA ALA A 70 5.77 -6.50 -30.50
C ALA A 70 5.67 -7.83 -31.25
N VAL A 71 4.49 -8.14 -31.76
CA VAL A 71 4.26 -9.37 -32.50
C VAL A 71 5.14 -9.43 -33.74
N LYS A 72 5.81 -10.55 -33.94
CA LYS A 72 6.69 -10.73 -35.10
C LYS A 72 6.87 -12.21 -35.42
ZN ZN B . 3.08 5.88 11.33
ZN ZN C . 5.10 8.29 -3.10
N GLY A 1 -16.59 -14.90 -4.43
CA GLY A 1 -15.68 -14.47 -5.53
C GLY A 1 -14.46 -15.36 -5.66
N GLY A 2 -13.79 -15.61 -4.55
CA GLY A 2 -12.62 -16.46 -4.55
C GLY A 2 -11.42 -15.78 -5.20
N SER A 3 -11.36 -14.46 -5.09
CA SER A 3 -10.26 -13.69 -5.66
C SER A 3 -9.56 -12.85 -4.59
N VAL A 4 -8.30 -12.52 -4.85
CA VAL A 4 -7.53 -11.72 -3.90
C VAL A 4 -7.80 -10.24 -4.08
N LYS A 5 -7.40 -9.71 -5.23
CA LYS A 5 -7.60 -8.29 -5.53
C LYS A 5 -7.73 -8.08 -7.04
N LYS A 6 -7.95 -6.83 -7.44
CA LYS A 6 -8.09 -6.49 -8.86
C LYS A 6 -6.73 -6.49 -9.54
N GLY A 7 -6.75 -6.30 -10.86
CA GLY A 7 -5.51 -6.28 -11.62
C GLY A 7 -4.94 -4.88 -11.77
N ARG A 8 -5.44 -3.95 -10.95
CA ARG A 8 -4.97 -2.57 -11.00
C ARG A 8 -3.51 -2.46 -10.58
N ARG A 9 -2.67 -2.03 -11.51
CA ARG A 9 -1.24 -1.86 -11.24
C ARG A 9 -0.99 -0.54 -10.54
N SER A 10 -0.15 -0.57 -9.50
CA SER A 10 0.15 0.64 -8.75
C SER A 10 1.63 0.69 -8.36
N ARG A 11 2.27 1.81 -8.66
CA ARG A 11 3.68 1.99 -8.33
C ARG A 11 3.91 3.35 -7.68
N ARG A 12 4.35 3.32 -6.43
CA ARG A 12 4.62 4.54 -5.67
C ARG A 12 5.62 5.43 -6.41
N CYS A 13 5.34 6.72 -6.39
CA CYS A 13 6.18 7.71 -7.05
C CYS A 13 7.61 7.67 -6.55
N GLY A 14 7.77 7.75 -5.23
CA GLY A 14 9.10 7.73 -4.64
C GLY A 14 9.64 9.12 -4.32
N GLN A 15 8.73 10.09 -4.17
CA GLN A 15 9.14 11.46 -3.86
C GLN A 15 8.03 12.22 -3.14
N CYS A 16 7.16 11.50 -2.43
CA CYS A 16 6.06 12.11 -1.70
C CYS A 16 6.30 11.96 -0.19
N PRO A 17 5.43 12.56 0.63
CA PRO A 17 5.55 12.50 2.08
C PRO A 17 5.60 11.06 2.60
N GLY A 18 4.95 10.16 1.89
CA GLY A 18 4.95 8.76 2.27
C GLY A 18 6.24 8.04 1.90
N CYS A 19 6.61 8.16 0.64
CA CYS A 19 7.80 7.51 0.11
C CYS A 19 9.08 8.01 0.79
N GLN A 20 9.03 9.22 1.35
CA GLN A 20 10.20 9.80 2.00
C GLN A 20 10.33 9.37 3.46
N VAL A 21 9.42 8.52 3.93
CA VAL A 21 9.47 8.06 5.32
C VAL A 21 9.98 6.64 5.42
N PRO A 22 11.30 6.46 5.67
CA PRO A 22 11.91 5.14 5.81
C PRO A 22 11.76 4.58 7.22
N GLU A 23 11.13 5.36 8.11
CA GLU A 23 10.92 4.94 9.48
C GLU A 23 9.46 5.09 9.90
N ASP A 24 9.17 4.73 11.14
CA ASP A 24 7.82 4.82 11.68
C ASP A 24 7.64 6.13 12.45
N CYS A 25 6.69 6.97 12.04
CA CYS A 25 6.47 8.24 12.72
C CYS A 25 6.35 8.00 14.23
N GLY A 26 5.61 6.95 14.59
CA GLY A 26 5.48 6.61 16.00
C GLY A 26 4.31 7.24 16.70
N VAL A 27 3.32 7.66 15.95
CA VAL A 27 2.18 8.31 16.57
C VAL A 27 0.84 7.99 15.88
N CYS A 28 0.89 7.28 14.75
CA CYS A 28 -0.33 6.90 14.06
C CYS A 28 -0.75 5.52 14.55
N THR A 29 -2.02 5.19 14.40
CA THR A 29 -2.52 3.89 14.89
C THR A 29 -1.61 2.73 14.47
N ASN A 30 -1.14 2.77 13.23
CA ASN A 30 -0.27 1.73 12.70
C ASN A 30 1.06 1.64 13.43
N CYS A 31 1.70 2.79 13.60
CA CYS A 31 2.99 2.85 14.29
C CYS A 31 2.81 2.55 15.75
N LEU A 32 1.84 3.20 16.35
CA LEU A 32 1.54 2.99 17.74
C LEU A 32 1.15 1.54 17.98
N ASP A 33 0.70 0.89 16.91
CA ASP A 33 0.33 -0.52 16.96
C ASP A 33 1.59 -1.38 17.16
N LYS A 34 2.77 -0.77 16.96
CA LYS A 34 4.03 -1.48 17.13
C LYS A 34 4.39 -1.59 18.61
N PRO A 35 5.17 -2.62 18.99
CA PRO A 35 5.58 -2.84 20.37
C PRO A 35 6.52 -1.74 20.86
N LYS A 36 7.22 -1.11 19.92
CA LYS A 36 8.15 -0.03 20.25
C LYS A 36 7.40 1.27 20.55
N PHE A 37 6.21 1.39 19.98
CA PHE A 37 5.40 2.60 20.16
C PHE A 37 4.32 2.39 21.23
N GLY A 38 4.15 1.15 21.69
CA GLY A 38 3.15 0.87 22.70
C GLY A 38 2.21 -0.27 22.33
N GLY A 39 2.18 -0.61 21.05
CA GLY A 39 1.31 -1.69 20.59
C GLY A 39 1.84 -3.06 20.97
N ARG A 40 1.67 -4.03 20.08
CA ARG A 40 2.11 -5.39 20.34
C ARG A 40 2.55 -6.10 19.05
N ASN A 41 2.81 -5.34 17.99
CA ASN A 41 3.22 -5.91 16.72
C ASN A 41 2.18 -6.89 16.20
N ILE A 42 0.95 -6.78 16.70
CA ILE A 42 -0.12 -7.66 16.29
C ILE A 42 -0.85 -7.12 15.06
N LYS A 43 -1.14 -5.83 15.07
CA LYS A 43 -1.81 -5.19 13.95
C LYS A 43 -0.82 -4.83 12.86
N LYS A 44 0.42 -4.55 13.26
CA LYS A 44 1.50 -4.18 12.34
C LYS A 44 0.97 -3.76 10.96
N GLN A 45 0.60 -2.50 10.82
CA GLN A 45 0.06 -2.00 9.56
C GLN A 45 1.01 -0.98 8.93
N CYS A 46 0.68 -0.57 7.70
CA CYS A 46 1.50 0.39 6.98
C CYS A 46 1.37 1.79 7.61
N CYS A 47 2.48 2.33 8.05
CA CYS A 47 2.50 3.65 8.68
C CYS A 47 1.71 4.67 7.85
N LYS A 48 0.82 5.38 8.51
CA LYS A 48 -0.01 6.40 7.86
C LYS A 48 0.84 7.44 7.14
N MET A 49 1.94 7.85 7.75
CA MET A 49 2.83 8.85 7.15
C MET A 49 3.73 8.23 6.08
N ARG A 50 3.81 6.91 6.08
CA ARG A 50 4.64 6.20 5.11
C ARG A 50 3.87 5.87 3.83
N LYS A 51 2.58 5.64 3.99
CA LYS A 51 1.72 5.30 2.86
C LYS A 51 1.83 6.35 1.76
N CYS A 52 2.27 5.92 0.58
CA CYS A 52 2.45 6.82 -0.56
C CYS A 52 1.15 7.55 -0.90
N GLN A 53 1.30 8.77 -1.38
CA GLN A 53 0.19 9.62 -1.74
C GLN A 53 -0.04 9.65 -3.26
N ASN A 54 1.05 9.49 -4.01
CA ASN A 54 0.97 9.50 -5.46
C ASN A 54 1.68 8.30 -6.08
N LEU A 55 0.91 7.48 -6.78
CA LEU A 55 1.45 6.30 -7.42
C LEU A 55 0.96 6.20 -8.87
N GLN A 56 1.71 5.47 -9.70
CA GLN A 56 1.32 5.30 -11.09
C GLN A 56 0.31 4.16 -11.20
N TRP A 57 -0.92 4.49 -11.59
CA TRP A 57 -1.96 3.49 -11.71
C TRP A 57 -2.43 3.31 -13.15
N MET A 58 -2.86 2.09 -13.46
CA MET A 58 -3.36 1.76 -14.78
C MET A 58 -4.31 0.57 -14.72
N PRO A 59 -5.42 0.60 -15.46
CA PRO A 59 -6.40 -0.47 -15.48
C PRO A 59 -6.06 -1.58 -16.47
N SER A 60 -6.59 -2.77 -16.24
CA SER A 60 -6.35 -3.91 -17.11
C SER A 60 -7.02 -3.71 -18.47
N LYS A 61 -6.22 -3.41 -19.48
CA LYS A 61 -6.73 -3.20 -20.83
C LYS A 61 -7.14 -4.52 -21.48
N ALA A 62 -6.58 -5.62 -20.99
CA ALA A 62 -6.87 -6.94 -21.53
C ALA A 62 -8.06 -7.59 -20.81
N TYR A 63 -8.78 -6.80 -20.01
CA TYR A 63 -9.94 -7.28 -19.27
C TYR A 63 -9.69 -8.66 -18.64
N LEU A 64 -10.01 -9.72 -19.38
CA LEU A 64 -9.82 -11.08 -18.88
C LEU A 64 -8.52 -11.69 -19.40
N GLN A 65 -8.14 -11.31 -20.62
CA GLN A 65 -6.91 -11.81 -21.23
C GLN A 65 -5.72 -11.66 -20.28
N LYS A 66 -4.98 -12.75 -20.09
CA LYS A 66 -3.83 -12.74 -19.21
C LYS A 66 -2.60 -12.20 -19.94
N GLN A 67 -1.47 -12.18 -19.24
CA GLN A 67 -0.22 -11.68 -19.83
C GLN A 67 0.64 -12.84 -20.32
N ALA A 68 1.83 -12.52 -20.81
CA ALA A 68 2.75 -13.54 -21.32
C ALA A 68 2.12 -14.31 -22.47
N LYS A 69 1.34 -13.61 -23.30
CA LYS A 69 0.67 -14.22 -24.44
C LYS A 69 -0.46 -15.14 -24.00
N ALA A 70 -0.80 -15.10 -22.71
CA ALA A 70 -1.87 -15.94 -22.17
C ALA A 70 -1.57 -17.41 -22.39
N VAL A 71 -2.18 -18.26 -21.56
CA VAL A 71 -2.00 -19.70 -21.66
C VAL A 71 -3.21 -20.45 -21.14
N LYS A 72 -3.70 -20.03 -19.98
CA LYS A 72 -4.86 -20.66 -19.37
C LYS A 72 -5.93 -19.63 -19.02
ZN ZN B . 3.22 6.23 11.41
ZN ZN C . 5.08 8.19 -3.26
N GLY A 1 -12.23 3.35 1.40
CA GLY A 1 -11.92 2.34 0.35
C GLY A 1 -10.43 2.32 0.01
N GLY A 2 -10.02 3.24 -0.86
CA GLY A 2 -8.62 3.29 -1.26
C GLY A 2 -8.22 2.14 -2.15
N SER A 3 -6.94 1.78 -2.11
CA SER A 3 -6.44 0.68 -2.92
C SER A 3 -6.97 -0.66 -2.43
N VAL A 4 -8.19 -1.00 -2.86
CA VAL A 4 -8.81 -2.25 -2.46
C VAL A 4 -8.77 -3.27 -3.60
N LYS A 5 -8.63 -4.54 -3.23
CA LYS A 5 -8.57 -5.61 -4.22
C LYS A 5 -7.41 -5.41 -5.18
N LYS A 6 -7.01 -6.48 -5.86
CA LYS A 6 -5.91 -6.41 -6.81
C LYS A 6 -6.42 -6.24 -8.24
N GLY A 7 -5.50 -6.21 -9.19
CA GLY A 7 -5.88 -6.04 -10.59
C GLY A 7 -5.32 -4.77 -11.19
N ARG A 8 -5.39 -3.67 -10.44
CA ARG A 8 -4.89 -2.39 -10.90
C ARG A 8 -3.38 -2.28 -10.69
N ARG A 9 -2.68 -1.79 -11.71
CA ARG A 9 -1.24 -1.62 -11.62
C ARG A 9 -0.90 -0.31 -10.92
N SER A 10 -0.16 -0.40 -9.83
CA SER A 10 0.21 0.79 -9.07
C SER A 10 1.70 0.80 -8.72
N ARG A 11 2.33 1.94 -8.95
CA ARG A 11 3.75 2.09 -8.64
C ARG A 11 4.02 3.41 -7.95
N ARG A 12 4.47 3.32 -6.70
CA ARG A 12 4.78 4.50 -5.89
C ARG A 12 5.77 5.41 -6.59
N CYS A 13 5.52 6.71 -6.50
CA CYS A 13 6.37 7.71 -7.12
C CYS A 13 7.80 7.66 -6.59
N GLY A 14 7.95 7.73 -5.28
CA GLY A 14 9.27 7.69 -4.68
C GLY A 14 9.79 9.07 -4.32
N GLN A 15 8.89 10.03 -4.17
CA GLN A 15 9.30 11.40 -3.83
C GLN A 15 8.17 12.17 -3.14
N CYS A 16 7.31 11.44 -2.44
CA CYS A 16 6.19 12.05 -1.73
C CYS A 16 6.38 11.87 -0.21
N PRO A 17 5.48 12.45 0.60
CA PRO A 17 5.56 12.36 2.06
C PRO A 17 5.60 10.92 2.54
N GLY A 18 4.96 10.02 1.79
CA GLY A 18 4.96 8.62 2.15
C GLY A 18 6.25 7.91 1.82
N CYS A 19 6.68 8.05 0.57
CA CYS A 19 7.88 7.41 0.07
C CYS A 19 9.13 7.90 0.80
N GLN A 20 9.06 9.10 1.38
CA GLN A 20 10.20 9.67 2.09
C GLN A 20 10.26 9.24 3.55
N VAL A 21 9.34 8.37 3.97
CA VAL A 21 9.31 7.90 5.35
C VAL A 21 9.90 6.50 5.47
N PRO A 22 11.19 6.40 5.83
CA PRO A 22 11.88 5.12 5.99
C PRO A 22 11.73 4.55 7.40
N GLU A 23 11.01 5.27 8.26
CA GLU A 23 10.80 4.85 9.64
C GLU A 23 9.33 4.84 10.01
N ASP A 24 9.03 4.51 11.26
CA ASP A 24 7.67 4.48 11.75
C ASP A 24 7.32 5.81 12.40
N CYS A 25 6.39 6.55 11.79
CA CYS A 25 5.99 7.86 12.31
C CYS A 25 5.77 7.79 13.83
N GLY A 26 5.37 6.61 14.32
CA GLY A 26 5.19 6.42 15.74
C GLY A 26 3.99 7.10 16.33
N VAL A 27 3.02 7.43 15.51
CA VAL A 27 1.85 8.15 16.00
C VAL A 27 0.55 7.69 15.35
N CYS A 28 0.63 6.91 14.28
CA CYS A 28 -0.57 6.41 13.62
C CYS A 28 -0.95 5.07 14.23
N THR A 29 -2.20 4.67 14.12
CA THR A 29 -2.64 3.39 14.71
C THR A 29 -1.67 2.26 14.37
N ASN A 30 -1.20 2.25 13.13
CA ASN A 30 -0.28 1.22 12.66
C ASN A 30 1.05 1.23 13.42
N CYS A 31 1.61 2.42 13.59
CA CYS A 31 2.87 2.59 14.29
C CYS A 31 2.69 2.42 15.78
N LEU A 32 1.68 3.08 16.31
CA LEU A 32 1.37 2.99 17.72
C LEU A 32 1.07 1.55 18.08
N ASP A 33 0.66 0.79 17.07
CA ASP A 33 0.36 -0.63 17.25
C ASP A 33 1.66 -1.39 17.55
N LYS A 34 2.81 -0.74 17.34
CA LYS A 34 4.10 -1.35 17.61
C LYS A 34 4.44 -1.29 19.09
N PRO A 35 5.22 -2.25 19.61
CA PRO A 35 5.61 -2.29 21.02
C PRO A 35 6.40 -1.04 21.42
N LYS A 36 7.22 -0.55 20.50
CA LYS A 36 8.04 0.64 20.75
C LYS A 36 7.17 1.89 20.87
N PHE A 37 5.97 1.84 20.29
CA PHE A 37 5.06 2.98 20.33
C PHE A 37 3.93 2.76 21.32
N GLY A 38 3.99 1.66 22.08
CA GLY A 38 2.96 1.36 23.06
C GLY A 38 2.06 0.21 22.66
N GLY A 39 2.11 -0.18 21.39
CA GLY A 39 1.28 -1.27 20.92
C GLY A 39 1.82 -2.63 21.31
N ARG A 40 1.76 -3.58 20.37
CA ARG A 40 2.24 -4.93 20.64
C ARG A 40 2.70 -5.64 19.37
N ASN A 41 3.00 -4.88 18.32
CA ASN A 41 3.45 -5.47 17.05
C ASN A 41 2.45 -6.52 16.56
N ILE A 42 1.20 -6.39 17.01
CA ILE A 42 0.16 -7.33 16.61
C ILE A 42 -0.47 -6.92 15.29
N LYS A 43 -0.72 -5.63 15.13
CA LYS A 43 -1.30 -5.11 13.90
C LYS A 43 -0.20 -4.82 12.89
N LYS A 44 0.98 -4.47 13.40
CA LYS A 44 2.15 -4.16 12.57
C LYS A 44 1.76 -3.91 11.11
N GLN A 45 0.95 -2.88 10.89
CA GLN A 45 0.49 -2.55 9.55
C GLN A 45 1.37 -1.47 8.91
N CYS A 46 1.02 -1.07 7.69
CA CYS A 46 1.78 -0.06 6.97
C CYS A 46 1.57 1.33 7.59
N CYS A 47 2.66 1.99 7.91
CA CYS A 47 2.60 3.33 8.51
C CYS A 47 1.80 4.29 7.63
N LYS A 48 0.74 4.84 8.21
CA LYS A 48 -0.13 5.78 7.50
C LYS A 48 0.66 6.94 6.89
N MET A 49 1.80 7.28 7.50
CA MET A 49 2.64 8.36 7.03
C MET A 49 3.56 7.86 5.92
N ARG A 50 3.91 6.58 6.01
CA ARG A 50 4.78 5.94 5.04
C ARG A 50 4.05 5.64 3.74
N LYS A 51 2.76 5.34 3.86
CA LYS A 51 1.94 5.00 2.70
C LYS A 51 2.04 6.09 1.63
N CYS A 52 2.47 5.70 0.44
CA CYS A 52 2.62 6.63 -0.67
C CYS A 52 1.33 7.38 -0.97
N GLN A 53 1.48 8.62 -1.41
CA GLN A 53 0.35 9.48 -1.72
C GLN A 53 0.12 9.55 -3.23
N ASN A 54 1.19 9.42 -4.01
CA ASN A 54 1.09 9.49 -5.46
C ASN A 54 1.80 8.32 -6.12
N LEU A 55 1.02 7.51 -6.84
CA LEU A 55 1.55 6.36 -7.54
C LEU A 55 1.02 6.31 -8.96
N GLN A 56 1.73 5.60 -9.84
CA GLN A 56 1.30 5.47 -11.23
C GLN A 56 0.24 4.38 -11.34
N TRP A 57 -0.98 4.79 -11.69
CA TRP A 57 -2.09 3.84 -11.80
C TRP A 57 -2.64 3.77 -13.22
N MET A 58 -3.27 2.64 -13.53
CA MET A 58 -3.85 2.43 -14.85
C MET A 58 -5.05 1.49 -14.77
N PRO A 59 -6.12 1.77 -15.54
CA PRO A 59 -7.33 0.94 -15.54
C PRO A 59 -7.03 -0.53 -15.84
N SER A 60 -7.91 -1.42 -15.40
CA SER A 60 -7.75 -2.85 -15.62
C SER A 60 -8.62 -3.32 -16.78
N LYS A 61 -8.09 -4.24 -17.58
CA LYS A 61 -8.82 -4.78 -18.71
C LYS A 61 -9.29 -6.20 -18.44
N ALA A 62 -9.74 -6.44 -17.21
CA ALA A 62 -10.21 -7.76 -16.82
C ALA A 62 -11.73 -7.87 -16.96
N TYR A 63 -12.40 -6.73 -16.96
CA TYR A 63 -13.86 -6.70 -17.07
C TYR A 63 -14.27 -6.55 -18.53
N LEU A 64 -13.49 -5.80 -19.29
CA LEU A 64 -13.77 -5.57 -20.70
C LEU A 64 -13.39 -6.80 -21.54
N GLN A 65 -12.38 -7.52 -21.09
CA GLN A 65 -11.92 -8.71 -21.80
C GLN A 65 -11.98 -9.93 -20.88
N LYS A 66 -13.16 -10.54 -20.80
CA LYS A 66 -13.36 -11.72 -19.96
C LYS A 66 -13.06 -13.00 -20.75
N GLN A 67 -13.36 -12.97 -22.05
CA GLN A 67 -13.11 -14.12 -22.90
C GLN A 67 -11.94 -13.87 -23.84
N ALA A 68 -11.54 -14.90 -24.58
CA ALA A 68 -10.42 -14.79 -25.52
C ALA A 68 -10.85 -15.21 -26.92
N LYS A 69 -12.13 -15.03 -27.22
CA LYS A 69 -12.66 -15.39 -28.54
C LYS A 69 -12.40 -16.86 -28.85
N ALA A 70 -12.39 -17.69 -27.81
CA ALA A 70 -12.16 -19.12 -27.97
C ALA A 70 -13.00 -19.93 -27.01
N VAL A 71 -14.06 -20.53 -27.53
CA VAL A 71 -14.96 -21.35 -26.70
C VAL A 71 -14.23 -22.52 -26.08
N LYS A 72 -14.06 -22.48 -24.76
CA LYS A 72 -13.38 -23.53 -24.04
C LYS A 72 -13.69 -23.47 -22.54
ZN ZN B . 3.12 5.79 11.36
ZN ZN C . 5.25 8.15 -3.26
N GLY A 1 -14.11 -11.95 4.72
CA GLY A 1 -15.41 -11.60 4.06
C GLY A 1 -15.91 -12.72 3.16
N GLY A 2 -15.26 -12.88 2.01
CA GLY A 2 -15.66 -13.91 1.07
C GLY A 2 -15.05 -13.72 -0.30
N SER A 3 -14.96 -12.46 -0.73
CA SER A 3 -14.38 -12.15 -2.04
C SER A 3 -12.92 -11.74 -1.90
N VAL A 4 -12.05 -12.40 -2.66
CA VAL A 4 -10.63 -12.10 -2.63
C VAL A 4 -10.22 -11.25 -3.83
N LYS A 5 -9.46 -10.18 -3.56
CA LYS A 5 -9.01 -9.29 -4.61
C LYS A 5 -7.81 -8.47 -4.15
N LYS A 6 -6.79 -8.38 -4.99
CA LYS A 6 -5.58 -7.63 -4.66
C LYS A 6 -5.60 -6.26 -5.34
N GLY A 7 -6.25 -6.19 -6.50
CA GLY A 7 -6.32 -4.93 -7.22
C GLY A 7 -5.46 -4.92 -8.47
N ARG A 8 -5.21 -3.73 -9.00
CA ARG A 8 -4.39 -3.58 -10.19
C ARG A 8 -3.00 -3.04 -9.84
N ARG A 9 -2.12 -2.99 -10.82
CA ARG A 9 -0.76 -2.50 -10.59
C ARG A 9 -0.76 -1.06 -10.10
N SER A 10 0.04 -0.81 -9.05
CA SER A 10 0.14 0.51 -8.46
C SER A 10 1.59 0.82 -8.08
N ARG A 11 2.08 1.98 -8.52
CA ARG A 11 3.44 2.38 -8.20
C ARG A 11 3.49 3.77 -7.61
N ARG A 12 3.91 3.84 -6.35
CA ARG A 12 4.03 5.11 -5.65
C ARG A 12 4.90 6.09 -6.42
N CYS A 13 4.52 7.35 -6.35
CA CYS A 13 5.24 8.42 -7.05
C CYS A 13 6.73 8.42 -6.71
N GLY A 14 7.05 8.45 -5.42
CA GLY A 14 8.44 8.44 -5.01
C GLY A 14 8.95 9.80 -4.59
N GLN A 15 8.04 10.70 -4.22
CA GLN A 15 8.43 12.04 -3.81
C GLN A 15 7.37 12.68 -2.91
N CYS A 16 6.70 11.86 -2.12
CA CYS A 16 5.66 12.35 -1.20
C CYS A 16 6.02 11.99 0.24
N PRO A 17 5.23 12.48 1.21
CA PRO A 17 5.47 12.22 2.63
C PRO A 17 5.52 10.72 2.93
N GLY A 18 4.79 9.93 2.16
CA GLY A 18 4.79 8.50 2.36
C GLY A 18 6.02 7.82 1.81
N CYS A 19 6.34 8.12 0.56
CA CYS A 19 7.48 7.54 -0.13
C CYS A 19 8.81 7.92 0.54
N GLN A 20 8.83 9.05 1.23
CA GLN A 20 10.04 9.52 1.89
C GLN A 20 10.20 8.91 3.28
N VAL A 21 9.26 8.07 3.71
CA VAL A 21 9.34 7.46 5.02
C VAL A 21 9.67 5.96 4.92
N PRO A 22 10.97 5.62 5.04
CA PRO A 22 11.41 4.23 4.99
C PRO A 22 11.26 3.52 6.33
N GLU A 23 10.77 4.26 7.32
CA GLU A 23 10.59 3.70 8.67
C GLU A 23 9.21 4.07 9.22
N ASP A 24 8.96 3.69 10.47
CA ASP A 24 7.70 3.98 11.14
C ASP A 24 7.80 5.30 11.91
N CYS A 25 6.95 6.27 11.59
CA CYS A 25 6.98 7.55 12.27
C CYS A 25 7.00 7.34 13.78
N GLY A 26 6.18 6.41 14.25
CA GLY A 26 6.17 6.11 15.67
C GLY A 26 5.15 6.88 16.47
N VAL A 27 4.15 7.42 15.82
CA VAL A 27 3.15 8.21 16.52
C VAL A 27 1.74 8.05 15.95
N CYS A 28 1.61 7.36 14.83
CA CYS A 28 0.29 7.11 14.25
C CYS A 28 -0.23 5.79 14.78
N THR A 29 -1.54 5.59 14.78
CA THR A 29 -2.13 4.35 15.30
C THR A 29 -1.40 3.12 14.79
N ASN A 30 -1.10 3.11 13.50
CA ASN A 30 -0.43 2.00 12.85
C ASN A 30 0.97 1.73 13.45
N CYS A 31 1.71 2.81 13.66
CA CYS A 31 3.06 2.71 14.22
C CYS A 31 3.00 2.43 15.71
N LEU A 32 2.18 3.18 16.40
CA LEU A 32 2.01 3.01 17.82
C LEU A 32 1.51 1.61 18.12
N ASP A 33 0.88 1.01 17.11
CA ASP A 33 0.39 -0.36 17.22
C ASP A 33 1.57 -1.33 17.33
N LYS A 34 2.77 -0.85 17.01
CA LYS A 34 3.98 -1.66 17.09
C LYS A 34 4.50 -1.74 18.51
N PRO A 35 5.18 -2.84 18.88
CA PRO A 35 5.73 -3.01 20.23
C PRO A 35 6.73 -1.92 20.59
N LYS A 36 7.58 -1.57 19.63
CA LYS A 36 8.59 -0.54 19.83
C LYS A 36 7.94 0.81 20.12
N PHE A 37 6.67 0.97 19.73
CA PHE A 37 5.95 2.21 19.95
C PHE A 37 4.91 2.07 21.06
N GLY A 38 4.97 0.96 21.79
CA GLY A 38 4.02 0.73 22.87
C GLY A 38 2.97 -0.30 22.54
N GLY A 39 2.81 -0.59 21.25
CA GLY A 39 1.81 -1.55 20.81
C GLY A 39 2.25 -2.99 21.05
N ARG A 40 1.83 -3.89 20.17
CA ARG A 40 2.17 -5.31 20.31
C ARG A 40 2.34 -5.98 18.93
N ASN A 41 2.54 -5.17 17.90
CA ASN A 41 2.71 -5.70 16.55
C ASN A 41 1.51 -6.55 16.14
N ILE A 42 0.37 -6.33 16.80
CA ILE A 42 -0.83 -7.08 16.51
C ILE A 42 -1.62 -6.41 15.39
N LYS A 43 -1.62 -5.08 15.40
CA LYS A 43 -2.31 -4.31 14.38
C LYS A 43 -1.41 -4.09 13.18
N LYS A 44 -0.10 -4.03 13.44
CA LYS A 44 0.91 -3.82 12.40
C LYS A 44 0.28 -3.39 11.07
N GLN A 45 -0.18 -2.14 11.02
CA GLN A 45 -0.81 -1.61 9.82
C GLN A 45 0.14 -0.69 9.05
N CYS A 46 -0.27 -0.28 7.85
CA CYS A 46 0.53 0.60 7.02
C CYS A 46 0.64 1.98 7.65
N CYS A 47 1.87 2.37 8.00
CA CYS A 47 2.12 3.67 8.61
C CYS A 47 1.39 4.79 7.86
N LYS A 48 0.63 5.58 8.60
CA LYS A 48 -0.12 6.70 8.04
C LYS A 48 0.80 7.69 7.32
N MET A 49 1.99 7.91 7.87
CA MET A 49 2.94 8.84 7.27
C MET A 49 3.69 8.21 6.10
N ARG A 50 3.59 6.88 5.99
CA ARG A 50 4.27 6.16 4.91
C ARG A 50 3.38 5.99 3.69
N LYS A 51 2.08 5.89 3.94
CA LYS A 51 1.11 5.72 2.86
C LYS A 51 1.26 6.80 1.80
N CYS A 52 1.64 6.38 0.59
CA CYS A 52 1.84 7.30 -0.52
C CYS A 52 0.55 8.05 -0.85
N GLN A 53 0.71 9.28 -1.30
CA GLN A 53 -0.42 10.12 -1.67
C GLN A 53 -0.73 10.05 -3.16
N ASN A 54 0.34 9.94 -3.96
CA ASN A 54 0.19 9.87 -5.41
C ASN A 54 1.00 8.71 -5.97
N LEU A 55 0.32 7.78 -6.60
CA LEU A 55 0.97 6.64 -7.20
C LEU A 55 0.59 6.52 -8.67
N GLN A 56 1.54 6.13 -9.50
CA GLN A 56 1.29 5.95 -10.91
C GLN A 56 0.81 4.54 -11.16
N TRP A 57 -0.44 4.41 -11.57
CA TRP A 57 -1.04 3.11 -11.81
C TRP A 57 -1.05 2.76 -13.30
N MET A 58 -0.78 1.49 -13.60
CA MET A 58 -0.76 1.01 -14.98
C MET A 58 -1.85 -0.02 -15.20
N PRO A 59 -2.54 0.04 -16.36
CA PRO A 59 -3.61 -0.91 -16.68
C PRO A 59 -3.09 -2.24 -17.20
N SER A 60 -3.71 -3.32 -16.76
CA SER A 60 -3.32 -4.66 -17.17
C SER A 60 -4.49 -5.62 -17.16
N LYS A 61 -4.66 -6.36 -18.24
CA LYS A 61 -5.75 -7.33 -18.35
C LYS A 61 -5.72 -8.33 -17.20
N ALA A 62 -4.57 -8.43 -16.52
CA ALA A 62 -4.42 -9.37 -15.41
C ALA A 62 -4.39 -10.80 -15.92
N TYR A 63 -3.20 -11.25 -16.29
CA TYR A 63 -3.02 -12.59 -16.83
C TYR A 63 -1.93 -13.35 -16.07
N LEU A 64 -0.83 -12.67 -15.80
CA LEU A 64 0.28 -13.28 -15.08
C LEU A 64 -0.15 -13.77 -13.71
N GLN A 65 -0.63 -12.85 -12.88
CA GLN A 65 -1.08 -13.17 -11.54
C GLN A 65 0.09 -13.57 -10.65
N LYS A 66 0.69 -14.72 -10.96
CA LYS A 66 1.82 -15.22 -10.20
C LYS A 66 3.13 -14.86 -10.87
N GLN A 67 4.24 -15.28 -10.26
CA GLN A 67 5.57 -15.00 -10.81
C GLN A 67 5.96 -16.03 -11.85
N ALA A 68 7.17 -15.91 -12.39
CA ALA A 68 7.66 -16.84 -13.41
C ALA A 68 6.77 -16.81 -14.64
N LYS A 69 6.30 -15.62 -15.01
CA LYS A 69 5.45 -15.46 -16.18
C LYS A 69 5.76 -14.15 -16.90
N ALA A 70 5.85 -14.22 -18.23
CA ALA A 70 6.13 -13.05 -19.04
C ALA A 70 5.26 -13.02 -20.29
N VAL A 71 5.00 -11.81 -20.79
CA VAL A 71 4.18 -11.65 -21.98
C VAL A 71 4.05 -10.18 -22.37
N LYS A 72 3.84 -9.92 -23.65
CA LYS A 72 3.69 -8.55 -24.14
C LYS A 72 2.68 -8.48 -25.28
ZN ZN B . 3.43 5.98 11.32
ZN ZN C . 4.51 8.64 -3.27
N GLY A 1 -14.21 -6.78 -11.44
CA GLY A 1 -14.23 -7.93 -10.48
C GLY A 1 -14.06 -7.49 -9.05
N GLY A 2 -13.64 -8.42 -8.20
CA GLY A 2 -13.44 -8.11 -6.79
C GLY A 2 -12.03 -7.65 -6.48
N SER A 3 -11.89 -6.81 -5.46
CA SER A 3 -10.58 -6.29 -5.07
C SER A 3 -10.59 -5.85 -3.61
N VAL A 4 -9.78 -6.51 -2.79
CA VAL A 4 -9.68 -6.18 -1.38
C VAL A 4 -9.01 -4.82 -1.16
N LYS A 5 -8.10 -4.47 -2.07
CA LYS A 5 -7.39 -3.21 -1.98
C LYS A 5 -6.86 -2.79 -3.35
N LYS A 6 -5.79 -3.43 -3.78
CA LYS A 6 -5.19 -3.14 -5.07
C LYS A 6 -5.80 -3.99 -6.18
N GLY A 7 -5.93 -3.41 -7.37
CA GLY A 7 -6.50 -4.13 -8.49
C GLY A 7 -5.66 -4.01 -9.75
N ARG A 8 -5.36 -2.77 -10.14
CA ARG A 8 -4.57 -2.53 -11.33
C ARG A 8 -3.11 -2.25 -10.98
N ARG A 9 -2.27 -2.14 -11.99
CA ARG A 9 -0.85 -1.87 -11.78
C ARG A 9 -0.66 -0.56 -11.05
N SER A 10 0.10 -0.60 -9.96
CA SER A 10 0.35 0.60 -9.18
C SER A 10 1.79 0.64 -8.68
N ARG A 11 2.42 1.80 -8.84
CA ARG A 11 3.79 1.98 -8.42
C ARG A 11 3.99 3.34 -7.74
N ARG A 12 4.34 3.30 -6.46
CA ARG A 12 4.56 4.51 -5.68
C ARG A 12 5.57 5.42 -6.38
N CYS A 13 5.27 6.71 -6.37
CA CYS A 13 6.13 7.71 -7.00
C CYS A 13 7.55 7.66 -6.46
N GLY A 14 7.68 7.70 -5.14
CA GLY A 14 8.99 7.67 -4.52
C GLY A 14 9.51 9.06 -4.17
N GLN A 15 8.61 10.03 -4.06
CA GLN A 15 9.00 11.40 -3.73
C GLN A 15 7.88 12.16 -3.02
N CYS A 16 6.95 11.42 -2.42
CA CYS A 16 5.85 12.04 -1.70
C CYS A 16 6.07 11.92 -0.20
N PRO A 17 5.20 12.53 0.62
CA PRO A 17 5.33 12.50 2.09
C PRO A 17 5.40 11.07 2.62
N GLY A 18 4.75 10.15 1.93
CA GLY A 18 4.77 8.75 2.35
C GLY A 18 6.05 8.04 1.98
N CYS A 19 6.42 8.13 0.71
CA CYS A 19 7.62 7.48 0.18
C CYS A 19 8.89 7.98 0.86
N GLN A 20 8.87 9.20 1.37
CA GLN A 20 10.05 9.78 2.02
C GLN A 20 10.20 9.32 3.46
N VAL A 21 9.31 8.46 3.93
CA VAL A 21 9.40 7.97 5.31
C VAL A 21 9.92 6.54 5.38
N PRO A 22 11.24 6.38 5.61
CA PRO A 22 11.86 5.06 5.71
C PRO A 22 11.73 4.47 7.11
N GLU A 23 11.09 5.23 8.02
CA GLU A 23 10.91 4.79 9.40
C GLU A 23 9.45 4.93 9.82
N ASP A 24 9.17 4.53 11.06
CA ASP A 24 7.82 4.62 11.61
C ASP A 24 7.65 5.91 12.39
N CYS A 25 6.72 6.78 11.96
CA CYS A 25 6.51 8.04 12.65
C CYS A 25 6.37 7.80 14.15
N GLY A 26 5.64 6.76 14.52
CA GLY A 26 5.49 6.43 15.92
C GLY A 26 4.35 7.11 16.62
N VAL A 27 3.38 7.60 15.86
CA VAL A 27 2.26 8.30 16.46
C VAL A 27 0.92 7.96 15.80
N CYS A 28 0.96 7.24 14.69
CA CYS A 28 -0.28 6.84 14.02
C CYS A 28 -0.70 5.47 14.56
N THR A 29 -1.98 5.15 14.45
CA THR A 29 -2.49 3.88 14.98
C THR A 29 -1.59 2.69 14.58
N ASN A 30 -1.20 2.67 13.32
CA ASN A 30 -0.36 1.59 12.80
C ASN A 30 1.00 1.52 13.50
N CYS A 31 1.64 2.66 13.65
CA CYS A 31 2.95 2.72 14.30
C CYS A 31 2.81 2.47 15.78
N LEU A 32 1.85 3.15 16.38
CA LEU A 32 1.59 2.98 17.80
C LEU A 32 1.21 1.54 18.08
N ASP A 33 0.75 0.85 17.04
CA ASP A 33 0.39 -0.56 17.15
C ASP A 33 1.64 -1.41 17.36
N LYS A 34 2.82 -0.79 17.16
CA LYS A 34 4.10 -1.47 17.32
C LYS A 34 4.56 -1.40 18.78
N PRO A 35 5.26 -2.45 19.27
CA PRO A 35 5.77 -2.49 20.64
C PRO A 35 6.61 -1.27 20.97
N LYS A 36 7.52 -0.92 20.06
CA LYS A 36 8.38 0.23 20.26
C LYS A 36 7.57 1.51 20.48
N PHE A 37 6.33 1.50 20.01
CA PHE A 37 5.45 2.66 20.15
C PHE A 37 4.35 2.39 21.18
N GLY A 38 4.60 1.40 22.06
CA GLY A 38 3.62 1.06 23.08
C GLY A 38 2.63 0.00 22.63
N GLY A 39 2.64 -0.32 21.34
CA GLY A 39 1.73 -1.31 20.81
C GLY A 39 2.12 -2.73 21.18
N ARG A 40 1.66 -3.69 20.39
CA ARG A 40 1.94 -5.11 20.65
C ARG A 40 2.37 -5.85 19.38
N ASN A 41 2.57 -5.12 18.28
CA ASN A 41 2.97 -5.73 17.01
C ASN A 41 1.93 -6.76 16.55
N ILE A 42 0.73 -6.67 17.11
CA ILE A 42 -0.35 -7.58 16.77
C ILE A 42 -1.15 -7.08 15.58
N LYS A 43 -1.06 -5.77 15.33
CA LYS A 43 -1.75 -5.16 14.21
C LYS A 43 -0.76 -4.88 13.08
N LYS A 44 0.48 -4.57 13.47
CA LYS A 44 1.55 -4.26 12.52
C LYS A 44 1.01 -3.92 11.13
N GLN A 45 0.58 -2.67 10.95
CA GLN A 45 0.03 -2.23 9.68
C GLN A 45 0.96 -1.22 8.99
N CYS A 46 0.57 -0.80 7.79
CA CYS A 46 1.36 0.16 7.04
C CYS A 46 1.26 1.55 7.66
N CYS A 47 2.40 2.10 8.03
CA CYS A 47 2.45 3.43 8.64
C CYS A 47 1.66 4.45 7.81
N LYS A 48 0.77 5.16 8.47
CA LYS A 48 -0.06 6.18 7.82
C LYS A 48 0.79 7.25 7.17
N MET A 49 1.91 7.60 7.79
CA MET A 49 2.80 8.63 7.27
C MET A 49 3.71 8.06 6.18
N ARG A 50 3.77 6.74 6.08
CA ARG A 50 4.62 6.07 5.10
C ARG A 50 3.86 5.76 3.82
N LYS A 51 2.57 5.49 3.96
CA LYS A 51 1.73 5.15 2.81
C LYS A 51 1.83 6.21 1.72
N CYS A 52 2.19 5.77 0.51
CA CYS A 52 2.34 6.67 -0.63
C CYS A 52 1.03 7.37 -0.96
N GLN A 53 1.15 8.60 -1.44
CA GLN A 53 0.02 9.42 -1.80
C GLN A 53 -0.17 9.48 -3.32
N ASN A 54 0.93 9.35 -4.06
CA ASN A 54 0.87 9.40 -5.51
C ASN A 54 1.60 8.23 -6.15
N LEU A 55 0.86 7.42 -6.90
CA LEU A 55 1.42 6.26 -7.56
C LEU A 55 0.99 6.22 -9.02
N GLN A 56 1.74 5.49 -9.84
CA GLN A 56 1.41 5.37 -11.25
C GLN A 56 0.41 4.23 -11.44
N TRP A 57 -0.80 4.57 -11.84
CA TRP A 57 -1.85 3.57 -12.04
C TRP A 57 -2.29 3.51 -13.50
N MET A 58 -2.84 2.36 -13.89
CA MET A 58 -3.30 2.16 -15.26
C MET A 58 -4.43 1.13 -15.31
N PRO A 59 -5.40 1.31 -16.22
CA PRO A 59 -6.53 0.40 -16.35
C PRO A 59 -6.14 -0.91 -17.03
N SER A 60 -6.78 -2.00 -16.61
CA SER A 60 -6.50 -3.31 -17.17
C SER A 60 -7.43 -3.60 -18.35
N LYS A 61 -7.33 -4.82 -18.90
CA LYS A 61 -8.16 -5.22 -20.03
C LYS A 61 -8.87 -6.53 -19.75
N ALA A 62 -8.15 -7.47 -19.15
CA ALA A 62 -8.71 -8.77 -18.83
C ALA A 62 -9.22 -8.82 -17.39
N TYR A 63 -9.46 -7.64 -16.81
CA TYR A 63 -9.96 -7.53 -15.43
C TYR A 63 -9.28 -8.54 -14.49
N LEU A 64 -9.86 -9.73 -14.37
CA LEU A 64 -9.31 -10.76 -13.50
C LEU A 64 -7.89 -11.11 -13.89
N GLN A 65 -7.66 -11.29 -15.19
CA GLN A 65 -6.35 -11.63 -15.70
C GLN A 65 -5.53 -10.38 -15.97
N LYS A 66 -4.21 -10.49 -15.85
CA LYS A 66 -3.31 -9.36 -16.08
C LYS A 66 -2.47 -9.59 -17.33
N GLN A 67 -2.12 -10.84 -17.60
CA GLN A 67 -1.33 -11.18 -18.77
C GLN A 67 -1.47 -12.66 -19.11
N ALA A 68 -0.76 -13.50 -18.36
CA ALA A 68 -0.81 -14.94 -18.58
C ALA A 68 -0.03 -15.68 -17.50
N LYS A 69 -0.30 -16.97 -17.35
CA LYS A 69 0.37 -17.80 -16.36
C LYS A 69 1.88 -17.82 -16.61
N ALA A 70 2.61 -18.46 -15.71
CA ALA A 70 4.06 -18.56 -15.82
C ALA A 70 4.58 -19.79 -15.09
N VAL A 71 5.90 -19.94 -15.08
CA VAL A 71 6.53 -21.08 -14.42
C VAL A 71 7.81 -20.67 -13.70
N LYS A 72 8.03 -21.24 -12.52
CA LYS A 72 9.21 -20.93 -11.72
C LYS A 72 9.52 -22.04 -10.73
ZN ZN B . 3.21 5.99 11.36
ZN ZN C . 4.95 8.14 -3.23
N GLY A 1 11.80 -14.21 -9.43
CA GLY A 1 10.77 -13.67 -8.50
C GLY A 1 9.35 -14.02 -8.91
N GLY A 2 8.46 -14.09 -7.95
CA GLY A 2 7.07 -14.42 -8.24
C GLY A 2 6.10 -13.77 -7.29
N SER A 3 5.79 -12.49 -7.54
CA SER A 3 4.87 -11.75 -6.69
C SER A 3 3.78 -11.09 -7.53
N VAL A 4 3.39 -11.74 -8.61
CA VAL A 4 2.36 -11.22 -9.49
C VAL A 4 1.02 -11.09 -8.77
N LYS A 5 0.57 -9.86 -8.58
CA LYS A 5 -0.70 -9.60 -7.90
C LYS A 5 -1.85 -9.61 -8.89
N LYS A 6 -3.05 -9.96 -8.40
CA LYS A 6 -4.23 -10.01 -9.25
C LYS A 6 -5.12 -8.79 -8.98
N GLY A 7 -4.78 -7.67 -9.60
CA GLY A 7 -5.56 -6.46 -9.41
C GLY A 7 -5.00 -5.29 -10.23
N ARG A 8 -5.38 -4.08 -9.83
CA ARG A 8 -4.93 -2.88 -10.52
C ARG A 8 -3.43 -2.70 -10.37
N ARG A 9 -2.79 -2.13 -11.39
CA ARG A 9 -1.35 -1.88 -11.37
C ARG A 9 -1.05 -0.53 -10.75
N SER A 10 -0.21 -0.54 -9.72
CA SER A 10 0.15 0.70 -9.03
C SER A 10 1.63 0.72 -8.66
N ARG A 11 2.28 1.83 -8.94
CA ARG A 11 3.69 1.98 -8.61
C ARG A 11 3.95 3.32 -7.92
N ARG A 12 4.39 3.22 -6.67
CA ARG A 12 4.68 4.41 -5.87
C ARG A 12 5.69 5.32 -6.55
N CYS A 13 5.43 6.61 -6.48
CA CYS A 13 6.28 7.62 -7.09
C CYS A 13 7.72 7.55 -6.55
N GLY A 14 7.85 7.60 -5.23
CA GLY A 14 9.16 7.54 -4.63
C GLY A 14 9.71 8.92 -4.29
N GLN A 15 8.83 9.90 -4.14
CA GLN A 15 9.25 11.27 -3.83
C GLN A 15 8.15 12.05 -3.11
N CYS A 16 7.26 11.32 -2.44
CA CYS A 16 6.16 11.94 -1.69
C CYS A 16 6.38 11.77 -0.20
N PRO A 17 5.53 12.39 0.63
CA PRO A 17 5.63 12.31 2.09
C PRO A 17 5.66 10.87 2.59
N GLY A 18 5.00 9.99 1.87
CA GLY A 18 4.98 8.58 2.25
C GLY A 18 6.26 7.85 1.89
N CYS A 19 6.65 7.97 0.62
CA CYS A 19 7.84 7.32 0.11
C CYS A 19 9.11 7.80 0.80
N GLN A 20 9.07 9.01 1.37
CA GLN A 20 10.24 9.57 2.04
C GLN A 20 10.34 9.14 3.50
N VAL A 21 9.42 8.30 3.96
CA VAL A 21 9.45 7.85 5.36
C VAL A 21 9.94 6.41 5.47
N PRO A 22 11.25 6.23 5.76
CA PRO A 22 11.84 4.90 5.91
C PRO A 22 11.64 4.33 7.31
N GLU A 23 10.98 5.11 8.17
CA GLU A 23 10.73 4.68 9.54
C GLU A 23 9.26 4.89 9.93
N ASP A 24 8.95 4.59 11.19
CA ASP A 24 7.59 4.74 11.70
C ASP A 24 7.46 6.07 12.46
N CYS A 25 6.54 6.94 12.04
CA CYS A 25 6.36 8.22 12.72
C CYS A 25 6.21 8.00 14.21
N GLY A 26 5.41 7.01 14.60
CA GLY A 26 5.25 6.69 16.00
C GLY A 26 4.06 7.34 16.65
N VAL A 27 3.09 7.75 15.86
CA VAL A 27 1.93 8.42 16.44
C VAL A 27 0.62 8.10 15.71
N CYS A 28 0.69 7.32 14.64
CA CYS A 28 -0.52 6.94 13.92
C CYS A 28 -0.96 5.57 14.42
N THR A 29 -2.23 5.23 14.23
CA THR A 29 -2.75 3.94 14.72
C THR A 29 -1.82 2.78 14.37
N ASN A 30 -1.31 2.78 13.16
CA ASN A 30 -0.43 1.72 12.67
C ASN A 30 0.89 1.67 13.44
N CYS A 31 1.53 2.83 13.58
CA CYS A 31 2.81 2.91 14.28
C CYS A 31 2.59 2.66 15.75
N LEU A 32 1.60 3.32 16.31
CA LEU A 32 1.24 3.15 17.70
C LEU A 32 0.89 1.71 17.96
N ASP A 33 0.44 1.03 16.92
CA ASP A 33 0.09 -0.37 17.01
C ASP A 33 1.35 -1.21 17.25
N LYS A 34 2.52 -0.63 16.97
CA LYS A 34 3.80 -1.33 17.15
C LYS A 34 4.15 -1.46 18.63
N PRO A 35 5.07 -2.38 18.95
CA PRO A 35 5.53 -2.59 20.34
C PRO A 35 6.32 -1.41 20.89
N LYS A 36 7.11 -0.78 20.01
CA LYS A 36 7.93 0.35 20.40
C LYS A 36 7.11 1.63 20.56
N PHE A 37 5.85 1.59 20.14
CA PHE A 37 4.99 2.77 20.25
C PHE A 37 3.84 2.52 21.23
N GLY A 38 4.04 1.59 22.15
CA GLY A 38 3.02 1.29 23.14
C GLY A 38 2.14 0.11 22.75
N GLY A 39 2.16 -0.26 21.48
CA GLY A 39 1.36 -1.37 21.02
C GLY A 39 2.11 -2.69 21.02
N ARG A 40 1.95 -3.46 19.94
CA ARG A 40 2.63 -4.75 19.81
C ARG A 40 2.99 -5.01 18.36
N ASN A 41 3.63 -6.14 18.11
CA ASN A 41 4.01 -6.51 16.75
C ASN A 41 3.00 -7.49 16.15
N ILE A 42 1.79 -7.49 16.70
CA ILE A 42 0.73 -8.37 16.23
C ILE A 42 -0.05 -7.73 15.08
N LYS A 43 -0.38 -6.46 15.25
CA LYS A 43 -1.13 -5.73 14.23
C LYS A 43 -0.22 -5.23 13.14
N LYS A 44 0.92 -4.66 13.55
CA LYS A 44 1.91 -4.12 12.61
C LYS A 44 1.26 -3.70 11.29
N GLN A 45 0.79 -2.46 11.23
CA GLN A 45 0.13 -1.95 10.02
C GLN A 45 1.03 -0.98 9.25
N CYS A 46 0.63 -0.67 8.03
CA CYS A 46 1.38 0.26 7.20
C CYS A 46 1.26 1.68 7.73
N CYS A 47 2.38 2.24 8.18
CA CYS A 47 2.42 3.60 8.72
C CYS A 47 1.66 4.58 7.83
N LYS A 48 0.74 5.32 8.44
CA LYS A 48 -0.07 6.31 7.73
C LYS A 48 0.80 7.34 7.01
N MET A 49 1.89 7.75 7.66
CA MET A 49 2.79 8.73 7.07
C MET A 49 3.70 8.10 6.03
N ARG A 50 3.78 6.77 6.04
CA ARG A 50 4.63 6.05 5.08
C ARG A 50 3.88 5.72 3.81
N LYS A 51 2.58 5.48 3.94
CA LYS A 51 1.73 5.14 2.80
C LYS A 51 1.86 6.20 1.72
N CYS A 52 2.30 5.77 0.54
CA CYS A 52 2.48 6.67 -0.59
C CYS A 52 1.19 7.42 -0.92
N GLN A 53 1.36 8.65 -1.39
CA GLN A 53 0.25 9.52 -1.75
C GLN A 53 0.04 9.57 -3.25
N ASN A 54 1.13 9.41 -4.01
CA ASN A 54 1.06 9.47 -5.46
C ASN A 54 1.77 8.27 -6.09
N LEU A 55 1.01 7.47 -6.82
CA LEU A 55 1.55 6.29 -7.49
C LEU A 55 1.08 6.24 -8.93
N GLN A 56 1.82 5.53 -9.77
CA GLN A 56 1.46 5.40 -11.18
C GLN A 56 0.44 4.27 -11.34
N TRP A 57 -0.77 4.63 -11.74
CA TRP A 57 -1.84 3.66 -11.91
C TRP A 57 -2.29 3.54 -13.36
N MET A 58 -2.86 2.39 -13.69
CA MET A 58 -3.36 2.14 -15.03
C MET A 58 -4.72 1.45 -14.98
N PRO A 59 -5.67 1.84 -15.85
CA PRO A 59 -7.01 1.24 -15.87
C PRO A 59 -7.05 -0.05 -16.67
N SER A 60 -8.06 -0.88 -16.39
CA SER A 60 -8.23 -2.14 -17.08
C SER A 60 -6.99 -3.02 -16.94
N LYS A 61 -7.10 -4.27 -17.37
CA LYS A 61 -5.99 -5.21 -17.28
C LYS A 61 -5.15 -5.20 -18.56
N ALA A 62 -5.38 -4.20 -19.41
CA ALA A 62 -4.65 -4.09 -20.67
C ALA A 62 -5.00 -5.23 -21.61
N TYR A 63 -6.26 -5.65 -21.60
CA TYR A 63 -6.72 -6.73 -22.46
C TYR A 63 -7.73 -6.22 -23.49
N LEU A 64 -8.15 -7.11 -24.39
CA LEU A 64 -9.11 -6.77 -25.42
C LEU A 64 -10.35 -6.11 -24.83
N GLN A 65 -10.73 -6.53 -23.63
CA GLN A 65 -11.90 -5.98 -22.96
C GLN A 65 -11.50 -4.84 -22.02
N LYS A 66 -11.32 -3.65 -22.58
CA LYS A 66 -10.94 -2.48 -21.80
C LYS A 66 -12.17 -1.78 -21.24
N GLN A 67 -13.30 -1.90 -21.94
CA GLN A 67 -14.54 -1.27 -21.51
C GLN A 67 -14.93 -1.75 -20.11
N ALA A 68 -15.42 -0.82 -19.30
CA ALA A 68 -15.85 -1.14 -17.95
C ALA A 68 -17.11 -0.39 -17.56
N LYS A 69 -17.64 -0.67 -16.38
CA LYS A 69 -18.85 -0.02 -15.89
C LYS A 69 -18.57 0.74 -14.60
N ALA A 70 -17.61 1.66 -14.65
CA ALA A 70 -17.25 2.46 -13.48
C ALA A 70 -16.68 3.81 -13.89
N VAL A 71 -15.42 3.80 -14.31
CA VAL A 71 -14.75 5.02 -14.74
C VAL A 71 -15.44 5.64 -15.96
N LYS A 72 -16.49 6.41 -15.71
CA LYS A 72 -17.23 7.05 -16.79
C LYS A 72 -16.73 8.46 -17.03
ZN ZN B . 3.18 6.25 11.38
ZN ZN C . 5.14 8.04 -3.30
N GLY A 1 -15.96 -2.79 -4.77
CA GLY A 1 -15.26 -3.61 -3.74
C GLY A 1 -14.51 -4.78 -4.33
N GLY A 2 -15.02 -5.29 -5.46
CA GLY A 2 -14.38 -6.42 -6.11
C GLY A 2 -15.40 -7.42 -6.64
N SER A 3 -16.32 -6.94 -7.47
CA SER A 3 -17.35 -7.80 -8.06
C SER A 3 -16.89 -8.34 -9.41
N VAL A 4 -16.96 -7.49 -10.44
CA VAL A 4 -16.58 -7.89 -11.78
C VAL A 4 -15.09 -8.27 -11.83
N LYS A 5 -14.26 -7.44 -11.21
CA LYS A 5 -12.82 -7.69 -11.18
C LYS A 5 -12.08 -6.47 -10.63
N LYS A 6 -10.99 -6.71 -9.91
CA LYS A 6 -10.20 -5.64 -9.32
C LYS A 6 -8.73 -6.06 -9.19
N GLY A 7 -7.83 -5.08 -9.28
CA GLY A 7 -6.42 -5.36 -9.17
C GLY A 7 -5.60 -4.68 -10.24
N ARG A 8 -5.57 -3.34 -10.20
CA ARG A 8 -4.82 -2.57 -11.17
C ARG A 8 -3.34 -2.54 -10.83
N ARG A 9 -2.53 -2.03 -11.75
CA ARG A 9 -1.09 -1.93 -11.53
C ARG A 9 -0.76 -0.59 -10.89
N SER A 10 -0.18 -0.64 -9.70
CA SER A 10 0.17 0.58 -8.99
C SER A 10 1.65 0.62 -8.64
N ARG A 11 2.27 1.78 -8.88
CA ARG A 11 3.68 1.97 -8.58
C ARG A 11 3.92 3.29 -7.88
N ARG A 12 4.37 3.20 -6.64
CA ARG A 12 4.66 4.38 -5.83
C ARG A 12 5.65 5.31 -6.52
N CYS A 13 5.40 6.60 -6.41
CA CYS A 13 6.24 7.61 -7.01
C CYS A 13 7.65 7.58 -6.45
N GLY A 14 7.77 7.63 -5.13
CA GLY A 14 9.08 7.60 -4.50
C GLY A 14 9.61 8.99 -4.19
N GLN A 15 8.71 9.97 -4.09
CA GLN A 15 9.11 11.35 -3.81
C GLN A 15 7.99 12.12 -3.10
N CYS A 16 7.08 11.41 -2.46
CA CYS A 16 5.97 12.04 -1.74
C CYS A 16 6.21 11.94 -0.24
N PRO A 17 5.34 12.58 0.57
CA PRO A 17 5.47 12.58 2.02
C PRO A 17 5.54 11.16 2.59
N GLY A 18 4.89 10.22 1.91
CA GLY A 18 4.90 8.84 2.35
C GLY A 18 6.20 8.11 2.01
N CYS A 19 6.57 8.18 0.73
CA CYS A 19 7.76 7.53 0.23
C CYS A 19 9.04 8.04 0.89
N GLN A 20 9.00 9.27 1.40
CA GLN A 20 10.17 9.86 2.04
C GLN A 20 10.32 9.45 3.50
N VAL A 21 9.42 8.59 4.00
CA VAL A 21 9.50 8.16 5.39
C VAL A 21 10.05 6.75 5.52
N PRO A 22 11.37 6.62 5.78
CA PRO A 22 12.01 5.32 5.95
C PRO A 22 11.85 4.76 7.37
N GLU A 23 11.18 5.52 8.22
CA GLU A 23 10.96 5.11 9.61
C GLU A 23 9.49 5.21 9.99
N ASP A 24 9.19 4.83 11.24
CA ASP A 24 7.83 4.89 11.75
C ASP A 24 7.60 6.19 12.52
N CYS A 25 6.67 7.03 12.06
CA CYS A 25 6.39 8.29 12.74
C CYS A 25 6.25 8.06 14.23
N GLY A 26 5.58 6.97 14.60
CA GLY A 26 5.44 6.63 15.99
C GLY A 26 4.25 7.26 16.68
N VAL A 27 3.27 7.68 15.92
CA VAL A 27 2.12 8.33 16.51
C VAL A 27 0.80 8.00 15.80
N CYS A 28 0.88 7.30 14.66
CA CYS A 28 -0.34 6.90 13.96
C CYS A 28 -0.75 5.53 14.48
N THR A 29 -2.02 5.19 14.32
CA THR A 29 -2.53 3.91 14.82
C THR A 29 -1.61 2.74 14.46
N ASN A 30 -1.17 2.71 13.22
CA ASN A 30 -0.30 1.65 12.72
C ASN A 30 1.04 1.61 13.44
N CYS A 31 1.64 2.77 13.62
CA CYS A 31 2.92 2.86 14.29
C CYS A 31 2.76 2.58 15.77
N LEU A 32 1.77 3.21 16.36
CA LEU A 32 1.48 3.01 17.76
C LEU A 32 1.13 1.55 18.01
N ASP A 33 0.70 0.88 16.94
CA ASP A 33 0.38 -0.53 17.01
C ASP A 33 1.65 -1.37 17.18
N LYS A 34 2.81 -0.71 17.04
CA LYS A 34 4.10 -1.39 17.20
C LYS A 34 4.50 -1.42 18.67
N PRO A 35 5.19 -2.49 19.10
CA PRO A 35 5.63 -2.65 20.49
C PRO A 35 6.50 -1.49 20.93
N LYS A 36 7.30 -0.95 20.01
CA LYS A 36 8.17 0.17 20.31
C LYS A 36 7.37 1.44 20.57
N PHE A 37 6.15 1.48 20.05
CA PHE A 37 5.28 2.63 20.22
C PHE A 37 4.16 2.33 21.23
N GLY A 38 4.31 1.25 21.98
CA GLY A 38 3.31 0.88 22.97
C GLY A 38 2.33 -0.16 22.46
N GLY A 39 2.36 -0.42 21.15
CA GLY A 39 1.46 -1.40 20.58
C GLY A 39 1.79 -2.82 20.97
N ARG A 40 1.48 -3.77 20.08
CA ARG A 40 1.74 -5.19 20.36
C ARG A 40 2.21 -5.94 19.11
N ASN A 41 2.53 -5.22 18.04
CA ASN A 41 2.99 -5.86 16.80
C ASN A 41 2.01 -6.94 16.35
N ILE A 42 0.75 -6.79 16.75
CA ILE A 42 -0.28 -7.76 16.39
C ILE A 42 -0.88 -7.48 15.03
N LYS A 43 -1.12 -6.21 14.74
CA LYS A 43 -1.67 -5.82 13.44
C LYS A 43 -0.55 -5.34 12.52
N LYS A 44 0.44 -4.67 13.12
CA LYS A 44 1.58 -4.15 12.36
C LYS A 44 1.17 -3.75 10.94
N GLN A 45 0.59 -2.57 10.79
CA GLN A 45 0.15 -2.09 9.49
C GLN A 45 1.11 -1.07 8.92
N CYS A 46 0.90 -0.70 7.66
CA CYS A 46 1.74 0.28 7.00
C CYS A 46 1.57 1.66 7.62
N CYS A 47 2.67 2.26 8.05
CA CYS A 47 2.63 3.58 8.67
C CYS A 47 1.86 4.58 7.80
N LYS A 48 0.92 5.28 8.43
CA LYS A 48 0.11 6.27 7.75
C LYS A 48 0.96 7.34 7.07
N MET A 49 2.01 7.78 7.77
CA MET A 49 2.91 8.79 7.23
C MET A 49 3.87 8.21 6.20
N ARG A 50 3.96 6.89 6.16
CA ARG A 50 4.85 6.20 5.23
C ARG A 50 4.13 5.83 3.94
N LYS A 51 2.85 5.52 4.08
CA LYS A 51 2.03 5.13 2.93
C LYS A 51 2.10 6.18 1.83
N CYS A 52 2.40 5.73 0.61
CA CYS A 52 2.52 6.62 -0.53
C CYS A 52 1.21 7.33 -0.84
N GLN A 53 1.33 8.55 -1.33
CA GLN A 53 0.18 9.38 -1.66
C GLN A 53 -0.05 9.44 -3.17
N ASN A 54 1.03 9.30 -3.93
CA ASN A 54 0.94 9.36 -5.39
C ASN A 54 1.66 8.17 -6.04
N LEU A 55 0.90 7.37 -6.75
CA LEU A 55 1.44 6.20 -7.43
C LEU A 55 0.91 6.13 -8.87
N GLN A 56 1.63 5.42 -9.73
CA GLN A 56 1.21 5.27 -11.12
C GLN A 56 0.22 4.12 -11.25
N TRP A 57 -1.02 4.45 -11.59
CA TRP A 57 -2.05 3.43 -11.74
C TRP A 57 -2.53 3.32 -13.19
N MET A 58 -3.08 2.16 -13.53
CA MET A 58 -3.58 1.92 -14.88
C MET A 58 -4.69 0.88 -14.87
N PRO A 59 -5.74 1.09 -15.67
CA PRO A 59 -6.88 0.16 -15.75
C PRO A 59 -6.53 -1.12 -16.50
N SER A 60 -7.23 -2.20 -16.18
CA SER A 60 -7.00 -3.49 -16.82
C SER A 60 -8.31 -4.20 -17.11
N LYS A 61 -8.41 -4.79 -18.30
CA LYS A 61 -9.62 -5.51 -18.70
C LYS A 61 -9.37 -7.01 -18.80
N ALA A 62 -8.11 -7.38 -19.03
CA ALA A 62 -7.75 -8.79 -19.15
C ALA A 62 -7.28 -9.37 -17.81
N TYR A 63 -7.64 -8.70 -16.72
CA TYR A 63 -7.26 -9.13 -15.37
C TYR A 63 -5.82 -9.63 -15.31
N LEU A 64 -5.62 -10.92 -15.54
CA LEU A 64 -4.28 -11.51 -15.51
C LEU A 64 -3.67 -11.55 -16.91
N GLN A 65 -4.50 -11.88 -17.89
CA GLN A 65 -4.05 -11.96 -19.28
C GLN A 65 -5.23 -12.10 -20.23
N LYS A 66 -4.94 -12.21 -21.52
CA LYS A 66 -5.98 -12.34 -22.53
C LYS A 66 -6.10 -13.78 -23.01
N GLN A 67 -7.30 -14.16 -23.44
CA GLN A 67 -7.53 -15.51 -23.93
C GLN A 67 -8.52 -15.51 -25.09
N ALA A 68 -8.64 -16.65 -25.76
CA ALA A 68 -9.55 -16.77 -26.90
C ALA A 68 -10.77 -17.62 -26.53
N LYS A 69 -11.70 -17.01 -25.80
CA LYS A 69 -12.91 -17.70 -25.38
C LYS A 69 -14.16 -16.91 -25.77
N ALA A 70 -14.62 -17.13 -27.00
CA ALA A 70 -15.81 -16.44 -27.50
C ALA A 70 -17.09 -17.14 -27.06
N VAL A 71 -17.34 -18.30 -27.67
CA VAL A 71 -18.53 -19.08 -27.35
C VAL A 71 -19.80 -18.34 -27.76
N LYS A 72 -19.67 -17.36 -28.65
CA LYS A 72 -20.81 -16.59 -29.12
C LYS A 72 -20.51 -15.93 -30.46
ZN ZN B . 3.23 6.20 11.41
ZN ZN C . 5.09 8.08 -3.21
N GLY A 1 -10.47 -3.41 1.46
CA GLY A 1 -11.29 -4.60 1.14
C GLY A 1 -10.46 -5.83 0.84
N GLY A 2 -11.06 -7.00 1.01
CA GLY A 2 -10.35 -8.24 0.76
C GLY A 2 -9.96 -8.39 -0.70
N SER A 3 -8.69 -8.73 -0.95
CA SER A 3 -8.20 -8.90 -2.30
C SER A 3 -7.32 -10.15 -2.41
N VAL A 4 -7.60 -10.98 -3.41
CA VAL A 4 -6.84 -12.20 -3.61
C VAL A 4 -5.38 -11.89 -3.91
N LYS A 5 -5.14 -10.76 -4.56
CA LYS A 5 -3.78 -10.36 -4.89
C LYS A 5 -3.49 -8.95 -4.39
N LYS A 6 -3.95 -7.95 -5.15
CA LYS A 6 -3.74 -6.56 -4.77
C LYS A 6 -4.40 -5.63 -5.79
N GLY A 7 -5.57 -6.02 -6.28
CA GLY A 7 -6.29 -5.21 -7.24
C GLY A 7 -5.55 -5.10 -8.56
N ARG A 8 -5.24 -3.88 -8.98
CA ARG A 8 -4.53 -3.64 -10.22
C ARG A 8 -3.13 -3.10 -9.95
N ARG A 9 -2.34 -2.97 -11.01
CA ARG A 9 -0.97 -2.48 -10.88
C ARG A 9 -0.93 -1.08 -10.29
N SER A 10 -0.10 -0.91 -9.26
CA SER A 10 0.04 0.38 -8.58
C SER A 10 1.51 0.63 -8.22
N ARG A 11 2.00 1.81 -8.57
CA ARG A 11 3.39 2.16 -8.26
C ARG A 11 3.48 3.54 -7.64
N ARG A 12 3.93 3.57 -6.39
CA ARG A 12 4.08 4.82 -5.66
C ARG A 12 4.97 5.79 -6.43
N CYS A 13 4.62 7.07 -6.33
CA CYS A 13 5.35 8.14 -7.00
C CYS A 13 6.84 8.11 -6.65
N GLY A 14 7.14 8.00 -5.36
CA GLY A 14 8.52 7.96 -4.92
C GLY A 14 9.08 9.33 -4.58
N GLN A 15 8.20 10.28 -4.28
CA GLN A 15 8.63 11.63 -3.95
C GLN A 15 7.60 12.33 -3.07
N CYS A 16 6.81 11.55 -2.34
CA CYS A 16 5.79 12.12 -1.45
C CYS A 16 6.17 11.88 0.01
N PRO A 17 5.39 12.44 0.94
CA PRO A 17 5.64 12.30 2.38
C PRO A 17 5.71 10.84 2.81
N GLY A 18 4.94 9.98 2.11
CA GLY A 18 4.94 8.58 2.42
C GLY A 18 6.17 7.85 1.90
N CYS A 19 6.47 8.07 0.63
CA CYS A 19 7.60 7.44 -0.03
C CYS A 19 8.92 7.86 0.60
N GLN A 20 8.94 9.03 1.23
CA GLN A 20 10.17 9.54 1.84
C GLN A 20 10.34 9.07 3.29
N VAL A 21 9.41 8.25 3.78
CA VAL A 21 9.50 7.75 5.14
C VAL A 21 9.88 6.27 5.17
N PRO A 22 11.17 5.96 5.36
CA PRO A 22 11.65 4.58 5.42
C PRO A 22 11.49 3.98 6.81
N GLU A 23 10.98 4.77 7.75
CA GLU A 23 10.78 4.31 9.12
C GLU A 23 9.38 4.65 9.63
N ASP A 24 9.08 4.23 10.86
CA ASP A 24 7.79 4.48 11.48
C ASP A 24 7.85 5.76 12.30
N CYS A 25 6.99 6.74 12.01
CA CYS A 25 6.97 7.99 12.75
C CYS A 25 6.91 7.70 14.25
N GLY A 26 6.06 6.75 14.63
CA GLY A 26 5.97 6.37 16.03
C GLY A 26 4.90 7.09 16.81
N VAL A 27 3.92 7.65 16.13
CA VAL A 27 2.89 8.38 16.83
C VAL A 27 1.51 8.26 16.17
N CYS A 28 1.42 7.52 15.07
CA CYS A 28 0.13 7.31 14.43
C CYS A 28 -0.43 5.96 14.87
N THR A 29 -1.73 5.76 14.74
CA THR A 29 -2.35 4.50 15.17
C THR A 29 -1.57 3.27 14.70
N ASN A 30 -1.14 3.30 13.46
CA ASN A 30 -0.40 2.19 12.86
C ASN A 30 0.96 1.97 13.54
N CYS A 31 1.72 3.03 13.67
CA CYS A 31 3.04 2.96 14.29
C CYS A 31 2.90 2.62 15.75
N LEU A 32 2.01 3.35 16.41
CA LEU A 32 1.73 3.13 17.80
C LEU A 32 1.23 1.70 18.01
N ASP A 33 0.64 1.15 16.95
CA ASP A 33 0.16 -0.22 16.98
C ASP A 33 1.33 -1.19 17.11
N LYS A 34 2.54 -0.72 16.80
CA LYS A 34 3.74 -1.54 16.88
C LYS A 34 4.18 -1.78 18.32
N PRO A 35 4.97 -2.84 18.57
CA PRO A 35 5.45 -3.16 19.92
C PRO A 35 6.43 -2.11 20.44
N LYS A 36 7.24 -1.56 19.53
CA LYS A 36 8.22 -0.54 19.89
C LYS A 36 7.56 0.81 20.18
N PHE A 37 6.29 0.95 19.83
CA PHE A 37 5.58 2.19 20.07
C PHE A 37 4.49 2.02 21.12
N GLY A 38 4.63 0.98 21.95
CA GLY A 38 3.65 0.73 22.99
C GLY A 38 2.61 -0.31 22.61
N GLY A 39 2.51 -0.59 21.31
CA GLY A 39 1.54 -1.57 20.84
C GLY A 39 2.13 -2.96 20.73
N ARG A 40 1.95 -3.58 19.57
CA ARG A 40 2.46 -4.93 19.33
C ARG A 40 2.58 -5.20 17.82
N ASN A 41 2.90 -6.43 17.47
CA ASN A 41 3.04 -6.82 16.07
C ASN A 41 1.79 -7.57 15.61
N ILE A 42 0.66 -7.26 16.24
CA ILE A 42 -0.61 -7.91 15.93
C ILE A 42 -1.33 -7.19 14.80
N LYS A 43 -1.39 -5.86 14.89
CA LYS A 43 -2.05 -5.06 13.88
C LYS A 43 -1.07 -4.64 12.80
N LYS A 44 0.14 -4.26 13.23
CA LYS A 44 1.20 -3.81 12.30
C LYS A 44 0.62 -3.30 10.98
N GLN A 45 0.19 -2.04 10.98
CA GLN A 45 -0.41 -1.44 9.79
C GLN A 45 0.57 -0.51 9.08
N CYS A 46 0.17 -0.03 7.92
CA CYS A 46 1.00 0.88 7.13
C CYS A 46 1.01 2.26 7.76
N CYS A 47 2.20 2.70 8.17
CA CYS A 47 2.35 4.01 8.81
C CYS A 47 1.62 5.10 8.03
N LYS A 48 0.85 5.90 8.75
CA LYS A 48 0.09 6.99 8.17
C LYS A 48 0.99 7.95 7.39
N MET A 49 2.16 8.25 7.94
CA MET A 49 3.11 9.15 7.29
C MET A 49 3.88 8.45 6.17
N ARG A 50 3.82 7.13 6.14
CA ARG A 50 4.53 6.35 5.14
C ARG A 50 3.67 6.09 3.91
N LYS A 51 2.37 5.94 4.15
CA LYS A 51 1.43 5.67 3.07
C LYS A 51 1.56 6.71 1.95
N CYS A 52 1.87 6.24 0.76
CA CYS A 52 2.03 7.11 -0.41
C CYS A 52 0.73 7.84 -0.73
N GLN A 53 0.87 9.05 -1.23
CA GLN A 53 -0.26 9.89 -1.58
C GLN A 53 -0.56 9.83 -3.07
N ASN A 54 0.49 9.70 -3.88
CA ASN A 54 0.33 9.64 -5.33
C ASN A 54 1.11 8.49 -5.91
N LEU A 55 0.39 7.60 -6.57
CA LEU A 55 1.01 6.44 -7.19
C LEU A 55 0.57 6.34 -8.65
N GLN A 56 1.48 5.91 -9.51
CA GLN A 56 1.16 5.76 -10.93
C GLN A 56 0.57 4.38 -11.16
N TRP A 57 -0.71 4.36 -11.53
CA TRP A 57 -1.40 3.10 -11.76
C TRP A 57 -1.55 2.80 -13.24
N MET A 58 -1.41 1.52 -13.60
CA MET A 58 -1.52 1.10 -14.98
C MET A 58 -2.62 0.05 -15.14
N PRO A 59 -3.41 0.12 -16.24
CA PRO A 59 -4.49 -0.82 -16.49
C PRO A 59 -3.99 -2.16 -17.02
N SER A 60 -4.79 -3.21 -16.84
CA SER A 60 -4.42 -4.54 -17.30
C SER A 60 -5.61 -5.23 -17.96
N LYS A 61 -5.74 -5.04 -19.27
CA LYS A 61 -6.84 -5.64 -20.02
C LYS A 61 -6.37 -6.92 -20.73
N ALA A 62 -5.43 -7.62 -20.12
CA ALA A 62 -4.90 -8.86 -20.69
C ALA A 62 -5.82 -10.03 -20.38
N TYR A 63 -6.54 -9.94 -19.27
CA TYR A 63 -7.45 -11.01 -18.86
C TYR A 63 -8.89 -10.65 -19.22
N LEU A 64 -9.21 -9.36 -19.15
CA LEU A 64 -10.55 -8.88 -19.45
C LEU A 64 -10.82 -8.96 -20.95
N GLN A 65 -9.76 -8.79 -21.75
CA GLN A 65 -9.89 -8.85 -23.20
C GLN A 65 -8.74 -9.64 -23.82
N LYS A 66 -9.07 -10.77 -24.44
CA LYS A 66 -8.07 -11.62 -25.06
C LYS A 66 -7.03 -12.07 -24.04
N GLN A 67 -7.15 -13.33 -23.60
CA GLN A 67 -6.21 -13.88 -22.62
C GLN A 67 -4.93 -14.34 -23.30
N ALA A 68 -5.06 -15.00 -24.44
CA ALA A 68 -3.91 -15.49 -25.19
C ALA A 68 -4.36 -16.19 -26.47
N LYS A 69 -5.45 -16.95 -26.36
CA LYS A 69 -5.98 -17.68 -27.51
C LYS A 69 -7.39 -17.21 -27.86
N ALA A 70 -7.69 -17.18 -29.15
CA ALA A 70 -9.00 -16.75 -29.62
C ALA A 70 -9.88 -17.94 -29.96
N VAL A 71 -9.67 -19.04 -29.25
CA VAL A 71 -10.44 -20.26 -29.48
C VAL A 71 -10.45 -21.15 -28.25
N LYS A 72 -11.63 -21.60 -27.85
CA LYS A 72 -11.76 -22.47 -26.68
C LYS A 72 -12.78 -23.59 -26.94
ZN ZN B . 3.53 6.43 11.57
ZN ZN C . 4.62 8.38 -3.19
N GLY A 1 -19.28 -3.87 -5.44
CA GLY A 1 -18.08 -4.11 -4.59
C GLY A 1 -17.73 -2.90 -3.74
N GLY A 2 -16.61 -2.25 -4.07
CA GLY A 2 -16.18 -1.08 -3.32
C GLY A 2 -15.02 -0.37 -3.98
N SER A 3 -13.86 -0.42 -3.34
CA SER A 3 -12.67 0.23 -3.87
C SER A 3 -11.41 -0.48 -3.40
N VAL A 4 -11.34 -0.80 -2.12
CA VAL A 4 -10.20 -1.49 -1.55
C VAL A 4 -9.97 -2.83 -2.23
N LYS A 5 -11.04 -3.46 -2.67
CA LYS A 5 -10.96 -4.75 -3.34
C LYS A 5 -10.27 -4.62 -4.69
N LYS A 6 -10.09 -5.75 -5.37
CA LYS A 6 -9.45 -5.74 -6.69
C LYS A 6 -8.02 -5.20 -6.60
N GLY A 7 -7.06 -6.09 -6.43
CA GLY A 7 -5.67 -5.67 -6.31
C GLY A 7 -4.99 -5.58 -7.66
N ARG A 8 -4.86 -4.36 -8.19
CA ARG A 8 -4.22 -4.14 -9.47
C ARG A 8 -2.85 -3.50 -9.29
N ARG A 9 -2.11 -3.36 -10.39
CA ARG A 9 -0.77 -2.78 -10.35
C ARG A 9 -0.79 -1.34 -9.82
N SER A 10 0.02 -1.10 -8.79
CA SER A 10 0.12 0.22 -8.18
C SER A 10 1.57 0.53 -7.82
N ARG A 11 2.02 1.72 -8.21
CA ARG A 11 3.39 2.12 -7.91
C ARG A 11 3.46 3.54 -7.37
N ARG A 12 3.88 3.65 -6.12
CA ARG A 12 4.01 4.93 -5.46
C ARG A 12 4.88 5.88 -6.27
N CYS A 13 4.53 7.15 -6.24
CA CYS A 13 5.23 8.19 -6.97
C CYS A 13 6.73 8.17 -6.66
N GLY A 14 7.07 8.19 -5.38
CA GLY A 14 8.47 8.16 -4.97
C GLY A 14 9.03 9.53 -4.64
N GLN A 15 8.15 10.47 -4.30
CA GLN A 15 8.58 11.82 -3.95
C GLN A 15 7.56 12.53 -3.07
N CYS A 16 6.79 11.74 -2.31
CA CYS A 16 5.79 12.30 -1.40
C CYS A 16 6.18 12.04 0.05
N PRO A 17 5.42 12.62 1.00
CA PRO A 17 5.69 12.45 2.43
C PRO A 17 5.74 10.98 2.84
N GLY A 18 4.97 10.15 2.15
CA GLY A 18 4.94 8.74 2.46
C GLY A 18 6.14 7.99 1.91
N CYS A 19 6.45 8.23 0.64
CA CYS A 19 7.56 7.58 -0.03
C CYS A 19 8.90 7.95 0.59
N GLN A 20 8.97 9.14 1.21
CA GLN A 20 10.20 9.61 1.82
C GLN A 20 10.38 9.08 3.25
N VAL A 21 9.41 8.30 3.73
CA VAL A 21 9.49 7.75 5.08
C VAL A 21 9.78 6.25 5.06
N PRO A 22 11.06 5.87 5.21
CA PRO A 22 11.47 4.47 5.22
C PRO A 22 11.32 3.83 6.59
N GLU A 23 10.86 4.62 7.56
CA GLU A 23 10.68 4.13 8.92
C GLU A 23 9.30 4.51 9.47
N ASP A 24 9.02 4.08 10.70
CA ASP A 24 7.75 4.38 11.35
C ASP A 24 7.88 5.63 12.22
N CYS A 25 7.04 6.64 11.97
CA CYS A 25 7.10 7.87 12.75
C CYS A 25 7.08 7.54 14.23
N GLY A 26 6.23 6.59 14.62
CA GLY A 26 6.17 6.17 16.00
C GLY A 26 5.16 6.91 16.84
N VAL A 27 4.19 7.52 16.21
CA VAL A 27 3.21 8.28 16.96
C VAL A 27 1.80 8.23 16.36
N CYS A 28 1.67 7.61 15.19
CA CYS A 28 0.35 7.46 14.57
C CYS A 28 -0.24 6.13 14.99
N THR A 29 -1.55 5.99 14.92
CA THR A 29 -2.22 4.75 15.36
C THR A 29 -1.52 3.50 14.81
N ASN A 30 -1.15 3.56 13.53
CA ASN A 30 -0.50 2.43 12.86
C ASN A 30 0.87 2.12 13.47
N CYS A 31 1.66 3.15 13.68
CA CYS A 31 3.00 2.98 14.25
C CYS A 31 2.89 2.59 15.70
N LEU A 32 2.07 3.32 16.43
CA LEU A 32 1.84 3.05 17.82
C LEU A 32 1.28 1.65 18.00
N ASP A 33 0.66 1.16 16.93
CA ASP A 33 0.11 -0.19 16.93
C ASP A 33 1.24 -1.22 16.95
N LYS A 34 2.47 -0.77 16.64
CA LYS A 34 3.63 -1.65 16.63
C LYS A 34 4.12 -1.95 18.05
N PRO A 35 4.89 -3.04 18.23
CA PRO A 35 5.43 -3.42 19.54
C PRO A 35 6.46 -2.42 20.05
N LYS A 36 7.23 -1.85 19.13
CA LYS A 36 8.26 -0.88 19.48
C LYS A 36 7.66 0.46 19.88
N PHE A 37 6.37 0.65 19.59
CA PHE A 37 5.70 1.90 19.91
C PHE A 37 4.63 1.68 20.99
N GLY A 38 4.77 0.62 21.76
CA GLY A 38 3.81 0.33 22.82
C GLY A 38 2.74 -0.67 22.41
N GLY A 39 2.58 -0.86 21.10
CA GLY A 39 1.57 -1.79 20.63
C GLY A 39 2.12 -3.20 20.41
N ARG A 40 1.87 -3.76 19.24
CA ARG A 40 2.33 -5.10 18.91
C ARG A 40 2.43 -5.27 17.39
N ASN A 41 2.79 -6.47 16.95
CA ASN A 41 2.92 -6.75 15.53
C ASN A 41 1.66 -7.43 14.99
N ILE A 42 0.55 -7.28 15.72
CA ILE A 42 -0.71 -7.88 15.33
C ILE A 42 -1.49 -6.97 14.39
N LYS A 43 -1.55 -5.69 14.74
CA LYS A 43 -2.27 -4.71 13.93
C LYS A 43 -1.40 -4.23 12.78
N LYS A 44 -0.10 -4.08 13.05
CA LYS A 44 0.88 -3.62 12.05
C LYS A 44 0.20 -3.05 10.80
N GLN A 45 -0.04 -1.75 10.79
CA GLN A 45 -0.69 -1.10 9.65
C GLN A 45 0.28 -0.17 8.92
N CYS A 46 -0.17 0.36 7.79
CA CYS A 46 0.63 1.29 7.00
C CYS A 46 0.75 2.64 7.70
N CYS A 47 1.97 2.99 8.10
CA CYS A 47 2.22 4.25 8.78
C CYS A 47 1.53 5.41 8.07
N LYS A 48 0.80 6.22 8.83
CA LYS A 48 0.08 7.36 8.30
C LYS A 48 1.00 8.31 7.54
N MET A 49 2.22 8.49 8.03
CA MET A 49 3.18 9.37 7.37
C MET A 49 3.92 8.67 6.23
N ARG A 50 3.79 7.34 6.17
CA ARG A 50 4.46 6.54 5.14
C ARG A 50 3.56 6.33 3.94
N LYS A 51 2.26 6.24 4.19
CA LYS A 51 1.30 6.00 3.12
C LYS A 51 1.44 7.02 1.99
N CYS A 52 1.74 6.52 0.80
CA CYS A 52 1.92 7.37 -0.37
C CYS A 52 0.64 8.10 -0.72
N GLN A 53 0.79 9.31 -1.24
CA GLN A 53 -0.33 10.15 -1.63
C GLN A 53 -0.64 10.02 -3.11
N ASN A 54 0.40 9.86 -3.92
CA ASN A 54 0.23 9.72 -5.36
C ASN A 54 1.02 8.55 -5.89
N LEU A 55 0.31 7.61 -6.49
CA LEU A 55 0.94 6.44 -7.06
C LEU A 55 0.53 6.27 -8.51
N GLN A 56 1.47 5.83 -9.34
CA GLN A 56 1.19 5.61 -10.74
C GLN A 56 0.68 4.18 -10.94
N TRP A 57 -0.58 4.06 -11.31
CA TRP A 57 -1.20 2.75 -11.50
C TRP A 57 -1.27 2.37 -12.98
N MET A 58 -1.12 1.08 -13.26
CA MET A 58 -1.16 0.58 -14.62
C MET A 58 -2.26 -0.47 -14.77
N PRO A 59 -2.99 -0.45 -15.90
CA PRO A 59 -4.07 -1.41 -16.17
C PRO A 59 -3.54 -2.80 -16.54
N SER A 60 -4.37 -3.81 -16.33
CA SER A 60 -3.99 -5.19 -16.64
C SER A 60 -5.07 -5.87 -17.48
N LYS A 61 -4.81 -7.12 -17.87
CA LYS A 61 -5.76 -7.88 -18.67
C LYS A 61 -5.67 -9.37 -18.32
N ALA A 62 -5.45 -9.68 -17.05
CA ALA A 62 -5.36 -11.06 -16.60
C ALA A 62 -6.15 -11.28 -15.32
N TYR A 63 -5.64 -10.74 -14.22
CA TYR A 63 -6.28 -10.87 -12.91
C TYR A 63 -6.80 -12.30 -12.67
N LEU A 64 -8.05 -12.54 -13.05
CA LEU A 64 -8.65 -13.86 -12.87
C LEU A 64 -8.39 -14.75 -14.09
N GLN A 65 -8.97 -14.37 -15.21
CA GLN A 65 -8.81 -15.13 -16.45
C GLN A 65 -7.35 -15.12 -16.90
N LYS A 66 -6.89 -16.26 -17.41
CA LYS A 66 -5.52 -16.39 -17.88
C LYS A 66 -5.49 -16.91 -19.31
N GLN A 67 -6.50 -16.57 -20.09
CA GLN A 67 -6.59 -17.00 -21.48
C GLN A 67 -6.01 -15.94 -22.41
N ALA A 68 -5.37 -16.39 -23.49
CA ALA A 68 -4.78 -15.49 -24.46
C ALA A 68 -4.96 -16.01 -25.89
N LYS A 69 -5.50 -15.16 -26.76
CA LYS A 69 -5.73 -15.54 -28.15
C LYS A 69 -6.65 -16.76 -28.23
N ALA A 70 -6.98 -17.15 -29.47
CA ALA A 70 -7.84 -18.30 -29.69
C ALA A 70 -7.06 -19.60 -29.61
N VAL A 71 -7.77 -20.73 -29.69
CA VAL A 71 -7.14 -22.03 -29.63
C VAL A 71 -7.81 -23.01 -30.59
N LYS A 72 -8.34 -22.49 -31.69
CA LYS A 72 -9.00 -23.31 -32.69
C LYS A 72 -7.99 -23.91 -33.68
ZN ZN B . 3.54 6.49 11.60
ZN ZN C . 4.57 8.54 -3.18
N GLY A 1 -15.84 5.44 -12.57
CA GLY A 1 -16.77 6.10 -11.63
C GLY A 1 -16.44 5.80 -10.18
N GLY A 2 -15.16 5.56 -9.90
CA GLY A 2 -14.73 5.26 -8.55
C GLY A 2 -15.37 3.99 -8.02
N SER A 3 -15.71 3.08 -8.92
CA SER A 3 -16.33 1.81 -8.53
C SER A 3 -15.42 0.63 -8.84
N VAL A 4 -14.72 0.72 -9.97
CA VAL A 4 -13.81 -0.35 -10.39
C VAL A 4 -12.38 -0.06 -9.91
N LYS A 5 -12.26 0.28 -8.63
CA LYS A 5 -10.95 0.58 -8.05
C LYS A 5 -10.20 -0.70 -7.73
N LYS A 6 -8.89 -0.58 -7.54
CA LYS A 6 -8.04 -1.72 -7.24
C LYS A 6 -8.07 -2.74 -8.37
N GLY A 7 -6.98 -3.50 -8.51
CA GLY A 7 -6.89 -4.49 -9.56
C GLY A 7 -6.16 -3.99 -10.78
N ARG A 8 -5.47 -2.85 -10.65
CA ARG A 8 -4.72 -2.28 -11.76
C ARG A 8 -3.25 -2.13 -11.40
N ARG A 9 -2.44 -1.74 -12.38
CA ARG A 9 -1.01 -1.55 -12.15
C ARG A 9 -0.76 -0.29 -11.35
N SER A 10 0.03 -0.41 -10.29
CA SER A 10 0.34 0.72 -9.44
C SER A 10 1.80 0.72 -9.02
N ARG A 11 2.43 1.89 -9.11
CA ARG A 11 3.82 2.03 -8.73
C ARG A 11 4.07 3.36 -8.01
N ARG A 12 4.45 3.26 -6.74
CA ARG A 12 4.73 4.42 -5.92
C ARG A 12 5.68 5.38 -6.62
N CYS A 13 5.39 6.66 -6.51
CA CYS A 13 6.20 7.70 -7.13
C CYS A 13 7.63 7.66 -6.63
N GLY A 14 7.80 7.66 -5.31
CA GLY A 14 9.13 7.62 -4.72
C GLY A 14 9.64 9.01 -4.35
N GLN A 15 8.74 9.96 -4.16
CA GLN A 15 9.12 11.31 -3.80
C GLN A 15 8.00 12.05 -3.06
N CYS A 16 7.13 11.29 -2.41
CA CYS A 16 6.02 11.88 -1.66
C CYS A 16 6.24 11.70 -0.16
N PRO A 17 5.36 12.29 0.67
CA PRO A 17 5.47 12.19 2.13
C PRO A 17 5.54 10.74 2.60
N GLY A 18 4.90 9.85 1.86
CA GLY A 18 4.91 8.44 2.22
C GLY A 18 6.20 7.75 1.85
N CYS A 19 6.59 7.88 0.59
CA CYS A 19 7.79 7.26 0.07
C CYS A 19 9.05 7.77 0.77
N GLN A 20 8.98 8.96 1.36
CA GLN A 20 10.14 9.54 2.04
C GLN A 20 10.24 9.11 3.50
N VAL A 21 9.35 8.24 3.96
CA VAL A 21 9.39 7.78 5.35
C VAL A 21 9.94 6.36 5.46
N PRO A 22 11.26 6.23 5.74
CA PRO A 22 11.91 4.93 5.89
C PRO A 22 11.74 4.37 7.30
N GLU A 23 11.07 5.13 8.16
CA GLU A 23 10.85 4.72 9.54
C GLU A 23 9.38 4.87 9.93
N ASP A 24 9.06 4.52 11.17
CA ASP A 24 7.71 4.61 11.68
C ASP A 24 7.50 5.94 12.39
N CYS A 25 6.57 6.77 11.89
CA CYS A 25 6.31 8.07 12.51
C CYS A 25 6.14 7.90 14.02
N GLY A 26 5.38 6.88 14.40
CA GLY A 26 5.20 6.60 15.81
C GLY A 26 4.03 7.29 16.44
N VAL A 27 3.08 7.73 15.64
CA VAL A 27 1.94 8.44 16.18
C VAL A 27 0.62 8.06 15.51
N CYS A 28 0.68 7.25 14.44
CA CYS A 28 -0.54 6.81 13.78
C CYS A 28 -0.97 5.47 14.38
N THR A 29 -2.24 5.13 14.25
CA THR A 29 -2.76 3.88 14.83
C THR A 29 -1.84 2.69 14.54
N ASN A 30 -1.37 2.61 13.30
CA ASN A 30 -0.51 1.50 12.89
C ASN A 30 0.83 1.49 13.63
N CYS A 31 1.46 2.65 13.68
CA CYS A 31 2.75 2.77 14.37
C CYS A 31 2.57 2.60 15.86
N LEU A 32 1.59 3.30 16.39
CA LEU A 32 1.26 3.23 17.79
C LEU A 32 0.89 1.80 18.15
N ASP A 33 0.42 1.07 17.14
CA ASP A 33 0.05 -0.32 17.33
C ASP A 33 1.30 -1.17 17.58
N LYS A 34 2.48 -0.59 17.29
CA LYS A 34 3.75 -1.30 17.50
C LYS A 34 4.18 -1.27 18.96
N PRO A 35 5.06 -2.19 19.37
CA PRO A 35 5.56 -2.25 20.75
C PRO A 35 6.39 -1.03 21.11
N LYS A 36 7.20 -0.58 20.16
CA LYS A 36 8.06 0.58 20.37
C LYS A 36 7.25 1.87 20.50
N PHE A 37 5.96 1.81 20.15
CA PHE A 37 5.10 2.99 20.22
C PHE A 37 4.00 2.80 21.26
N GLY A 38 4.24 1.90 22.21
CA GLY A 38 3.25 1.65 23.26
C GLY A 38 2.34 0.47 22.95
N GLY A 39 2.30 0.07 21.69
CA GLY A 39 1.46 -1.05 21.30
C GLY A 39 2.18 -2.39 21.37
N ARG A 40 2.09 -3.17 20.30
CA ARG A 40 2.74 -4.47 20.24
C ARG A 40 2.99 -4.88 18.79
N ASN A 41 3.58 -6.05 18.60
CA ASN A 41 3.86 -6.56 17.26
C ASN A 41 2.78 -7.53 16.82
N ILE A 42 1.57 -7.32 17.33
CA ILE A 42 0.43 -8.18 17.01
C ILE A 42 -0.28 -7.71 15.75
N LYS A 43 -0.52 -6.41 15.67
CA LYS A 43 -1.19 -5.82 14.53
C LYS A 43 -0.20 -5.37 13.48
N LYS A 44 0.90 -4.75 13.94
CA LYS A 44 1.96 -4.26 13.05
C LYS A 44 1.43 -3.98 11.64
N GLN A 45 0.83 -2.80 11.45
CA GLN A 45 0.27 -2.45 10.15
C GLN A 45 1.16 -1.44 9.42
N CYS A 46 0.79 -1.14 8.18
CA CYS A 46 1.54 -0.19 7.36
C CYS A 46 1.39 1.22 7.91
N CYS A 47 2.50 1.88 8.15
CA CYS A 47 2.50 3.24 8.67
C CYS A 47 1.71 4.18 7.77
N LYS A 48 0.77 4.89 8.37
CA LYS A 48 -0.08 5.84 7.64
C LYS A 48 0.76 6.91 6.94
N MET A 49 1.84 7.34 7.60
CA MET A 49 2.71 8.36 7.04
C MET A 49 3.65 7.78 5.99
N ARG A 50 3.77 6.46 5.96
CA ARG A 50 4.66 5.79 5.02
C ARG A 50 3.93 5.47 3.71
N LYS A 51 2.64 5.17 3.83
CA LYS A 51 1.83 4.84 2.65
C LYS A 51 1.93 5.93 1.60
N CYS A 52 2.33 5.54 0.39
CA CYS A 52 2.48 6.49 -0.71
C CYS A 52 1.18 7.22 -1.01
N GLN A 53 1.31 8.45 -1.43
CA GLN A 53 0.17 9.31 -1.74
C GLN A 53 -0.04 9.41 -3.26
N ASN A 54 1.04 9.30 -4.02
CA ASN A 54 0.95 9.41 -5.47
C ASN A 54 1.69 8.26 -6.15
N LEU A 55 0.94 7.48 -6.91
CA LEU A 55 1.49 6.35 -7.64
C LEU A 55 1.03 6.36 -9.09
N GLN A 56 1.79 5.69 -9.95
CA GLN A 56 1.42 5.60 -11.36
C GLN A 56 0.40 4.49 -11.54
N TRP A 57 -0.82 4.86 -11.91
CA TRP A 57 -1.89 3.88 -12.08
C TRP A 57 -2.40 3.85 -13.52
N MET A 58 -2.98 2.70 -13.89
CA MET A 58 -3.53 2.52 -15.22
C MET A 58 -4.87 1.81 -15.16
N PRO A 59 -5.83 2.22 -16.02
CA PRO A 59 -7.16 1.61 -16.04
C PRO A 59 -7.15 0.20 -16.63
N SER A 60 -7.80 -0.72 -15.94
CA SER A 60 -7.87 -2.11 -16.38
C SER A 60 -9.26 -2.43 -16.93
N LYS A 61 -9.36 -2.50 -18.26
CA LYS A 61 -10.63 -2.81 -18.91
C LYS A 61 -10.73 -4.29 -19.22
N ALA A 62 -10.33 -5.13 -18.27
CA ALA A 62 -10.37 -6.57 -18.45
C ALA A 62 -11.63 -7.17 -17.82
N TYR A 63 -12.27 -6.41 -16.94
CA TYR A 63 -13.49 -6.88 -16.27
C TYR A 63 -14.73 -6.33 -16.97
N LEU A 64 -14.60 -5.13 -17.54
CA LEU A 64 -15.71 -4.49 -18.23
C LEU A 64 -15.75 -4.91 -19.70
N GLN A 65 -14.59 -5.16 -20.28
CA GLN A 65 -14.49 -5.56 -21.67
C GLN A 65 -14.31 -7.07 -21.80
N LYS A 66 -13.64 -7.66 -20.80
CA LYS A 66 -13.40 -9.10 -20.81
C LYS A 66 -12.57 -9.50 -22.02
N GLN A 67 -11.65 -8.63 -22.43
CA GLN A 67 -10.80 -8.90 -23.57
C GLN A 67 -9.62 -7.91 -23.61
N ALA A 68 -8.54 -8.33 -24.25
CA ALA A 68 -7.35 -7.49 -24.37
C ALA A 68 -7.22 -6.90 -25.76
N LYS A 69 -8.02 -5.89 -26.06
CA LYS A 69 -8.00 -5.23 -27.36
C LYS A 69 -8.23 -3.73 -27.23
N ALA A 70 -7.21 -2.95 -27.55
CA ALA A 70 -7.31 -1.50 -27.47
C ALA A 70 -6.53 -0.83 -28.60
N VAL A 71 -7.02 -0.99 -29.83
CA VAL A 71 -6.37 -0.41 -30.99
C VAL A 71 -6.77 1.05 -31.17
N LYS A 72 -8.00 1.38 -30.76
CA LYS A 72 -8.50 2.73 -30.88
C LYS A 72 -7.80 3.67 -29.90
ZN ZN B . 3.08 5.88 11.31
ZN ZN C . 5.09 8.01 -3.34
N GLY A 1 -2.37 -21.48 -2.50
CA GLY A 1 -2.44 -19.99 -2.60
C GLY A 1 -1.85 -19.30 -1.38
N GLY A 2 -1.50 -18.03 -1.55
CA GLY A 2 -0.93 -17.27 -0.44
C GLY A 2 -1.68 -15.98 -0.18
N SER A 3 -1.90 -15.20 -1.24
CA SER A 3 -2.61 -13.93 -1.13
C SER A 3 -3.44 -13.67 -2.37
N VAL A 4 -4.67 -13.19 -2.17
CA VAL A 4 -5.56 -12.88 -3.26
C VAL A 4 -6.09 -11.45 -3.18
N LYS A 5 -5.28 -10.50 -3.64
CA LYS A 5 -5.65 -9.10 -3.61
C LYS A 5 -6.26 -8.68 -4.95
N LYS A 6 -7.03 -7.59 -4.93
CA LYS A 6 -7.66 -7.08 -6.14
C LYS A 6 -7.23 -5.64 -6.41
N GLY A 7 -7.15 -5.29 -7.69
CA GLY A 7 -6.75 -3.95 -8.07
C GLY A 7 -5.92 -3.92 -9.33
N ARG A 8 -5.49 -2.73 -9.73
CA ARG A 8 -4.67 -2.56 -10.93
C ARG A 8 -3.21 -2.34 -10.57
N ARG A 9 -2.37 -2.32 -11.59
CA ARG A 9 -0.94 -2.11 -11.39
C ARG A 9 -0.70 -0.74 -10.75
N SER A 10 0.07 -0.74 -9.66
CA SER A 10 0.36 0.50 -8.95
C SER A 10 1.82 0.59 -8.54
N ARG A 11 2.44 1.73 -8.84
CA ARG A 11 3.84 1.94 -8.48
C ARG A 11 4.02 3.30 -7.83
N ARG A 12 4.42 3.27 -6.56
CA ARG A 12 4.65 4.48 -5.80
C ARG A 12 5.60 5.43 -6.53
N CYS A 13 5.29 6.70 -6.43
CA CYS A 13 6.09 7.74 -7.07
C CYS A 13 7.53 7.73 -6.58
N GLY A 14 7.70 7.75 -5.27
CA GLY A 14 9.04 7.73 -4.70
C GLY A 14 9.55 9.12 -4.36
N GLN A 15 8.65 10.08 -4.17
CA GLN A 15 9.04 11.45 -3.86
C GLN A 15 7.93 12.19 -3.12
N CYS A 16 7.05 11.44 -2.44
CA CYS A 16 5.95 12.04 -1.69
C CYS A 16 6.19 11.89 -0.20
N PRO A 17 5.33 12.48 0.64
CA PRO A 17 5.47 12.42 2.09
C PRO A 17 5.54 10.98 2.61
N GLY A 18 4.88 10.07 1.90
CA GLY A 18 4.89 8.67 2.29
C GLY A 18 6.17 7.96 1.91
N CYS A 19 6.55 8.09 0.64
CA CYS A 19 7.75 7.45 0.12
C CYS A 19 9.01 7.93 0.81
N GLN A 20 8.99 9.15 1.33
CA GLN A 20 10.16 9.71 2.00
C GLN A 20 10.27 9.27 3.46
N VAL A 21 9.36 8.41 3.91
CA VAL A 21 9.42 7.93 5.28
C VAL A 21 9.88 6.48 5.37
N PRO A 22 11.18 6.27 5.60
CA PRO A 22 11.76 4.93 5.72
C PRO A 22 11.61 4.36 7.13
N GLU A 23 11.02 5.14 8.03
CA GLU A 23 10.82 4.73 9.41
C GLU A 23 9.37 4.92 9.85
N ASP A 24 9.08 4.53 11.08
CA ASP A 24 7.74 4.67 11.64
C ASP A 24 7.61 5.98 12.40
N CYS A 25 6.71 6.86 11.97
CA CYS A 25 6.52 8.13 12.64
C CYS A 25 6.39 7.92 14.14
N GLY A 26 5.74 6.84 14.53
CA GLY A 26 5.61 6.51 15.93
C GLY A 26 4.49 7.21 16.64
N VAL A 27 3.51 7.70 15.92
CA VAL A 27 2.43 8.42 16.55
C VAL A 27 1.06 8.18 15.90
N CYS A 28 1.04 7.42 14.80
CA CYS A 28 -0.23 7.11 14.14
C CYS A 28 -0.73 5.77 14.66
N THR A 29 -2.02 5.50 14.54
CA THR A 29 -2.59 4.25 15.05
C THR A 29 -1.75 3.03 14.66
N ASN A 30 -1.30 2.99 13.41
CA ASN A 30 -0.51 1.88 12.91
C ASN A 30 0.83 1.75 13.62
N CYS A 31 1.55 2.86 13.71
CA CYS A 31 2.86 2.88 14.35
C CYS A 31 2.71 2.62 15.83
N LEU A 32 1.77 3.34 16.43
CA LEU A 32 1.48 3.18 17.84
C LEU A 32 1.03 1.76 18.11
N ASP A 33 0.50 1.12 17.07
CA ASP A 33 0.07 -0.26 17.17
C ASP A 33 1.27 -1.20 17.29
N LYS A 34 2.47 -0.66 17.02
CA LYS A 34 3.69 -1.46 17.11
C LYS A 34 4.17 -1.61 18.55
N PRO A 35 5.04 -2.59 18.82
CA PRO A 35 5.57 -2.82 20.17
C PRO A 35 6.48 -1.69 20.64
N LYS A 36 7.25 -1.14 19.70
CA LYS A 36 8.17 -0.06 20.02
C LYS A 36 7.43 1.25 20.29
N PHE A 37 6.15 1.30 19.95
CA PHE A 37 5.35 2.50 20.15
C PHE A 37 4.27 2.27 21.20
N GLY A 38 4.49 1.31 22.09
CA GLY A 38 3.53 1.02 23.14
C GLY A 38 2.54 -0.06 22.75
N GLY A 39 2.44 -0.34 21.45
CA GLY A 39 1.51 -1.35 20.98
C GLY A 39 2.13 -2.74 20.94
N ARG A 40 1.93 -3.44 19.83
CA ARG A 40 2.48 -4.79 19.66
C ARG A 40 2.70 -5.11 18.19
N ASN A 41 3.25 -6.28 17.91
CA ASN A 41 3.51 -6.69 16.53
C ASN A 41 2.40 -7.61 16.03
N ILE A 42 1.21 -7.44 16.60
CA ILE A 42 0.06 -8.26 16.23
C ILE A 42 -0.69 -7.66 15.05
N LYS A 43 -0.92 -6.35 15.11
CA LYS A 43 -1.62 -5.64 14.05
C LYS A 43 -0.65 -5.17 12.99
N LYS A 44 0.49 -4.62 13.43
CA LYS A 44 1.53 -4.12 12.51
C LYS A 44 0.92 -3.66 11.19
N GLN A 45 0.43 -2.42 11.15
CA GLN A 45 -0.19 -1.89 9.94
C GLN A 45 0.74 -0.93 9.21
N CYS A 46 0.32 -0.49 8.03
CA CYS A 46 1.10 0.44 7.23
C CYS A 46 1.06 1.83 7.84
N CYS A 47 2.23 2.38 8.14
CA CYS A 47 2.33 3.71 8.73
C CYS A 47 1.57 4.75 7.89
N LYS A 48 0.71 5.51 8.57
CA LYS A 48 -0.08 6.54 7.91
C LYS A 48 0.79 7.56 7.18
N MET A 49 1.93 7.91 7.78
CA MET A 49 2.84 8.87 7.19
C MET A 49 3.71 8.24 6.11
N ARG A 50 3.73 6.91 6.07
CA ARG A 50 4.53 6.17 5.10
C ARG A 50 3.73 5.86 3.84
N LYS A 51 2.44 5.66 4.02
CA LYS A 51 1.56 5.33 2.91
C LYS A 51 1.67 6.37 1.80
N CYS A 52 2.13 5.92 0.63
CA CYS A 52 2.30 6.79 -0.52
C CYS A 52 1.01 7.53 -0.87
N GLN A 53 1.16 8.75 -1.36
CA GLN A 53 0.04 9.58 -1.75
C GLN A 53 -0.18 9.59 -3.26
N ASN A 54 0.91 9.45 -4.00
CA ASN A 54 0.85 9.46 -5.46
C ASN A 54 1.61 8.28 -6.06
N LEU A 55 0.88 7.45 -6.78
CA LEU A 55 1.47 6.28 -7.42
C LEU A 55 1.03 6.19 -8.87
N GLN A 56 1.82 5.50 -9.69
CA GLN A 56 1.48 5.33 -11.10
C GLN A 56 0.52 4.15 -11.26
N TRP A 57 -0.71 4.43 -11.68
CA TRP A 57 -1.71 3.38 -11.85
C TRP A 57 -2.13 3.25 -13.30
N MET A 58 -2.64 2.07 -13.65
CA MET A 58 -3.08 1.79 -15.01
C MET A 58 -4.24 0.80 -15.01
N PRO A 59 -5.24 1.01 -15.88
CA PRO A 59 -6.41 0.11 -15.97
C PRO A 59 -6.02 -1.31 -16.34
N SER A 60 -6.82 -2.27 -15.90
CA SER A 60 -6.56 -3.68 -16.18
C SER A 60 -7.53 -4.23 -17.23
N LYS A 61 -7.15 -5.33 -17.86
CA LYS A 61 -7.99 -5.96 -18.87
C LYS A 61 -8.18 -7.43 -18.58
N ALA A 62 -8.14 -7.80 -17.31
CA ALA A 62 -8.31 -9.18 -16.89
C ALA A 62 -9.78 -9.61 -16.97
N TYR A 63 -10.68 -8.64 -17.07
CA TYR A 63 -12.10 -8.92 -17.14
C TYR A 63 -12.53 -9.14 -18.59
N LEU A 64 -11.85 -8.44 -19.51
CA LEU A 64 -12.15 -8.55 -20.93
C LEU A 64 -11.31 -9.65 -21.58
N GLN A 65 -10.11 -9.86 -21.05
CA GLN A 65 -9.22 -10.89 -21.58
C GLN A 65 -9.68 -12.28 -21.16
N LYS A 66 -10.63 -12.82 -21.91
CA LYS A 66 -11.16 -14.16 -21.61
C LYS A 66 -10.20 -15.24 -22.10
N GLN A 67 -10.30 -16.42 -21.50
CA GLN A 67 -9.45 -17.55 -21.87
C GLN A 67 -9.92 -18.18 -23.18
N ALA A 68 -8.97 -18.58 -24.01
CA ALA A 68 -9.29 -19.20 -25.29
C ALA A 68 -8.79 -20.65 -25.34
N LYS A 69 -7.63 -20.89 -24.75
CA LYS A 69 -7.04 -22.23 -24.72
C LYS A 69 -7.59 -23.04 -23.56
N ALA A 70 -7.25 -24.33 -23.53
CA ALA A 70 -7.71 -25.21 -22.47
C ALA A 70 -6.84 -25.08 -21.22
N VAL A 71 -7.48 -24.81 -20.09
CA VAL A 71 -6.76 -24.66 -18.83
C VAL A 71 -6.86 -25.91 -17.99
N LYS A 72 -7.98 -26.63 -18.12
CA LYS A 72 -8.20 -27.85 -17.37
C LYS A 72 -8.75 -28.95 -18.27
ZN ZN B . 3.22 6.22 11.46
ZN ZN C . 4.96 8.11 -3.29
N GLY A 1 -9.98 -14.72 6.09
CA GLY A 1 -10.00 -13.23 5.97
C GLY A 1 -9.90 -12.76 4.52
N GLY A 2 -8.67 -12.72 4.01
CA GLY A 2 -8.46 -12.27 2.64
C GLY A 2 -7.03 -11.84 2.39
N SER A 3 -6.65 -11.79 1.12
CA SER A 3 -5.30 -11.38 0.75
C SER A 3 -5.28 -9.92 0.30
N VAL A 4 -4.99 -9.02 1.24
CA VAL A 4 -4.94 -7.60 0.95
C VAL A 4 -3.85 -7.28 -0.06
N LYS A 5 -4.25 -7.09 -1.31
CA LYS A 5 -3.30 -6.77 -2.38
C LYS A 5 -3.85 -5.68 -3.29
N LYS A 6 -3.12 -5.39 -4.36
CA LYS A 6 -3.53 -4.37 -5.32
C LYS A 6 -4.32 -4.98 -6.47
N GLY A 7 -5.44 -4.36 -6.81
CA GLY A 7 -6.26 -4.86 -7.90
C GLY A 7 -5.63 -4.63 -9.26
N ARG A 8 -5.44 -3.37 -9.62
CA ARG A 8 -4.85 -3.00 -10.90
C ARG A 8 -3.41 -2.52 -10.70
N ARG A 9 -2.72 -2.28 -11.81
CA ARG A 9 -1.33 -1.83 -11.75
C ARG A 9 -1.18 -0.50 -11.02
N SER A 10 -0.34 -0.50 -10.00
CA SER A 10 -0.08 0.70 -9.20
C SER A 10 1.40 0.80 -8.85
N ARG A 11 1.98 1.97 -9.04
CA ARG A 11 3.39 2.18 -8.73
C ARG A 11 3.62 3.51 -8.02
N ARG A 12 4.08 3.41 -6.78
CA ARG A 12 4.35 4.60 -5.98
C ARG A 12 5.34 5.53 -6.67
N CYS A 13 5.09 6.82 -6.53
CA CYS A 13 5.92 7.84 -7.15
C CYS A 13 7.37 7.75 -6.66
N GLY A 14 7.54 7.72 -5.34
CA GLY A 14 8.88 7.63 -4.78
C GLY A 14 9.44 9.00 -4.39
N GLN A 15 8.56 9.98 -4.18
CA GLN A 15 8.99 11.33 -3.82
C GLN A 15 7.91 12.06 -3.04
N CYS A 16 7.03 11.31 -2.39
CA CYS A 16 5.96 11.91 -1.59
C CYS A 16 6.23 11.69 -0.10
N PRO A 17 5.39 12.27 0.77
CA PRO A 17 5.54 12.14 2.22
C PRO A 17 5.58 10.68 2.67
N GLY A 18 4.89 9.82 1.93
CA GLY A 18 4.87 8.41 2.26
C GLY A 18 6.13 7.68 1.83
N CYS A 19 6.50 7.87 0.56
CA CYS A 19 7.67 7.24 -0.01
C CYS A 19 8.96 7.68 0.67
N GLN A 20 8.93 8.86 1.29
CA GLN A 20 10.12 9.39 1.96
C GLN A 20 10.23 8.93 3.42
N VAL A 21 9.30 8.10 3.87
CA VAL A 21 9.34 7.62 5.25
C VAL A 21 9.80 6.17 5.34
N PRO A 22 11.10 5.95 5.58
CA PRO A 22 11.67 4.61 5.70
C PRO A 22 11.51 4.04 7.11
N GLU A 23 10.91 4.82 8.00
CA GLU A 23 10.70 4.39 9.37
C GLU A 23 9.27 4.64 9.81
N ASP A 24 8.98 4.36 11.09
CA ASP A 24 7.65 4.54 11.64
C ASP A 24 7.58 5.88 12.39
N CYS A 25 6.68 6.77 11.97
CA CYS A 25 6.54 8.06 12.63
C CYS A 25 6.46 7.88 14.14
N GLY A 26 5.68 6.88 14.56
CA GLY A 26 5.58 6.60 15.97
C GLY A 26 4.44 7.29 16.67
N VAL A 27 3.45 7.73 15.93
CA VAL A 27 2.34 8.44 16.54
C VAL A 27 0.99 8.16 15.87
N CYS A 28 0.99 7.41 14.77
CA CYS A 28 -0.26 7.06 14.11
C CYS A 28 -0.74 5.72 14.64
N THR A 29 -2.03 5.43 14.51
CA THR A 29 -2.58 4.17 15.02
C THR A 29 -1.71 2.96 14.65
N ASN A 30 -1.25 2.94 13.41
CA ASN A 30 -0.43 1.83 12.92
C ASN A 30 0.92 1.74 13.63
N CYS A 31 1.60 2.87 13.73
CA CYS A 31 2.91 2.91 14.38
C CYS A 31 2.74 2.67 15.87
N LEU A 32 1.79 3.37 16.45
CA LEU A 32 1.49 3.23 17.85
C LEU A 32 1.09 1.80 18.15
N ASP A 33 0.58 1.13 17.12
CA ASP A 33 0.18 -0.26 17.24
C ASP A 33 1.41 -1.14 17.43
N LYS A 34 2.59 -0.60 17.12
CA LYS A 34 3.85 -1.36 17.26
C LYS A 34 4.25 -1.49 18.72
N PRO A 35 5.15 -2.44 19.03
CA PRO A 35 5.64 -2.67 20.39
C PRO A 35 6.49 -1.51 20.91
N LYS A 36 7.27 -0.92 20.00
CA LYS A 36 8.15 0.19 20.36
C LYS A 36 7.38 1.50 20.55
N PHE A 37 6.11 1.51 20.15
CA PHE A 37 5.29 2.71 20.29
C PHE A 37 4.18 2.50 21.31
N GLY A 38 4.37 1.56 22.22
CA GLY A 38 3.37 1.29 23.25
C GLY A 38 2.44 0.14 22.89
N GLY A 39 2.40 -0.22 21.62
CA GLY A 39 1.54 -1.30 21.18
C GLY A 39 2.25 -2.65 21.16
N ARG A 40 2.10 -3.37 20.06
CA ARG A 40 2.73 -4.68 19.90
C ARG A 40 2.97 -4.98 18.42
N ASN A 41 3.54 -6.14 18.14
CA ASN A 41 3.82 -6.53 16.76
C ASN A 41 2.71 -7.43 16.22
N ILE A 42 1.54 -7.37 16.85
CA ILE A 42 0.40 -8.18 16.44
C ILE A 42 -0.42 -7.48 15.35
N LYS A 43 -0.68 -6.19 15.56
CA LYS A 43 -1.45 -5.41 14.61
C LYS A 43 -0.56 -4.94 13.46
N LYS A 44 0.68 -4.58 13.78
CA LYS A 44 1.65 -4.10 12.78
C LYS A 44 0.98 -3.73 11.45
N GLN A 45 0.60 -2.45 11.32
CA GLN A 45 -0.05 -1.99 10.10
C GLN A 45 0.84 -1.04 9.32
N CYS A 46 0.36 -0.63 8.14
CA CYS A 46 1.10 0.27 7.28
C CYS A 46 1.04 1.69 7.84
N CYS A 47 2.20 2.22 8.23
CA CYS A 47 2.30 3.56 8.79
C CYS A 47 1.54 4.57 7.94
N LYS A 48 0.70 5.37 8.58
CA LYS A 48 -0.09 6.39 7.90
C LYS A 48 0.80 7.37 7.15
N MET A 49 1.93 7.73 7.75
CA MET A 49 2.86 8.66 7.14
C MET A 49 3.68 7.99 6.05
N ARG A 50 3.69 6.66 6.02
CA ARG A 50 4.45 5.91 5.04
C ARG A 50 3.64 5.64 3.78
N LYS A 51 2.35 5.43 3.95
CA LYS A 51 1.47 5.13 2.83
C LYS A 51 1.60 6.20 1.75
N CYS A 52 2.01 5.78 0.56
CA CYS A 52 2.20 6.70 -0.56
C CYS A 52 0.92 7.47 -0.87
N GLN A 53 1.09 8.70 -1.32
CA GLN A 53 -0.02 9.57 -1.65
C GLN A 53 -0.22 9.66 -3.16
N ASN A 54 0.85 9.52 -3.92
CA ASN A 54 0.78 9.60 -5.37
C ASN A 54 1.49 8.42 -6.04
N LEU A 55 0.73 7.64 -6.78
CA LEU A 55 1.27 6.49 -7.48
C LEU A 55 0.79 6.46 -8.92
N GLN A 56 1.62 5.90 -9.80
CA GLN A 56 1.26 5.80 -11.21
C GLN A 56 0.45 4.53 -11.44
N TRP A 57 -0.82 4.71 -11.81
CA TRP A 57 -1.71 3.56 -12.03
C TRP A 57 -1.99 3.38 -13.52
N MET A 58 -1.81 2.16 -14.00
CA MET A 58 -2.05 1.84 -15.40
C MET A 58 -3.39 1.13 -15.58
N PRO A 59 -4.15 1.48 -16.63
CA PRO A 59 -5.45 0.88 -16.91
C PRO A 59 -5.35 -0.39 -17.75
N SER A 60 -6.37 -1.23 -17.66
CA SER A 60 -6.41 -2.48 -18.42
C SER A 60 -5.19 -3.35 -18.12
N LYS A 61 -5.28 -4.61 -18.53
CA LYS A 61 -4.19 -5.57 -18.32
C LYS A 61 -3.79 -6.23 -19.63
N ALA A 62 -3.19 -5.47 -20.54
CA ALA A 62 -2.78 -5.99 -21.83
C ALA A 62 -1.38 -5.51 -22.21
N TYR A 63 -1.28 -4.25 -22.62
CA TYR A 63 -0.02 -3.65 -23.02
C TYR A 63 0.80 -4.59 -23.91
N LEU A 64 1.64 -5.42 -23.28
CA LEU A 64 2.46 -6.36 -24.02
C LEU A 64 1.60 -7.30 -24.88
N GLN A 65 0.40 -7.58 -24.41
CA GLN A 65 -0.52 -8.45 -25.13
C GLN A 65 -1.71 -7.66 -25.67
N LYS A 66 -1.48 -6.95 -26.77
CA LYS A 66 -2.54 -6.14 -27.40
C LYS A 66 -3.44 -7.01 -28.26
N GLN A 67 -4.61 -6.47 -28.61
CA GLN A 67 -5.57 -7.20 -29.43
C GLN A 67 -6.03 -6.34 -30.60
N ALA A 68 -6.32 -7.00 -31.72
CA ALA A 68 -6.78 -6.30 -32.92
C ALA A 68 -8.20 -5.76 -32.73
N LYS A 69 -8.30 -4.58 -32.13
CA LYS A 69 -9.61 -3.97 -31.89
C LYS A 69 -9.81 -2.76 -32.80
N ALA A 70 -9.25 -2.84 -34.01
CA ALA A 70 -9.36 -1.75 -34.97
C ALA A 70 -9.10 -2.26 -36.39
N VAL A 71 -9.42 -3.52 -36.64
CA VAL A 71 -9.22 -4.12 -37.95
C VAL A 71 -10.36 -5.05 -38.31
N LYS A 72 -10.73 -5.90 -37.37
CA LYS A 72 -11.82 -6.87 -37.57
C LYS A 72 -12.91 -6.69 -36.53
ZN ZN B . 3.25 6.15 11.44
ZN ZN C . 4.83 8.06 -3.32
N GLY A 1 -9.65 -1.25 1.80
CA GLY A 1 -8.25 -0.74 1.61
C GLY A 1 -8.00 -0.26 0.19
N GLY A 2 -6.77 -0.43 -0.27
CA GLY A 2 -6.43 0.00 -1.62
C GLY A 2 -6.10 -1.16 -2.53
N SER A 3 -6.69 -2.32 -2.24
CA SER A 3 -6.45 -3.52 -3.05
C SER A 3 -7.30 -4.68 -2.54
N VAL A 4 -7.92 -5.40 -3.48
CA VAL A 4 -8.76 -6.54 -3.13
C VAL A 4 -8.24 -7.82 -3.78
N LYS A 5 -7.01 -8.19 -3.45
CA LYS A 5 -6.39 -9.39 -4.01
C LYS A 5 -6.30 -9.30 -5.53
N LYS A 6 -5.11 -8.97 -6.02
CA LYS A 6 -4.88 -8.85 -7.45
C LYS A 6 -5.74 -7.75 -8.05
N GLY A 7 -5.08 -6.76 -8.66
CA GLY A 7 -5.81 -5.64 -9.26
C GLY A 7 -5.00 -4.96 -10.34
N ARG A 8 -5.04 -3.63 -10.36
CA ARG A 8 -4.32 -2.85 -11.35
C ARG A 8 -2.84 -2.75 -10.99
N ARG A 9 -2.05 -2.18 -11.90
CA ARG A 9 -0.63 -2.00 -11.66
C ARG A 9 -0.37 -0.67 -10.99
N SER A 10 0.18 -0.72 -9.78
CA SER A 10 0.47 0.50 -9.05
C SER A 10 1.92 0.58 -8.61
N ARG A 11 2.51 1.75 -8.78
CA ARG A 11 3.90 1.98 -8.39
C ARG A 11 4.07 3.33 -7.72
N ARG A 12 4.44 3.30 -6.45
CA ARG A 12 4.66 4.51 -5.68
C ARG A 12 5.62 5.46 -6.38
N CYS A 13 5.28 6.75 -6.36
CA CYS A 13 6.08 7.78 -7.00
C CYS A 13 7.52 7.77 -6.49
N GLY A 14 7.68 7.83 -5.18
CA GLY A 14 9.01 7.84 -4.59
C GLY A 14 9.49 9.23 -4.25
N GLN A 15 8.55 10.17 -4.09
CA GLN A 15 8.92 11.55 -3.77
C GLN A 15 7.80 12.26 -3.00
N CYS A 16 6.94 11.48 -2.35
CA CYS A 16 5.84 12.05 -1.56
C CYS A 16 6.12 11.87 -0.07
N PRO A 17 5.25 12.44 0.78
CA PRO A 17 5.42 12.35 2.24
C PRO A 17 5.51 10.90 2.72
N GLY A 18 4.85 10.00 2.01
CA GLY A 18 4.89 8.60 2.37
C GLY A 18 6.18 7.91 1.95
N CYS A 19 6.54 8.08 0.69
CA CYS A 19 7.74 7.48 0.13
C CYS A 19 9.01 7.98 0.80
N GLN A 20 8.95 9.18 1.38
CA GLN A 20 10.12 9.76 2.03
C GLN A 20 10.27 9.31 3.48
N VAL A 21 9.37 8.44 3.94
CA VAL A 21 9.44 7.94 5.31
C VAL A 21 9.90 6.49 5.36
N PRO A 22 11.20 6.27 5.59
CA PRO A 22 11.76 4.92 5.68
C PRO A 22 11.61 4.32 7.08
N GLU A 23 11.02 5.09 7.99
CA GLU A 23 10.82 4.63 9.36
C GLU A 23 9.38 4.86 9.82
N ASP A 24 9.09 4.45 11.04
CA ASP A 24 7.76 4.61 11.62
C ASP A 24 7.67 5.92 12.38
N CYS A 25 6.77 6.82 11.98
CA CYS A 25 6.62 8.10 12.66
C CYS A 25 6.52 7.88 14.16
N GLY A 26 5.78 6.84 14.55
CA GLY A 26 5.68 6.51 15.96
C GLY A 26 4.55 7.20 16.69
N VAL A 27 3.56 7.68 15.96
CA VAL A 27 2.48 8.39 16.61
C VAL A 27 1.11 8.15 15.95
N CYS A 28 1.09 7.44 14.82
CA CYS A 28 -0.17 7.13 14.16
C CYS A 28 -0.67 5.79 14.68
N THR A 29 -1.97 5.53 14.57
CA THR A 29 -2.54 4.27 15.07
C THR A 29 -1.71 3.06 14.64
N ASN A 30 -1.26 3.07 13.40
CA ASN A 30 -0.47 1.97 12.86
C ASN A 30 0.88 1.81 13.55
N CYS A 31 1.59 2.92 13.68
CA CYS A 31 2.90 2.91 14.31
C CYS A 31 2.75 2.63 15.79
N LEU A 32 1.83 3.34 16.42
CA LEU A 32 1.55 3.16 17.82
C LEU A 32 1.12 1.73 18.07
N ASP A 33 0.56 1.11 17.04
CA ASP A 33 0.13 -0.28 17.13
C ASP A 33 1.35 -1.19 17.28
N LYS A 34 2.55 -0.67 16.99
CA LYS A 34 3.79 -1.43 17.10
C LYS A 34 4.22 -1.60 18.55
N PRO A 35 5.05 -2.61 18.84
CA PRO A 35 5.55 -2.87 20.19
C PRO A 35 6.47 -1.76 20.69
N LYS A 36 7.23 -1.18 19.76
CA LYS A 36 8.18 -0.12 20.08
C LYS A 36 7.45 1.21 20.33
N PHE A 37 6.17 1.27 19.98
CA PHE A 37 5.39 2.48 20.16
C PHE A 37 4.29 2.28 21.21
N GLY A 38 4.49 1.31 22.09
CA GLY A 38 3.51 1.02 23.13
C GLY A 38 2.54 -0.07 22.76
N GLY A 39 2.45 -0.39 21.47
CA GLY A 39 1.55 -1.43 21.00
C GLY A 39 2.22 -2.80 20.94
N ARG A 40 2.07 -3.47 19.80
CA ARG A 40 2.64 -4.80 19.61
C ARG A 40 2.79 -5.10 18.13
N ASN A 41 3.17 -6.33 17.81
CA ASN A 41 3.33 -6.75 16.43
C ASN A 41 2.13 -7.57 15.98
N ILE A 42 0.99 -7.28 16.59
CA ILE A 42 -0.26 -7.99 16.29
C ILE A 42 -1.00 -7.35 15.12
N LYS A 43 -1.09 -6.02 15.15
CA LYS A 43 -1.79 -5.29 14.10
C LYS A 43 -0.80 -4.86 13.02
N LYS A 44 0.38 -4.40 13.45
CA LYS A 44 1.43 -3.94 12.54
C LYS A 44 0.86 -3.51 11.18
N GLN A 45 0.36 -2.29 11.11
CA GLN A 45 -0.24 -1.79 9.87
C GLN A 45 0.70 -0.82 9.15
N CYS A 46 0.30 -0.42 7.95
CA CYS A 46 1.10 0.52 7.16
C CYS A 46 1.06 1.91 7.76
N CYS A 47 2.23 2.42 8.14
CA CYS A 47 2.34 3.74 8.74
C CYS A 47 1.59 4.79 7.91
N LYS A 48 0.73 5.54 8.59
CA LYS A 48 -0.06 6.59 7.96
C LYS A 48 0.81 7.60 7.23
N MET A 49 1.97 7.91 7.80
CA MET A 49 2.89 8.88 7.21
C MET A 49 3.77 8.24 6.14
N ARG A 50 3.80 6.91 6.10
CA ARG A 50 4.62 6.19 5.14
C ARG A 50 3.84 5.84 3.88
N LYS A 51 2.55 5.57 4.04
CA LYS A 51 1.70 5.20 2.93
C LYS A 51 1.78 6.24 1.81
N CYS A 52 2.23 5.80 0.64
CA CYS A 52 2.37 6.68 -0.51
C CYS A 52 1.05 7.37 -0.85
N GLN A 53 1.17 8.59 -1.35
CA GLN A 53 0.01 9.40 -1.72
C GLN A 53 -0.19 9.43 -3.22
N ASN A 54 0.90 9.29 -3.97
CA ASN A 54 0.83 9.33 -5.42
C ASN A 54 1.58 8.16 -6.06
N LEU A 55 0.83 7.34 -6.79
CA LEU A 55 1.40 6.18 -7.46
C LEU A 55 0.92 6.12 -8.90
N GLN A 56 1.68 5.41 -9.74
CA GLN A 56 1.30 5.27 -11.14
C GLN A 56 0.33 4.11 -11.29
N TRP A 57 -0.90 4.41 -11.67
CA TRP A 57 -1.92 3.39 -11.84
C TRP A 57 -2.39 3.31 -13.28
N MET A 58 -2.92 2.15 -13.67
CA MET A 58 -3.42 1.95 -15.03
C MET A 58 -4.49 0.88 -15.07
N PRO A 59 -5.53 1.07 -15.89
CA PRO A 59 -6.63 0.11 -16.02
C PRO A 59 -6.13 -1.31 -16.30
N SER A 60 -6.96 -2.30 -15.98
CA SER A 60 -6.60 -3.69 -16.19
C SER A 60 -7.17 -4.21 -17.51
N LYS A 61 -6.57 -5.28 -18.02
CA LYS A 61 -7.01 -5.87 -19.29
C LYS A 61 -8.30 -6.66 -19.10
N ALA A 62 -8.47 -7.23 -17.91
CA ALA A 62 -9.65 -8.01 -17.61
C ALA A 62 -10.68 -7.21 -16.80
N TYR A 63 -10.52 -5.89 -16.82
CA TYR A 63 -11.43 -4.98 -16.10
C TYR A 63 -11.80 -5.53 -14.72
N LEU A 64 -12.88 -6.29 -14.65
CA LEU A 64 -13.34 -6.87 -13.39
C LEU A 64 -12.57 -8.15 -13.08
N GLN A 65 -12.92 -9.22 -13.77
CA GLN A 65 -12.27 -10.51 -13.57
C GLN A 65 -12.59 -11.46 -14.72
N LYS A 66 -12.77 -10.91 -15.91
CA LYS A 66 -13.06 -11.71 -17.09
C LYS A 66 -14.36 -12.50 -16.90
N GLN A 67 -15.42 -12.06 -17.57
CA GLN A 67 -16.70 -12.72 -17.47
C GLN A 67 -16.74 -13.99 -18.32
N ALA A 68 -17.39 -15.03 -17.80
CA ALA A 68 -17.49 -16.30 -18.51
C ALA A 68 -18.87 -16.91 -18.34
N LYS A 69 -19.68 -16.80 -19.39
CA LYS A 69 -21.03 -17.34 -19.37
C LYS A 69 -21.42 -17.90 -20.74
N ALA A 70 -22.60 -18.52 -20.81
CA ALA A 70 -23.08 -19.10 -22.06
C ALA A 70 -23.38 -18.02 -23.08
N VAL A 71 -23.92 -18.43 -24.23
CA VAL A 71 -24.27 -17.50 -25.30
C VAL A 71 -25.57 -17.90 -25.97
N LYS A 72 -26.65 -17.20 -25.62
CA LYS A 72 -27.96 -17.47 -26.19
C LYS A 72 -28.40 -18.90 -25.89
ZN ZN B . 3.27 6.26 11.45
ZN ZN C . 4.98 8.13 -3.19
N GLY A 1 -4.74 -12.48 -0.31
CA GLY A 1 -5.26 -13.56 -1.18
C GLY A 1 -4.86 -13.38 -2.63
N GLY A 2 -3.68 -12.79 -2.85
CA GLY A 2 -3.20 -12.59 -4.20
C GLY A 2 -1.71 -12.36 -4.26
N SER A 3 -1.16 -12.31 -5.47
CA SER A 3 0.27 -12.11 -5.66
C SER A 3 0.59 -10.62 -5.80
N VAL A 4 0.70 -9.94 -4.66
CA VAL A 4 1.00 -8.51 -4.65
C VAL A 4 0.09 -7.74 -5.61
N LYS A 5 -1.21 -7.89 -5.42
CA LYS A 5 -2.19 -7.22 -6.27
C LYS A 5 -2.03 -7.63 -7.72
N LYS A 6 -2.84 -8.59 -8.15
CA LYS A 6 -2.80 -9.09 -9.52
C LYS A 6 -3.87 -8.42 -10.38
N GLY A 7 -4.25 -7.20 -10.02
CA GLY A 7 -5.25 -6.48 -10.77
C GLY A 7 -4.75 -5.14 -11.27
N ARG A 8 -5.19 -4.06 -10.63
CA ARG A 8 -4.78 -2.72 -11.02
C ARG A 8 -3.29 -2.51 -10.77
N ARG A 9 -2.62 -1.91 -11.75
CA ARG A 9 -1.18 -1.66 -11.65
C ARG A 9 -0.94 -0.33 -10.95
N SER A 10 -0.12 -0.37 -9.91
CA SER A 10 0.20 0.84 -9.15
C SER A 10 1.67 0.87 -8.75
N ARG A 11 2.31 2.01 -8.97
CA ARG A 11 3.71 2.17 -8.62
C ARG A 11 3.95 3.51 -7.92
N ARG A 12 4.38 3.41 -6.67
CA ARG A 12 4.66 4.60 -5.87
C ARG A 12 5.65 5.52 -6.57
N CYS A 13 5.37 6.81 -6.49
CA CYS A 13 6.23 7.82 -7.12
C CYS A 13 7.65 7.76 -6.62
N GLY A 14 7.82 7.77 -5.29
CA GLY A 14 9.15 7.72 -4.71
C GLY A 14 9.69 9.09 -4.34
N GLN A 15 8.79 10.06 -4.16
CA GLN A 15 9.20 11.42 -3.80
C GLN A 15 8.08 12.17 -3.08
N CYS A 16 7.21 11.43 -2.41
CA CYS A 16 6.10 12.04 -1.67
C CYS A 16 6.30 11.84 -0.16
N PRO A 17 5.43 12.42 0.65
CA PRO A 17 5.52 12.33 2.12
C PRO A 17 5.57 10.88 2.59
N GLY A 18 4.92 9.98 1.85
CA GLY A 18 4.90 8.58 2.21
C GLY A 18 6.19 7.86 1.84
N CYS A 19 6.60 8.02 0.58
CA CYS A 19 7.80 7.39 0.06
C CYS A 19 9.06 7.86 0.79
N GLN A 20 9.00 9.06 1.37
CA GLN A 20 10.16 9.62 2.07
C GLN A 20 10.23 9.15 3.53
N VAL A 21 9.30 8.29 3.95
CA VAL A 21 9.29 7.80 5.32
C VAL A 21 9.83 6.37 5.41
N PRO A 22 11.14 6.23 5.70
CA PRO A 22 11.78 4.92 5.82
C PRO A 22 11.64 4.32 7.23
N GLU A 23 10.97 5.06 8.12
CA GLU A 23 10.78 4.62 9.49
C GLU A 23 9.32 4.65 9.89
N ASP A 24 9.05 4.33 11.15
CA ASP A 24 7.68 4.33 11.66
C ASP A 24 7.38 5.68 12.32
N CYS A 25 6.46 6.45 11.74
CA CYS A 25 6.11 7.76 12.28
C CYS A 25 5.94 7.69 13.79
N GLY A 26 5.52 6.53 14.29
CA GLY A 26 5.39 6.34 15.73
C GLY A 26 4.23 7.07 16.35
N VAL A 27 3.25 7.43 15.55
CA VAL A 27 2.12 8.18 16.08
C VAL A 27 0.78 7.77 15.46
N CYS A 28 0.81 7.00 14.38
CA CYS A 28 -0.42 6.54 13.76
C CYS A 28 -0.81 5.20 14.38
N THR A 29 -2.08 4.84 14.30
CA THR A 29 -2.56 3.58 14.89
C THR A 29 -1.63 2.42 14.53
N ASN A 30 -1.22 2.37 13.26
CA ASN A 30 -0.35 1.32 12.76
C ASN A 30 0.99 1.29 13.48
N CYS A 31 1.57 2.46 13.66
CA CYS A 31 2.88 2.58 14.32
C CYS A 31 2.74 2.42 15.81
N LEU A 32 1.77 3.10 16.38
CA LEU A 32 1.51 3.02 17.80
C LEU A 32 1.16 1.59 18.17
N ASP A 33 0.71 0.84 17.17
CA ASP A 33 0.39 -0.57 17.35
C ASP A 33 1.66 -1.37 17.63
N LYS A 34 2.83 -0.75 17.39
CA LYS A 34 4.12 -1.39 17.62
C LYS A 34 4.47 -1.33 19.10
N PRO A 35 5.25 -2.31 19.60
CA PRO A 35 5.66 -2.35 21.00
C PRO A 35 6.48 -1.13 21.40
N LYS A 36 7.30 -0.66 20.46
CA LYS A 36 8.16 0.51 20.70
C LYS A 36 7.32 1.78 20.83
N PHE A 37 6.13 1.77 20.26
CA PHE A 37 5.25 2.93 20.32
C PHE A 37 4.12 2.74 21.34
N GLY A 38 4.13 1.60 22.04
CA GLY A 38 3.10 1.35 23.04
C GLY A 38 2.19 0.18 22.69
N GLY A 39 2.19 -0.22 21.42
CA GLY A 39 1.35 -1.32 20.99
C GLY A 39 1.92 -2.68 21.35
N ARG A 40 1.81 -3.63 20.42
CA ARG A 40 2.30 -4.99 20.67
C ARG A 40 2.74 -5.67 19.37
N ASN A 41 3.00 -4.90 18.32
CA ASN A 41 3.40 -5.47 17.04
C ASN A 41 2.39 -6.50 16.54
N ILE A 42 1.16 -6.39 17.02
CA ILE A 42 0.10 -7.31 16.63
C ILE A 42 -0.57 -6.86 15.35
N LYS A 43 -0.81 -5.56 15.24
CA LYS A 43 -1.43 -5.00 14.04
C LYS A 43 -0.37 -4.72 12.98
N LYS A 44 0.85 -4.43 13.45
CA LYS A 44 1.98 -4.12 12.56
C LYS A 44 1.54 -3.84 11.12
N GLN A 45 0.75 -2.79 10.95
CA GLN A 45 0.24 -2.42 9.63
C GLN A 45 1.14 -1.39 8.96
N CYS A 46 0.75 -0.96 7.76
CA CYS A 46 1.52 0.03 7.02
C CYS A 46 1.36 1.42 7.64
N CYS A 47 2.49 2.05 7.95
CA CYS A 47 2.48 3.38 8.55
C CYS A 47 1.70 4.37 7.69
N LYS A 48 0.67 4.96 8.29
CA LYS A 48 -0.19 5.92 7.62
C LYS A 48 0.62 7.08 7.00
N MET A 49 1.77 7.38 7.59
CA MET A 49 2.63 8.43 7.10
C MET A 49 3.51 7.92 5.97
N ARG A 50 3.82 6.63 6.04
CA ARG A 50 4.66 5.97 5.05
C ARG A 50 3.89 5.69 3.76
N LYS A 51 2.60 5.44 3.91
CA LYS A 51 1.75 5.14 2.76
C LYS A 51 1.85 6.23 1.70
N CYS A 52 2.28 5.81 0.50
CA CYS A 52 2.45 6.73 -0.61
C CYS A 52 1.17 7.49 -0.93
N GLN A 53 1.33 8.73 -1.39
CA GLN A 53 0.22 9.59 -1.73
C GLN A 53 0.00 9.66 -3.24
N ASN A 54 1.08 9.51 -3.99
CA ASN A 54 1.00 9.57 -5.45
C ASN A 54 1.71 8.39 -6.10
N LEU A 55 0.95 7.59 -6.83
CA LEU A 55 1.48 6.43 -7.52
C LEU A 55 1.01 6.40 -8.97
N GLN A 56 1.75 5.71 -9.83
CA GLN A 56 1.38 5.59 -11.22
C GLN A 56 0.37 4.47 -11.40
N TRP A 57 -0.85 4.81 -11.78
CA TRP A 57 -1.91 3.83 -11.94
C TRP A 57 -2.40 3.74 -13.38
N MET A 58 -2.96 2.57 -13.72
CA MET A 58 -3.50 2.33 -15.04
C MET A 58 -4.59 1.26 -15.00
N PRO A 59 -5.68 1.45 -15.74
CA PRO A 59 -6.80 0.50 -15.76
C PRO A 59 -6.63 -0.57 -16.83
N SER A 60 -6.76 -1.83 -16.42
CA SER A 60 -6.63 -2.95 -17.34
C SER A 60 -5.32 -2.89 -18.11
N LYS A 61 -5.14 -3.82 -19.04
CA LYS A 61 -3.94 -3.87 -19.86
C LYS A 61 -4.16 -4.74 -21.10
N ALA A 62 -5.39 -4.77 -21.58
CA ALA A 62 -5.72 -5.58 -22.75
C ALA A 62 -5.61 -4.76 -24.04
N TYR A 63 -5.43 -3.45 -23.90
CA TYR A 63 -5.31 -2.57 -25.06
C TYR A 63 -3.86 -2.19 -25.30
N LEU A 64 -3.65 -1.19 -26.16
CA LEU A 64 -2.32 -0.72 -26.48
C LEU A 64 -1.54 -1.79 -27.21
N GLN A 65 -1.16 -1.44 -28.42
CA GLN A 65 -0.40 -2.33 -29.29
C GLN A 65 0.95 -1.72 -29.64
N LYS A 66 1.50 -0.96 -28.72
CA LYS A 66 2.80 -0.31 -28.93
C LYS A 66 3.93 -1.18 -28.38
N GLN A 67 3.64 -1.94 -27.33
CA GLN A 67 4.63 -2.81 -26.71
C GLN A 67 4.83 -4.07 -27.55
N ALA A 68 5.66 -4.98 -27.06
CA ALA A 68 5.93 -6.23 -27.76
C ALA A 68 6.08 -7.39 -26.77
N LYS A 69 4.95 -8.01 -26.45
CA LYS A 69 4.93 -9.13 -25.52
C LYS A 69 4.38 -10.39 -26.18
N ALA A 70 3.32 -10.21 -26.98
CA ALA A 70 2.69 -11.33 -27.67
C ALA A 70 1.97 -10.85 -28.93
N VAL A 71 2.01 -11.66 -29.98
CA VAL A 71 1.36 -11.32 -31.23
C VAL A 71 0.11 -12.17 -31.45
N LYS A 72 -0.87 -11.60 -32.15
CA LYS A 72 -2.12 -12.29 -32.43
C LYS A 72 -2.47 -12.22 -33.91
ZN ZN B . 3.17 5.80 11.41
ZN ZN C . 5.08 8.16 -3.31
N GLY A 1 -8.06 4.03 8.16
CA GLY A 1 -7.86 2.62 8.57
C GLY A 1 -8.79 1.66 7.85
N GLY A 2 -8.84 1.78 6.52
CA GLY A 2 -9.71 0.92 5.74
C GLY A 2 -8.92 -0.14 4.98
N SER A 3 -9.64 -1.19 4.55
CA SER A 3 -9.00 -2.27 3.80
C SER A 3 -8.65 -1.84 2.39
N VAL A 4 -7.55 -2.38 1.86
CA VAL A 4 -7.11 -2.05 0.51
C VAL A 4 -7.56 -3.10 -0.49
N LYS A 5 -8.01 -2.64 -1.66
CA LYS A 5 -8.47 -3.54 -2.71
C LYS A 5 -7.74 -3.27 -4.02
N LYS A 6 -6.79 -4.13 -4.35
CA LYS A 6 -6.02 -3.98 -5.58
C LYS A 6 -6.90 -4.20 -6.81
N GLY A 7 -6.27 -4.30 -7.97
CA GLY A 7 -7.02 -4.50 -9.20
C GLY A 7 -6.24 -4.08 -10.43
N ARG A 8 -5.45 -3.01 -10.29
CA ARG A 8 -4.65 -2.51 -11.39
C ARG A 8 -3.18 -2.41 -11.01
N ARG A 9 -2.34 -2.09 -11.98
CA ARG A 9 -0.91 -1.95 -11.75
C ARG A 9 -0.61 -0.61 -11.10
N SER A 10 -0.06 -0.65 -9.90
CA SER A 10 0.27 0.57 -9.17
C SER A 10 1.73 0.60 -8.75
N ARG A 11 2.35 1.75 -8.93
CA ARG A 11 3.75 1.94 -8.55
C ARG A 11 3.97 3.27 -7.86
N ARG A 12 4.37 3.20 -6.60
CA ARG A 12 4.62 4.39 -5.81
C ARG A 12 5.62 5.31 -6.50
N CYS A 13 5.33 6.60 -6.45
CA CYS A 13 6.18 7.61 -7.07
C CYS A 13 7.63 7.55 -6.56
N GLY A 14 7.78 7.61 -5.25
CA GLY A 14 9.10 7.55 -4.65
C GLY A 14 9.64 8.93 -4.29
N GLN A 15 8.75 9.91 -4.14
CA GLN A 15 9.15 11.27 -3.79
C GLN A 15 8.05 12.03 -3.07
N CYS A 16 7.13 11.30 -2.45
CA CYS A 16 6.02 11.92 -1.72
C CYS A 16 6.26 11.77 -0.21
N PRO A 17 5.39 12.37 0.61
CA PRO A 17 5.50 12.30 2.07
C PRO A 17 5.55 10.87 2.58
N GLY A 18 4.90 9.96 1.87
CA GLY A 18 4.89 8.57 2.25
C GLY A 18 6.17 7.85 1.88
N CYS A 19 6.56 7.97 0.62
CA CYS A 19 7.75 7.32 0.09
C CYS A 19 9.02 7.83 0.78
N GLN A 20 8.96 9.04 1.33
CA GLN A 20 10.12 9.63 1.99
C GLN A 20 10.25 9.22 3.46
N VAL A 21 9.33 8.38 3.94
CA VAL A 21 9.38 7.95 5.34
C VAL A 21 9.90 6.52 5.48
N PRO A 22 11.21 6.36 5.73
CA PRO A 22 11.82 5.04 5.89
C PRO A 22 11.67 4.51 7.33
N GLU A 23 11.04 5.31 8.19
CA GLU A 23 10.84 4.93 9.58
C GLU A 23 9.39 5.09 10.00
N ASP A 24 9.08 4.68 11.23
CA ASP A 24 7.73 4.78 11.76
C ASP A 24 7.53 6.11 12.47
N CYS A 25 6.58 6.94 12.00
CA CYS A 25 6.34 8.22 12.63
C CYS A 25 6.19 8.05 14.13
N GLY A 26 5.61 6.92 14.54
CA GLY A 26 5.49 6.62 15.94
C GLY A 26 4.33 7.29 16.64
N VAL A 27 3.34 7.73 15.88
CA VAL A 27 2.23 8.42 16.49
C VAL A 27 0.88 8.13 15.83
N CYS A 28 0.89 7.37 14.73
CA CYS A 28 -0.36 7.01 14.06
C CYS A 28 -0.82 5.67 14.61
N THR A 29 -2.10 5.37 14.47
CA THR A 29 -2.65 4.11 15.00
C THR A 29 -1.78 2.90 14.64
N ASN A 30 -1.32 2.86 13.40
CA ASN A 30 -0.49 1.76 12.92
C ASN A 30 0.85 1.68 13.65
N CYS A 31 1.52 2.81 13.76
CA CYS A 31 2.82 2.89 14.42
C CYS A 31 2.64 2.64 15.90
N LEU A 32 1.70 3.34 16.48
CA LEU A 32 1.39 3.19 17.89
C LEU A 32 0.99 1.76 18.18
N ASP A 33 0.49 1.09 17.14
CA ASP A 33 0.08 -0.29 17.26
C ASP A 33 1.32 -1.20 17.41
N LYS A 34 2.51 -0.64 17.14
CA LYS A 34 3.76 -1.39 17.25
C LYS A 34 4.20 -1.50 18.70
N PRO A 35 5.11 -2.45 19.01
CA PRO A 35 5.62 -2.64 20.37
C PRO A 35 6.49 -1.48 20.82
N LYS A 36 7.25 -0.90 19.90
CA LYS A 36 8.13 0.22 20.20
C LYS A 36 7.35 1.51 20.43
N PHE A 37 6.06 1.50 20.09
CA PHE A 37 5.22 2.68 20.25
C PHE A 37 4.13 2.44 21.29
N GLY A 38 4.36 1.50 22.19
CA GLY A 38 3.38 1.21 23.22
C GLY A 38 2.44 0.08 22.84
N GLY A 39 2.37 -0.23 21.55
CA GLY A 39 1.49 -1.28 21.08
C GLY A 39 2.17 -2.65 21.08
N ARG A 40 1.95 -3.41 20.01
CA ARG A 40 2.54 -4.74 19.88
C ARG A 40 2.82 -5.05 18.41
N ASN A 41 3.36 -6.24 18.15
CA ASN A 41 3.68 -6.64 16.79
C ASN A 41 2.60 -7.58 16.26
N ILE A 42 1.39 -7.45 16.78
CA ILE A 42 0.27 -8.29 16.38
C ILE A 42 -0.46 -7.68 15.18
N LYS A 43 -0.72 -6.38 15.25
CA LYS A 43 -1.42 -5.68 14.18
C LYS A 43 -0.43 -5.21 13.13
N LYS A 44 0.69 -4.64 13.58
CA LYS A 44 1.74 -4.14 12.68
C LYS A 44 1.17 -3.75 11.32
N GLN A 45 0.65 -2.53 11.21
CA GLN A 45 0.05 -2.06 9.97
C GLN A 45 0.96 -1.06 9.26
N CYS A 46 0.57 -0.68 8.04
CA CYS A 46 1.35 0.28 7.26
C CYS A 46 1.23 1.68 7.86
N CYS A 47 2.37 2.29 8.15
CA CYS A 47 2.40 3.62 8.73
C CYS A 47 1.62 4.62 7.88
N LYS A 48 0.71 5.35 8.52
CA LYS A 48 -0.11 6.35 7.85
C LYS A 48 0.74 7.38 7.10
N MET A 49 1.86 7.77 7.70
CA MET A 49 2.75 8.75 7.09
C MET A 49 3.66 8.11 6.04
N ARG A 50 3.75 6.79 6.06
CA ARG A 50 4.59 6.06 5.11
C ARG A 50 3.84 5.72 3.84
N LYS A 51 2.56 5.45 3.98
CA LYS A 51 1.71 5.09 2.84
C LYS A 51 1.82 6.14 1.74
N CYS A 52 2.25 5.71 0.56
CA CYS A 52 2.41 6.60 -0.58
C CYS A 52 1.10 7.32 -0.91
N GLN A 53 1.25 8.55 -1.39
CA GLN A 53 0.12 9.39 -1.76
C GLN A 53 -0.09 9.44 -3.26
N ASN A 54 1.00 9.30 -4.01
CA ASN A 54 0.94 9.35 -5.47
C ASN A 54 1.65 8.16 -6.10
N LEU A 55 0.90 7.35 -6.84
CA LEU A 55 1.45 6.19 -7.50
C LEU A 55 0.99 6.13 -8.95
N GLN A 56 1.75 5.43 -9.78
CA GLN A 56 1.38 5.29 -11.19
C GLN A 56 0.38 4.16 -11.37
N TRP A 57 -0.84 4.50 -11.76
CA TRP A 57 -1.88 3.51 -11.95
C TRP A 57 -2.31 3.44 -13.42
N MET A 58 -2.86 2.29 -13.81
CA MET A 58 -3.32 2.10 -15.18
C MET A 58 -4.66 1.39 -15.22
N PRO A 59 -5.53 1.75 -16.18
CA PRO A 59 -6.85 1.14 -16.31
C PRO A 59 -6.81 -0.20 -17.04
N SER A 60 -7.47 -1.20 -16.48
CA SER A 60 -7.50 -2.53 -17.07
C SER A 60 -8.53 -3.41 -16.38
N LYS A 61 -9.07 -4.37 -17.14
CA LYS A 61 -10.07 -5.30 -16.61
C LYS A 61 -9.53 -6.04 -15.39
N ALA A 62 -8.22 -6.07 -15.23
CA ALA A 62 -7.60 -6.75 -14.09
C ALA A 62 -7.73 -8.26 -14.23
N TYR A 63 -6.77 -8.86 -14.91
CA TYR A 63 -6.78 -10.30 -15.15
C TYR A 63 -5.44 -10.92 -14.79
N LEU A 64 -5.24 -12.19 -15.18
CA LEU A 64 -4.00 -12.91 -14.93
C LEU A 64 -3.87 -13.32 -13.45
N GLN A 65 -4.61 -12.67 -12.57
CA GLN A 65 -4.57 -12.99 -11.14
C GLN A 65 -5.88 -12.65 -10.46
N LYS A 66 -6.82 -13.59 -10.52
CA LYS A 66 -8.14 -13.39 -9.90
C LYS A 66 -8.16 -13.97 -8.49
N GLN A 67 -7.38 -15.03 -8.27
CA GLN A 67 -7.32 -15.67 -6.96
C GLN A 67 -6.84 -14.69 -5.91
N ALA A 68 -6.89 -15.12 -4.64
CA ALA A 68 -6.46 -14.28 -3.53
C ALA A 68 -5.74 -15.10 -2.47
N LYS A 69 -5.14 -14.42 -1.51
CA LYS A 69 -4.41 -15.10 -0.43
C LYS A 69 -5.36 -15.50 0.69
N ALA A 70 -5.72 -16.78 0.72
CA ALA A 70 -6.62 -17.29 1.74
C ALA A 70 -5.97 -18.43 2.52
N VAL A 71 -5.13 -18.07 3.49
CA VAL A 71 -4.45 -19.06 4.32
C VAL A 71 -3.87 -18.42 5.58
N LYS A 72 -3.95 -19.14 6.69
CA LYS A 72 -3.44 -18.65 7.96
C LYS A 72 -2.66 -19.72 8.69
ZN ZN B . 3.09 6.13 11.48
ZN ZN C . 5.03 8.02 -3.24
N GLY A 1 -21.01 -4.44 2.41
CA GLY A 1 -19.86 -4.08 1.53
C GLY A 1 -20.30 -3.44 0.23
N GLY A 2 -20.55 -4.26 -0.78
CA GLY A 2 -20.99 -3.75 -2.07
C GLY A 2 -20.40 -4.53 -3.23
N SER A 3 -20.23 -3.86 -4.37
CA SER A 3 -19.67 -4.49 -5.56
C SER A 3 -18.28 -3.97 -5.86
N VAL A 4 -17.98 -2.77 -5.37
CA VAL A 4 -16.66 -2.16 -5.58
C VAL A 4 -15.54 -3.08 -5.12
N LYS A 5 -14.57 -3.30 -6.00
CA LYS A 5 -13.44 -4.17 -5.68
C LYS A 5 -12.12 -3.49 -6.04
N LYS A 6 -11.08 -3.80 -5.28
CA LYS A 6 -9.76 -3.23 -5.52
C LYS A 6 -8.69 -4.31 -5.58
N GLY A 7 -7.57 -4.00 -6.22
CA GLY A 7 -6.49 -4.96 -6.33
C GLY A 7 -5.81 -4.92 -7.69
N ARG A 8 -5.50 -3.71 -8.15
CA ARG A 8 -4.84 -3.53 -9.44
C ARG A 8 -3.43 -2.99 -9.27
N ARG A 9 -2.69 -2.92 -10.36
CA ARG A 9 -1.31 -2.42 -10.33
C ARG A 9 -1.22 -0.99 -9.80
N SER A 10 -0.37 -0.81 -8.80
CA SER A 10 -0.16 0.50 -8.19
C SER A 10 1.32 0.72 -7.88
N ARG A 11 1.84 1.87 -8.27
CA ARG A 11 3.24 2.20 -8.01
C ARG A 11 3.41 3.60 -7.46
N ARG A 12 3.89 3.66 -6.22
CA ARG A 12 4.13 4.92 -5.54
C ARG A 12 5.04 5.82 -6.36
N CYS A 13 4.78 7.11 -6.29
CA CYS A 13 5.54 8.11 -7.03
C CYS A 13 7.03 8.04 -6.68
N GLY A 14 7.35 8.01 -5.39
CA GLY A 14 8.74 7.92 -4.97
C GLY A 14 9.36 9.27 -4.66
N GLN A 15 8.53 10.26 -4.36
CA GLN A 15 9.02 11.60 -4.04
C GLN A 15 7.99 12.41 -3.26
N CYS A 16 7.17 11.71 -2.48
CA CYS A 16 6.15 12.37 -1.68
C CYS A 16 6.44 12.20 -0.19
N PRO A 17 5.66 12.86 0.67
CA PRO A 17 5.84 12.79 2.12
C PRO A 17 5.82 11.35 2.63
N GLY A 18 5.07 10.50 1.95
CA GLY A 18 4.98 9.10 2.35
C GLY A 18 6.19 8.28 1.91
N CYS A 19 6.54 8.40 0.64
CA CYS A 19 7.66 7.67 0.07
C CYS A 19 8.99 8.04 0.71
N GLN A 20 9.07 9.25 1.27
CA GLN A 20 10.29 9.71 1.91
C GLN A 20 10.41 9.23 3.36
N VAL A 21 9.44 8.44 3.82
CA VAL A 21 9.46 7.93 5.20
C VAL A 21 9.94 6.48 5.27
N PRO A 22 11.24 6.28 5.54
CA PRO A 22 11.83 4.95 5.65
C PRO A 22 11.71 4.38 7.07
N GLU A 23 11.10 5.15 7.96
CA GLU A 23 10.92 4.73 9.35
C GLU A 23 9.47 4.81 9.78
N ASP A 24 9.19 4.33 10.99
CA ASP A 24 7.84 4.35 11.54
C ASP A 24 7.62 5.65 12.31
N CYS A 25 6.74 6.51 11.81
CA CYS A 25 6.47 7.79 12.46
C CYS A 25 6.31 7.61 13.98
N GLY A 26 5.84 6.43 14.38
CA GLY A 26 5.72 6.13 15.79
C GLY A 26 4.61 6.86 16.51
N VAL A 27 3.64 7.35 15.76
CA VAL A 27 2.56 8.10 16.36
C VAL A 27 1.20 7.84 15.72
N CYS A 28 1.18 7.11 14.60
CA CYS A 28 -0.07 6.78 13.95
C CYS A 28 -0.55 5.43 14.45
N THR A 29 -1.84 5.16 14.34
CA THR A 29 -2.39 3.89 14.84
C THR A 29 -1.54 2.69 14.42
N ASN A 30 -1.15 2.66 13.16
CA ASN A 30 -0.35 1.58 12.60
C ASN A 30 1.01 1.45 13.31
N CYS A 31 1.66 2.57 13.52
CA CYS A 31 2.97 2.59 14.17
C CYS A 31 2.83 2.33 15.66
N LEU A 32 1.89 3.02 16.28
CA LEU A 32 1.63 2.86 17.69
C LEU A 32 1.20 1.43 17.96
N ASP A 33 0.71 0.77 16.91
CA ASP A 33 0.31 -0.62 17.00
C ASP A 33 1.54 -1.53 17.14
N LYS A 34 2.74 -0.94 16.97
CA LYS A 34 3.98 -1.69 17.10
C LYS A 34 4.44 -1.72 18.56
N PRO A 35 5.10 -2.81 18.98
CA PRO A 35 5.59 -2.95 20.36
C PRO A 35 6.49 -1.79 20.76
N LYS A 36 7.35 -1.37 19.83
CA LYS A 36 8.27 -0.27 20.09
C LYS A 36 7.50 1.03 20.35
N PHE A 37 6.26 1.09 19.88
CA PHE A 37 5.43 2.28 20.07
C PHE A 37 4.32 2.01 21.08
N GLY A 38 4.51 1.00 21.92
CA GLY A 38 3.52 0.67 22.93
C GLY A 38 2.44 -0.27 22.41
N GLY A 39 2.44 -0.52 21.11
CA GLY A 39 1.44 -1.40 20.53
C GLY A 39 1.69 -2.87 20.84
N ARG A 40 1.43 -3.74 19.87
CA ARG A 40 1.61 -5.18 20.07
C ARG A 40 1.98 -5.90 18.78
N ASN A 41 2.40 -5.15 17.76
CA ASN A 41 2.76 -5.75 16.47
C ASN A 41 1.64 -6.63 15.94
N ILE A 42 0.41 -6.34 16.37
CA ILE A 42 -0.75 -7.11 15.94
C ILE A 42 -1.32 -6.57 14.63
N LYS A 43 -1.44 -5.25 14.55
CA LYS A 43 -1.96 -4.61 13.35
C LYS A 43 -0.86 -4.43 12.33
N LYS A 44 0.36 -4.21 12.83
CA LYS A 44 1.55 -4.01 11.97
C LYS A 44 1.16 -3.63 10.53
N GLN A 45 0.43 -2.53 10.39
CA GLN A 45 -0.01 -2.07 9.08
C GLN A 45 0.95 -1.02 8.52
N CYS A 46 0.63 -0.52 7.34
CA CYS A 46 1.46 0.48 6.68
C CYS A 46 1.35 1.82 7.40
N CYS A 47 2.50 2.38 7.76
CA CYS A 47 2.55 3.65 8.48
C CYS A 47 1.81 4.74 7.68
N LYS A 48 0.83 5.36 8.34
CA LYS A 48 0.03 6.42 7.73
C LYS A 48 0.91 7.53 7.15
N MET A 49 2.05 7.77 7.77
CA MET A 49 2.97 8.80 7.33
C MET A 49 3.78 8.28 6.14
N ARG A 50 4.00 6.98 6.14
CA ARG A 50 4.75 6.31 5.08
C ARG A 50 3.92 6.13 3.82
N LYS A 51 2.62 5.97 4.01
CA LYS A 51 1.69 5.76 2.90
C LYS A 51 1.85 6.84 1.85
N CYS A 52 2.04 6.41 0.60
CA CYS A 52 2.23 7.32 -0.52
C CYS A 52 0.96 8.12 -0.83
N GLN A 53 1.15 9.34 -1.29
CA GLN A 53 0.06 10.24 -1.63
C GLN A 53 -0.27 10.16 -3.12
N ASN A 54 0.75 9.98 -3.94
CA ASN A 54 0.58 9.90 -5.39
C ASN A 54 1.29 8.70 -5.96
N LEU A 55 0.52 7.80 -6.55
CA LEU A 55 1.09 6.60 -7.13
C LEU A 55 0.62 6.45 -8.57
N GLN A 56 1.49 5.96 -9.43
CA GLN A 56 1.14 5.74 -10.83
C GLN A 56 0.53 4.36 -10.98
N TRP A 57 -0.76 4.34 -11.32
CA TRP A 57 -1.48 3.08 -11.47
C TRP A 57 -1.66 2.70 -12.94
N MET A 58 -1.74 1.41 -13.19
CA MET A 58 -1.91 0.89 -14.55
C MET A 58 -3.06 -0.11 -14.59
N PRO A 59 -3.91 -0.06 -15.64
CA PRO A 59 -5.05 -0.96 -15.78
C PRO A 59 -4.62 -2.41 -16.00
N SER A 60 -5.47 -3.34 -15.59
CA SER A 60 -5.19 -4.77 -15.74
C SER A 60 -5.56 -5.26 -17.14
N LYS A 61 -5.63 -6.57 -17.30
CA LYS A 61 -5.97 -7.16 -18.59
C LYS A 61 -7.35 -7.82 -18.54
N ALA A 62 -7.69 -8.39 -17.38
CA ALA A 62 -8.98 -9.05 -17.21
C ALA A 62 -9.99 -8.14 -16.51
N TYR A 63 -9.71 -6.83 -16.53
CA TYR A 63 -10.59 -5.83 -15.92
C TYR A 63 -11.13 -6.31 -14.57
N LEU A 64 -12.28 -6.98 -14.59
CA LEU A 64 -12.89 -7.48 -13.36
C LEU A 64 -12.20 -8.75 -12.87
N GLN A 65 -12.39 -9.83 -13.61
CA GLN A 65 -11.78 -11.11 -13.26
C GLN A 65 -11.62 -12.00 -14.50
N LYS A 66 -11.14 -13.22 -14.29
CA LYS A 66 -10.94 -14.16 -15.38
C LYS A 66 -12.24 -14.42 -16.12
N GLN A 67 -12.18 -15.29 -17.13
CA GLN A 67 -13.35 -15.62 -17.92
C GLN A 67 -13.79 -17.06 -17.67
N ALA A 68 -14.95 -17.43 -18.21
CA ALA A 68 -15.48 -18.78 -18.04
C ALA A 68 -15.70 -19.10 -16.57
N LYS A 69 -16.21 -20.30 -16.30
CA LYS A 69 -16.47 -20.72 -14.93
C LYS A 69 -15.31 -21.58 -14.40
N ALA A 70 -14.69 -22.34 -15.29
CA ALA A 70 -13.58 -23.20 -14.92
C ALA A 70 -12.81 -23.67 -16.15
N VAL A 71 -11.49 -23.63 -16.07
CA VAL A 71 -10.63 -24.06 -17.18
C VAL A 71 -9.16 -23.94 -16.81
N LYS A 72 -8.81 -22.87 -16.10
CA LYS A 72 -7.44 -22.64 -15.69
C LYS A 72 -7.30 -22.71 -14.16
ZN ZN B . 3.35 5.94 11.43
ZN ZN C . 4.90 8.63 -3.20
N GLY A 1 -9.61 -14.45 -5.72
CA GLY A 1 -9.75 -15.92 -5.51
C GLY A 1 -8.66 -16.49 -4.64
N GLY A 2 -7.41 -16.22 -4.99
CA GLY A 2 -6.29 -16.72 -4.21
C GLY A 2 -5.76 -15.69 -3.24
N SER A 3 -4.43 -15.55 -3.20
CA SER A 3 -3.80 -14.57 -2.32
C SER A 3 -2.85 -13.67 -3.09
N VAL A 4 -3.23 -13.31 -4.30
CA VAL A 4 -2.42 -12.45 -5.15
C VAL A 4 -3.26 -11.33 -5.77
N LYS A 5 -2.61 -10.22 -6.08
CA LYS A 5 -3.29 -9.08 -6.67
C LYS A 5 -4.36 -8.53 -5.74
N LYS A 6 -4.24 -7.25 -5.40
CA LYS A 6 -5.20 -6.60 -4.51
C LYS A 6 -5.92 -5.46 -5.24
N GLY A 7 -6.10 -5.60 -6.54
CA GLY A 7 -6.76 -4.59 -7.32
C GLY A 7 -6.17 -4.43 -8.70
N ARG A 8 -5.61 -3.26 -8.98
CA ARG A 8 -5.00 -2.98 -10.27
C ARG A 8 -3.55 -2.52 -10.10
N ARG A 9 -2.84 -2.37 -11.22
CA ARG A 9 -1.44 -1.96 -11.18
C ARG A 9 -1.26 -0.60 -10.51
N SER A 10 -0.40 -0.57 -9.51
CA SER A 10 -0.10 0.65 -8.77
C SER A 10 1.38 0.75 -8.45
N ARG A 11 1.97 1.92 -8.69
CA ARG A 11 3.38 2.12 -8.41
C ARG A 11 3.63 3.49 -7.79
N ARG A 12 4.09 3.48 -6.55
CA ARG A 12 4.38 4.69 -5.81
C ARG A 12 5.35 5.58 -6.59
N CYS A 13 5.15 6.88 -6.42
CA CYS A 13 5.97 7.88 -7.07
C CYS A 13 7.43 7.81 -6.62
N GLY A 14 7.64 7.84 -5.31
CA GLY A 14 8.98 7.77 -4.78
C GLY A 14 9.55 9.13 -4.41
N GLN A 15 8.68 10.11 -4.19
CA GLN A 15 9.12 11.46 -3.85
C GLN A 15 8.02 12.23 -3.11
N CYS A 16 7.15 11.51 -2.41
CA CYS A 16 6.08 12.14 -1.64
C CYS A 16 6.31 11.96 -0.15
N PRO A 17 5.46 12.57 0.69
CA PRO A 17 5.59 12.47 2.15
C PRO A 17 5.63 11.03 2.63
N GLY A 18 4.94 10.15 1.92
CA GLY A 18 4.91 8.74 2.29
C GLY A 18 6.17 8.00 1.90
N CYS A 19 6.55 8.13 0.64
CA CYS A 19 7.72 7.46 0.09
C CYS A 19 9.01 7.90 0.78
N GLN A 20 9.01 9.12 1.33
CA GLN A 20 10.20 9.65 2.00
C GLN A 20 10.32 9.17 3.45
N VAL A 21 9.39 8.33 3.90
CA VAL A 21 9.44 7.84 5.27
C VAL A 21 9.93 6.39 5.33
N PRO A 22 11.23 6.18 5.59
CA PRO A 22 11.81 4.85 5.69
C PRO A 22 11.64 4.24 7.08
N GLU A 23 11.01 5.01 7.97
CA GLU A 23 10.80 4.55 9.34
C GLU A 23 9.34 4.75 9.76
N ASP A 24 9.05 4.46 11.03
CA ASP A 24 7.71 4.61 11.57
C ASP A 24 7.60 5.92 12.34
N CYS A 25 6.66 6.79 11.93
CA CYS A 25 6.50 8.07 12.60
C CYS A 25 6.38 7.86 14.11
N GLY A 26 5.61 6.85 14.51
CA GLY A 26 5.48 6.54 15.91
C GLY A 26 4.31 7.19 16.60
N VAL A 27 3.32 7.61 15.83
CA VAL A 27 2.18 8.28 16.44
C VAL A 27 0.85 7.97 15.75
N CYS A 28 0.89 7.25 14.63
CA CYS A 28 -0.33 6.86 13.94
C CYS A 28 -0.75 5.49 14.44
N THR A 29 -2.03 5.16 14.31
CA THR A 29 -2.53 3.86 14.80
C THR A 29 -1.62 2.70 14.39
N ASN A 30 -1.16 2.74 13.15
CA ASN A 30 -0.31 1.69 12.61
C ASN A 30 1.03 1.60 13.34
N CYS A 31 1.67 2.74 13.53
CA CYS A 31 2.96 2.81 14.21
C CYS A 31 2.79 2.53 15.69
N LEU A 32 1.81 3.19 16.28
CA LEU A 32 1.51 3.01 17.67
C LEU A 32 1.14 1.55 17.93
N ASP A 33 0.67 0.89 16.88
CA ASP A 33 0.32 -0.51 16.96
C ASP A 33 1.58 -1.37 17.14
N LYS A 34 2.75 -0.77 16.91
CA LYS A 34 4.02 -1.47 17.05
C LYS A 34 4.40 -1.61 18.52
N PRO A 35 5.24 -2.61 18.85
CA PRO A 35 5.69 -2.83 20.23
C PRO A 35 6.58 -1.71 20.74
N LYS A 36 7.25 -1.03 19.80
CA LYS A 36 8.14 0.07 20.14
C LYS A 36 7.36 1.37 20.40
N PHE A 37 6.11 1.41 19.95
CA PHE A 37 5.28 2.58 20.14
C PHE A 37 4.15 2.32 21.14
N GLY A 38 4.30 1.26 21.93
CA GLY A 38 3.29 0.93 22.93
C GLY A 38 2.38 -0.22 22.50
N GLY A 39 2.38 -0.51 21.20
CA GLY A 39 1.56 -1.58 20.68
C GLY A 39 2.07 -2.95 21.08
N ARG A 40 1.83 -3.95 20.22
CA ARG A 40 2.26 -5.32 20.50
C ARG A 40 2.68 -6.05 19.22
N ASN A 41 2.92 -5.29 18.16
CA ASN A 41 3.32 -5.89 16.88
C ASN A 41 2.24 -6.83 16.34
N ILE A 42 1.04 -6.72 16.89
CA ILE A 42 -0.07 -7.56 16.47
C ILE A 42 -0.80 -6.97 15.27
N LYS A 43 -1.04 -5.66 15.34
CA LYS A 43 -1.72 -4.96 14.26
C LYS A 43 -0.75 -4.66 13.13
N LYS A 44 0.51 -4.40 13.50
CA LYS A 44 1.57 -4.09 12.52
C LYS A 44 1.01 -3.75 11.14
N GLN A 45 0.57 -2.50 10.98
CA GLN A 45 -0.01 -2.06 9.72
C GLN A 45 0.93 -1.09 9.00
N CYS A 46 0.53 -0.67 7.80
CA CYS A 46 1.32 0.26 7.02
C CYS A 46 1.23 1.66 7.60
N CYS A 47 2.36 2.20 8.04
CA CYS A 47 2.42 3.53 8.62
C CYS A 47 1.65 4.55 7.77
N LYS A 48 0.76 5.29 8.42
CA LYS A 48 -0.05 6.30 7.75
C LYS A 48 0.82 7.35 7.07
N MET A 49 1.93 7.73 7.71
CA MET A 49 2.83 8.73 7.16
C MET A 49 3.72 8.12 6.08
N ARG A 50 3.76 6.79 6.01
CA ARG A 50 4.58 6.10 5.02
C ARG A 50 3.81 5.82 3.76
N LYS A 51 2.51 5.60 3.91
CA LYS A 51 1.64 5.30 2.78
C LYS A 51 1.76 6.39 1.71
N CYS A 52 2.17 5.97 0.52
CA CYS A 52 2.34 6.90 -0.60
C CYS A 52 1.06 7.67 -0.90
N GLN A 53 1.22 8.91 -1.33
CA GLN A 53 0.11 9.79 -1.65
C GLN A 53 -0.13 9.85 -3.15
N ASN A 54 0.93 9.71 -3.94
CA ASN A 54 0.83 9.77 -5.39
C ASN A 54 1.55 8.59 -6.03
N LEU A 55 0.79 7.76 -6.73
CA LEU A 55 1.35 6.59 -7.38
C LEU A 55 0.86 6.49 -8.83
N GLN A 56 1.67 5.88 -9.68
CA GLN A 56 1.31 5.71 -11.09
C GLN A 56 0.47 4.45 -11.23
N TRP A 57 -0.80 4.63 -11.61
CA TRP A 57 -1.70 3.49 -11.76
C TRP A 57 -2.03 3.23 -13.23
N MET A 58 -2.03 1.96 -13.61
CA MET A 58 -2.35 1.56 -14.97
C MET A 58 -3.50 0.56 -15.00
N PRO A 59 -4.43 0.70 -15.95
CA PRO A 59 -5.58 -0.20 -16.07
C PRO A 59 -5.19 -1.58 -16.55
N SER A 60 -5.89 -2.60 -16.05
CA SER A 60 -5.61 -3.98 -16.42
C SER A 60 -6.73 -4.53 -17.31
N LYS A 61 -6.57 -5.78 -17.76
CA LYS A 61 -7.56 -6.42 -18.61
C LYS A 61 -8.11 -7.68 -17.98
N ALA A 62 -7.57 -8.07 -16.83
CA ALA A 62 -8.02 -9.27 -16.13
C ALA A 62 -9.51 -9.21 -15.84
N TYR A 63 -10.04 -7.99 -15.68
CA TYR A 63 -11.45 -7.79 -15.39
C TYR A 63 -12.16 -7.18 -16.59
N LEU A 64 -13.39 -6.69 -16.37
CA LEU A 64 -14.18 -6.08 -17.41
C LEU A 64 -14.57 -7.10 -18.46
N GLN A 65 -15.86 -7.27 -18.59
CA GLN A 65 -16.43 -8.21 -19.55
C GLN A 65 -16.74 -7.50 -20.87
N LYS A 66 -15.95 -7.81 -21.89
CA LYS A 66 -16.15 -7.20 -23.21
C LYS A 66 -16.52 -8.26 -24.24
N GLN A 67 -15.92 -9.44 -24.12
CA GLN A 67 -16.20 -10.53 -25.04
C GLN A 67 -16.77 -11.74 -24.32
N ALA A 68 -17.36 -12.66 -25.07
CA ALA A 68 -17.95 -13.87 -24.50
C ALA A 68 -18.46 -14.79 -25.58
N LYS A 69 -19.06 -14.21 -26.62
CA LYS A 69 -19.61 -14.98 -27.73
C LYS A 69 -19.84 -14.09 -28.94
N ALA A 70 -18.94 -14.15 -29.91
CA ALA A 70 -19.05 -13.35 -31.13
C ALA A 70 -19.02 -11.86 -30.79
N VAL A 71 -18.55 -11.06 -31.75
CA VAL A 71 -18.45 -9.62 -31.56
C VAL A 71 -19.77 -8.94 -31.94
N LYS A 72 -20.46 -9.51 -32.91
CA LYS A 72 -21.74 -8.95 -33.36
C LYS A 72 -22.86 -9.31 -32.39
ZN ZN B . 3.25 6.13 11.31
ZN ZN C . 5.02 8.31 -3.25
N GLY A 1 1.09 -15.16 -3.27
CA GLY A 1 1.11 -14.06 -4.28
C GLY A 1 0.30 -12.86 -3.85
N GLY A 2 -0.50 -12.32 -4.76
CA GLY A 2 -1.33 -11.18 -4.46
C GLY A 2 -2.41 -11.49 -3.45
N SER A 3 -2.42 -10.74 -2.35
CA SER A 3 -3.42 -10.95 -1.30
C SER A 3 -3.76 -9.63 -0.62
N VAL A 4 -2.74 -8.91 -0.15
CA VAL A 4 -2.94 -7.64 0.51
C VAL A 4 -2.71 -6.47 -0.44
N LYS A 5 -3.00 -6.70 -1.72
CA LYS A 5 -2.83 -5.67 -2.74
C LYS A 5 -4.12 -4.90 -2.96
N LYS A 6 -4.13 -4.03 -3.97
CA LYS A 6 -5.32 -3.25 -4.29
C LYS A 6 -6.15 -3.92 -5.38
N GLY A 7 -5.47 -4.45 -6.38
CA GLY A 7 -6.17 -5.12 -7.48
C GLY A 7 -5.53 -4.85 -8.83
N ARG A 8 -5.43 -3.58 -9.20
CA ARG A 8 -4.84 -3.21 -10.47
C ARG A 8 -3.41 -2.69 -10.30
N ARG A 9 -2.73 -2.44 -11.41
CA ARG A 9 -1.35 -1.97 -11.39
C ARG A 9 -1.21 -0.64 -10.67
N SER A 10 -0.38 -0.63 -9.61
CA SER A 10 -0.14 0.56 -8.82
C SER A 10 1.34 0.65 -8.43
N ARG A 11 1.94 1.81 -8.61
CA ARG A 11 3.35 1.99 -8.25
C ARG A 11 3.61 3.36 -7.63
N ARG A 12 4.02 3.34 -6.37
CA ARG A 12 4.32 4.56 -5.65
C ARG A 12 5.35 5.41 -6.38
N CYS A 13 5.13 6.72 -6.36
CA CYS A 13 6.00 7.66 -7.03
C CYS A 13 7.44 7.57 -6.53
N GLY A 14 7.61 7.63 -5.21
CA GLY A 14 8.93 7.55 -4.63
C GLY A 14 9.52 8.91 -4.31
N GLN A 15 8.66 9.93 -4.16
CA GLN A 15 9.12 11.27 -3.85
C GLN A 15 8.05 12.09 -3.13
N CYS A 16 7.12 11.40 -2.48
CA CYS A 16 6.05 12.08 -1.74
C CYS A 16 6.28 11.94 -0.25
N PRO A 17 5.44 12.60 0.57
CA PRO A 17 5.57 12.55 2.03
C PRO A 17 5.58 11.12 2.57
N GLY A 18 4.89 10.23 1.88
CA GLY A 18 4.84 8.84 2.30
C GLY A 18 6.09 8.06 1.94
N CYS A 19 6.47 8.15 0.66
CA CYS A 19 7.63 7.46 0.14
C CYS A 19 8.93 7.90 0.82
N GLN A 20 8.95 9.13 1.33
CA GLN A 20 10.14 9.67 1.97
C GLN A 20 10.26 9.23 3.43
N VAL A 21 9.34 8.40 3.91
CA VAL A 21 9.38 7.95 5.30
C VAL A 21 9.84 6.49 5.40
N PRO A 22 11.15 6.27 5.63
CA PRO A 22 11.71 4.93 5.76
C PRO A 22 11.57 4.38 7.17
N GLU A 23 11.00 5.18 8.07
CA GLU A 23 10.81 4.78 9.45
C GLU A 23 9.36 4.97 9.89
N ASP A 24 9.05 4.48 11.08
CA ASP A 24 7.70 4.59 11.64
C ASP A 24 7.55 5.91 12.39
N CYS A 25 6.65 6.79 11.94
CA CYS A 25 6.45 8.08 12.61
C CYS A 25 6.35 7.87 14.11
N GLY A 26 5.79 6.73 14.50
CA GLY A 26 5.71 6.39 15.91
C GLY A 26 4.62 7.11 16.66
N VAL A 27 3.64 7.65 15.96
CA VAL A 27 2.59 8.39 16.61
C VAL A 27 1.20 8.18 15.99
N CYS A 28 1.15 7.44 14.87
CA CYS A 28 -0.12 7.16 14.24
C CYS A 28 -0.65 5.83 14.77
N THR A 29 -1.95 5.60 14.66
CA THR A 29 -2.54 4.37 15.19
C THR A 29 -1.76 3.12 14.80
N ASN A 30 -1.35 3.05 13.54
CA ASN A 30 -0.60 1.90 13.04
C ASN A 30 0.76 1.74 13.73
N CYS A 31 1.47 2.85 13.86
CA CYS A 31 2.79 2.85 14.48
C CYS A 31 2.66 2.59 15.97
N LEU A 32 1.77 3.34 16.59
CA LEU A 32 1.50 3.19 18.00
C LEU A 32 1.02 1.79 18.30
N ASP A 33 0.45 1.15 17.29
CA ASP A 33 -0.04 -0.20 17.40
C ASP A 33 1.14 -1.18 17.45
N LYS A 34 2.35 -0.69 17.15
CA LYS A 34 3.56 -1.53 17.17
C LYS A 34 4.09 -1.70 18.59
N PRO A 35 4.98 -2.69 18.81
CA PRO A 35 5.56 -2.93 20.13
C PRO A 35 6.48 -1.80 20.56
N LYS A 36 7.28 -1.31 19.61
CA LYS A 36 8.22 -0.23 19.87
C LYS A 36 7.52 1.09 20.17
N PHE A 37 6.20 1.14 19.91
CA PHE A 37 5.44 2.36 20.16
C PHE A 37 4.38 2.15 21.24
N GLY A 38 4.64 1.19 22.13
CA GLY A 38 3.70 0.90 23.21
C GLY A 38 2.66 -0.14 22.84
N GLY A 39 2.50 -0.39 21.54
CA GLY A 39 1.54 -1.37 21.09
C GLY A 39 2.13 -2.77 20.98
N ARG A 40 1.83 -3.46 19.88
CA ARG A 40 2.33 -4.81 19.65
C ARG A 40 2.54 -5.06 18.16
N ASN A 41 3.22 -6.15 17.83
CA ASN A 41 3.47 -6.49 16.43
C ASN A 41 2.38 -7.42 15.89
N ILE A 42 1.16 -7.26 16.40
CA ILE A 42 0.04 -8.08 15.99
C ILE A 42 -0.66 -7.48 14.78
N LYS A 43 -0.89 -6.17 14.83
CA LYS A 43 -1.56 -5.47 13.75
C LYS A 43 -0.56 -5.08 12.67
N LYS A 44 0.59 -4.55 13.10
CA LYS A 44 1.63 -4.10 12.17
C LYS A 44 1.04 -3.66 10.83
N GLN A 45 0.62 -2.40 10.76
CA GLN A 45 0.00 -1.87 9.55
C GLN A 45 0.89 -0.82 8.89
N CYS A 46 0.54 -0.46 7.66
CA CYS A 46 1.29 0.54 6.92
C CYS A 46 1.19 1.91 7.59
N CYS A 47 2.32 2.43 8.05
CA CYS A 47 2.35 3.73 8.70
C CYS A 47 1.58 4.78 7.91
N LYS A 48 0.72 5.52 8.59
CA LYS A 48 -0.08 6.56 7.96
C LYS A 48 0.78 7.58 7.22
N MET A 49 1.90 7.95 7.82
CA MET A 49 2.80 8.92 7.21
C MET A 49 3.68 8.28 6.13
N ARG A 50 3.73 6.95 6.12
CA ARG A 50 4.54 6.22 5.16
C ARG A 50 3.76 5.93 3.88
N LYS A 51 2.46 5.74 4.03
CA LYS A 51 1.59 5.43 2.89
C LYS A 51 1.75 6.48 1.79
N CYS A 52 2.06 6.01 0.59
CA CYS A 52 2.26 6.89 -0.55
C CYS A 52 0.98 7.66 -0.90
N GLN A 53 1.17 8.89 -1.38
CA GLN A 53 0.08 9.76 -1.75
C GLN A 53 -0.14 9.80 -3.26
N ASN A 54 0.94 9.61 -4.01
CA ASN A 54 0.88 9.65 -5.47
C ASN A 54 1.58 8.43 -6.07
N LEU A 55 0.81 7.63 -6.79
CA LEU A 55 1.34 6.44 -7.42
C LEU A 55 0.92 6.35 -8.88
N GLN A 56 1.72 5.67 -9.69
CA GLN A 56 1.42 5.49 -11.09
C GLN A 56 0.54 4.26 -11.26
N TRP A 57 -0.70 4.48 -11.68
CA TRP A 57 -1.64 3.38 -11.86
C TRP A 57 -1.93 3.11 -13.33
N MET A 58 -2.05 1.83 -13.67
CA MET A 58 -2.33 1.42 -15.04
C MET A 58 -3.56 0.52 -15.09
N PRO A 59 -4.43 0.71 -16.10
CA PRO A 59 -5.65 -0.09 -16.26
C PRO A 59 -5.38 -1.44 -16.92
N SER A 60 -6.11 -2.46 -16.48
CA SER A 60 -5.97 -3.80 -17.04
C SER A 60 -4.53 -4.30 -16.88
N LYS A 61 -4.25 -5.45 -17.49
CA LYS A 61 -2.91 -6.04 -17.42
C LYS A 61 -2.74 -7.09 -18.51
N ALA A 62 -3.75 -7.92 -18.68
CA ALA A 62 -3.71 -8.98 -19.69
C ALA A 62 -4.38 -8.54 -20.98
N TYR A 63 -4.52 -7.22 -21.17
CA TYR A 63 -5.13 -6.65 -22.36
C TYR A 63 -6.38 -7.43 -22.80
N LEU A 64 -6.18 -8.43 -23.65
CA LEU A 64 -7.29 -9.24 -24.14
C LEU A 64 -7.71 -10.28 -23.10
N GLN A 65 -6.80 -11.18 -22.77
CA GLN A 65 -7.06 -12.22 -21.79
C GLN A 65 -7.48 -11.61 -20.45
N LYS A 66 -8.44 -12.26 -19.79
CA LYS A 66 -8.94 -11.79 -18.50
C LYS A 66 -8.12 -12.39 -17.35
N GLN A 67 -8.27 -11.82 -16.17
CA GLN A 67 -7.55 -12.30 -15.00
C GLN A 67 -8.41 -13.29 -14.20
N ALA A 68 -7.81 -14.42 -13.85
CA ALA A 68 -8.50 -15.45 -13.08
C ALA A 68 -7.90 -15.61 -11.69
N LYS A 69 -8.70 -16.12 -10.76
CA LYS A 69 -8.25 -16.33 -9.39
C LYS A 69 -7.08 -17.32 -9.35
N ALA A 70 -6.33 -17.29 -8.26
CA ALA A 70 -5.18 -18.19 -8.10
C ALA A 70 -5.64 -19.57 -7.65
N VAL A 71 -5.88 -20.45 -8.62
CA VAL A 71 -6.32 -21.81 -8.32
C VAL A 71 -6.22 -22.71 -9.56
N LYS A 72 -5.83 -23.95 -9.35
CA LYS A 72 -5.69 -24.91 -10.45
C LYS A 72 -6.65 -26.08 -10.27
ZN ZN B . 3.09 6.10 11.58
ZN ZN C . 4.94 8.19 -3.26
N GLY A 1 -14.13 -12.92 -9.34
CA GLY A 1 -14.74 -12.62 -8.01
C GLY A 1 -14.24 -13.55 -6.93
N GLY A 2 -13.16 -13.17 -6.26
CA GLY A 2 -12.61 -13.99 -5.20
C GLY A 2 -11.37 -13.37 -4.57
N SER A 3 -10.29 -14.13 -4.51
CA SER A 3 -9.04 -13.65 -3.93
C SER A 3 -8.52 -12.43 -4.67
N VAL A 4 -8.43 -12.56 -6.00
CA VAL A 4 -7.95 -11.46 -6.83
C VAL A 4 -8.92 -10.28 -6.81
N LYS A 5 -8.39 -9.10 -6.49
CA LYS A 5 -9.21 -7.90 -6.44
C LYS A 5 -9.70 -7.51 -7.82
N LYS A 6 -8.80 -6.95 -8.62
CA LYS A 6 -9.13 -6.53 -9.98
C LYS A 6 -7.95 -6.71 -10.91
N GLY A 7 -6.78 -6.28 -10.46
CA GLY A 7 -5.57 -6.40 -11.25
C GLY A 7 -5.00 -5.06 -11.66
N ARG A 8 -5.43 -4.00 -10.99
CA ARG A 8 -4.96 -2.65 -11.29
C ARG A 8 -3.47 -2.51 -10.98
N ARG A 9 -2.74 -1.86 -11.89
CA ARG A 9 -1.31 -1.66 -11.71
C ARG A 9 -1.06 -0.35 -10.99
N SER A 10 -0.24 -0.39 -9.95
CA SER A 10 0.07 0.80 -9.16
C SER A 10 1.55 0.83 -8.77
N ARG A 11 2.20 1.96 -9.02
CA ARG A 11 3.60 2.12 -8.66
C ARG A 11 3.83 3.43 -7.94
N ARG A 12 4.25 3.32 -6.68
CA ARG A 12 4.52 4.50 -5.86
C ARG A 12 5.52 5.43 -6.52
N CYS A 13 5.26 6.72 -6.42
CA CYS A 13 6.11 7.75 -7.01
C CYS A 13 7.52 7.67 -6.46
N GLY A 14 7.65 7.67 -5.15
CA GLY A 14 8.96 7.62 -4.52
C GLY A 14 9.51 8.98 -4.16
N GLN A 15 8.62 9.97 -4.02
CA GLN A 15 9.04 11.33 -3.69
C GLN A 15 7.93 12.09 -2.96
N CYS A 16 7.01 11.36 -2.35
CA CYS A 16 5.91 11.98 -1.62
C CYS A 16 6.15 11.85 -0.11
N PRO A 17 5.29 12.48 0.71
CA PRO A 17 5.42 12.42 2.17
C PRO A 17 5.48 10.99 2.70
N GLY A 18 4.81 10.08 2.00
CA GLY A 18 4.79 8.69 2.39
C GLY A 18 6.07 7.95 2.01
N CYS A 19 6.43 8.04 0.74
CA CYS A 19 7.61 7.38 0.21
C CYS A 19 8.90 7.83 0.90
N GLN A 20 8.91 9.05 1.41
CA GLN A 20 10.09 9.60 2.06
C GLN A 20 10.24 9.12 3.51
N VAL A 21 9.33 8.26 3.97
CA VAL A 21 9.41 7.77 5.35
C VAL A 21 9.92 6.34 5.40
N PRO A 22 11.23 6.15 5.65
CA PRO A 22 11.84 4.83 5.74
C PRO A 22 11.68 4.23 7.15
N GLU A 23 11.04 4.97 8.04
CA GLU A 23 10.83 4.53 9.41
C GLU A 23 9.37 4.69 9.84
N ASP A 24 9.09 4.36 11.09
CA ASP A 24 7.75 4.47 11.65
C ASP A 24 7.59 5.80 12.37
N CYS A 25 6.67 6.66 11.89
CA CYS A 25 6.46 7.95 12.52
C CYS A 25 6.33 7.78 14.03
N GLY A 26 5.61 6.76 14.45
CA GLY A 26 5.48 6.49 15.87
C GLY A 26 4.33 7.18 16.55
N VAL A 27 3.35 7.60 15.78
CA VAL A 27 2.22 8.31 16.36
C VAL A 27 0.89 7.97 15.69
N CYS A 28 0.93 7.25 14.56
CA CYS A 28 -0.30 6.85 13.89
C CYS A 28 -0.74 5.51 14.46
N THR A 29 -2.01 5.19 14.34
CA THR A 29 -2.54 3.93 14.90
C THR A 29 -1.64 2.74 14.54
N ASN A 30 -1.25 2.66 13.28
CA ASN A 30 -0.42 1.56 12.81
C ASN A 30 0.93 1.50 13.50
N CYS A 31 1.55 2.65 13.68
CA CYS A 31 2.86 2.73 14.32
C CYS A 31 2.72 2.52 15.80
N LEU A 32 1.74 3.18 16.40
CA LEU A 32 1.49 3.05 17.80
C LEU A 32 1.12 1.61 18.12
N ASP A 33 0.66 0.89 17.10
CA ASP A 33 0.32 -0.51 17.23
C ASP A 33 1.60 -1.34 17.41
N LYS A 34 2.76 -0.71 17.18
CA LYS A 34 4.05 -1.39 17.33
C LYS A 34 4.44 -1.48 18.80
N PRO A 35 5.33 -2.43 19.15
CA PRO A 35 5.79 -2.60 20.53
C PRO A 35 6.63 -1.43 21.02
N LYS A 36 7.36 -0.81 20.09
CA LYS A 36 8.21 0.33 20.42
C LYS A 36 7.39 1.60 20.59
N PHE A 37 6.13 1.56 20.15
CA PHE A 37 5.25 2.72 20.26
C PHE A 37 4.12 2.45 21.25
N GLY A 38 4.34 1.52 22.17
CA GLY A 38 3.34 1.19 23.16
C GLY A 38 2.40 0.08 22.71
N GLY A 39 2.43 -0.23 21.41
CA GLY A 39 1.58 -1.27 20.88
C GLY A 39 2.02 -2.67 21.27
N ARG A 40 1.94 -3.62 20.33
CA ARG A 40 2.32 -5.00 20.61
C ARG A 40 2.74 -5.76 19.34
N ASN A 41 3.04 -5.03 18.27
CA ASN A 41 3.44 -5.67 17.01
C ASN A 41 2.38 -6.67 16.56
N ILE A 42 1.15 -6.47 17.02
CA ILE A 42 0.06 -7.35 16.67
C ILE A 42 -0.61 -6.94 15.38
N LYS A 43 -0.86 -5.64 15.23
CA LYS A 43 -1.48 -5.12 14.02
C LYS A 43 -0.42 -4.79 12.99
N LYS A 44 0.72 -4.29 13.48
CA LYS A 44 1.84 -3.91 12.62
C LYS A 44 1.37 -3.63 11.18
N GLN A 45 0.52 -2.62 11.02
CA GLN A 45 -0.01 -2.27 9.71
C GLN A 45 0.92 -1.32 8.98
N CYS A 46 0.48 -0.84 7.82
CA CYS A 46 1.25 0.09 7.02
C CYS A 46 1.18 1.50 7.61
N CYS A 47 2.32 2.02 8.05
CA CYS A 47 2.39 3.35 8.65
C CYS A 47 1.65 4.37 7.77
N LYS A 48 0.74 5.11 8.40
CA LYS A 48 -0.04 6.13 7.71
C LYS A 48 0.87 7.18 7.08
N MET A 49 1.94 7.54 7.79
CA MET A 49 2.88 8.54 7.30
C MET A 49 3.81 7.95 6.22
N ARG A 50 3.80 6.62 6.10
CA ARG A 50 4.64 5.95 5.13
C ARG A 50 3.88 5.67 3.85
N LYS A 51 2.59 5.43 3.99
CA LYS A 51 1.74 5.12 2.85
C LYS A 51 1.86 6.20 1.78
N CYS A 52 2.12 5.75 0.56
CA CYS A 52 2.28 6.67 -0.57
C CYS A 52 0.99 7.41 -0.90
N GLN A 53 1.14 8.65 -1.36
CA GLN A 53 0.02 9.49 -1.70
C GLN A 53 -0.18 9.58 -3.22
N ASN A 54 0.92 9.45 -3.96
CA ASN A 54 0.87 9.53 -5.41
C ASN A 54 1.60 8.36 -6.05
N LEU A 55 0.86 7.57 -6.82
CA LEU A 55 1.42 6.41 -7.50
C LEU A 55 0.99 6.38 -8.95
N GLN A 56 1.78 5.74 -9.80
CA GLN A 56 1.46 5.64 -11.22
C GLN A 56 0.49 4.48 -11.43
N TRP A 57 -0.74 4.80 -11.85
CA TRP A 57 -1.75 3.79 -12.06
C TRP A 57 -2.14 3.66 -13.52
N MET A 58 -2.62 2.48 -13.90
CA MET A 58 -3.06 2.20 -15.26
C MET A 58 -4.08 1.07 -15.27
N PRO A 59 -5.15 1.20 -16.09
CA PRO A 59 -6.18 0.17 -16.19
C PRO A 59 -5.71 -1.06 -16.94
N SER A 60 -6.38 -2.19 -16.69
CA SER A 60 -6.03 -3.44 -17.36
C SER A 60 -6.60 -3.48 -18.77
N LYS A 61 -6.00 -4.31 -19.62
CA LYS A 61 -6.44 -4.45 -21.00
C LYS A 61 -6.46 -5.91 -21.42
N ALA A 62 -6.74 -6.80 -20.46
CA ALA A 62 -6.78 -8.23 -20.73
C ALA A 62 -8.12 -8.64 -21.36
N TYR A 63 -9.13 -7.79 -21.21
CA TYR A 63 -10.45 -8.08 -21.76
C TYR A 63 -10.62 -7.40 -23.12
N LEU A 64 -10.01 -6.22 -23.28
CA LEU A 64 -10.09 -5.47 -24.53
C LEU A 64 -9.08 -6.00 -25.55
N GLN A 65 -7.96 -6.51 -25.05
CA GLN A 65 -6.92 -7.05 -25.92
C GLN A 65 -7.29 -8.44 -26.41
N LYS A 66 -7.19 -8.64 -27.73
CA LYS A 66 -7.52 -9.93 -28.33
C LYS A 66 -8.98 -10.28 -28.11
N GLN A 67 -9.67 -10.66 -29.20
CA GLN A 67 -11.07 -11.02 -29.12
C GLN A 67 -11.41 -12.11 -30.14
N ALA A 68 -10.97 -11.90 -31.37
CA ALA A 68 -11.20 -12.85 -32.44
C ALA A 68 -12.70 -13.13 -32.62
N LYS A 69 -13.52 -12.09 -32.44
CA LYS A 69 -14.96 -12.22 -32.57
C LYS A 69 -15.64 -10.86 -32.39
N ALA A 70 -16.59 -10.57 -33.27
CA ALA A 70 -17.33 -9.31 -33.22
C ALA A 70 -16.38 -8.12 -33.34
N VAL A 71 -16.25 -7.61 -34.56
CA VAL A 71 -15.38 -6.46 -34.82
C VAL A 71 -15.98 -5.17 -34.27
N LYS A 72 -17.31 -5.11 -34.27
CA LYS A 72 -18.01 -3.93 -33.78
C LYS A 72 -19.30 -4.32 -33.07
ZN ZN B . 3.21 5.94 11.32
ZN ZN C . 4.94 8.08 -3.22
N GLY A 1 -1.67 -17.70 -4.29
CA GLY A 1 -2.17 -16.72 -5.29
C GLY A 1 -3.41 -15.99 -4.82
N GLY A 2 -3.32 -15.34 -3.68
CA GLY A 2 -4.45 -14.61 -3.13
C GLY A 2 -4.19 -14.07 -1.75
N SER A 3 -3.15 -13.24 -1.62
CA SER A 3 -2.80 -12.64 -0.34
C SER A 3 -2.90 -11.12 -0.39
N VAL A 4 -2.05 -10.50 -1.19
CA VAL A 4 -2.05 -9.06 -1.32
C VAL A 4 -2.56 -8.63 -2.70
N LYS A 5 -3.75 -8.04 -2.73
CA LYS A 5 -4.34 -7.58 -3.98
C LYS A 5 -4.54 -6.06 -3.96
N LYS A 6 -5.09 -5.54 -5.05
CA LYS A 6 -5.35 -4.11 -5.16
C LYS A 6 -6.38 -3.81 -6.24
N GLY A 7 -6.23 -4.46 -7.38
CA GLY A 7 -7.15 -4.27 -8.48
C GLY A 7 -6.45 -3.95 -9.78
N ARG A 8 -5.42 -3.10 -9.71
CA ARG A 8 -4.66 -2.72 -10.89
C ARG A 8 -3.20 -2.52 -10.55
N ARG A 9 -2.37 -2.30 -11.57
CA ARG A 9 -0.95 -2.09 -11.38
C ARG A 9 -0.68 -0.71 -10.78
N SER A 10 -0.06 -0.68 -9.61
CA SER A 10 0.25 0.56 -8.93
C SER A 10 1.71 0.64 -8.54
N ARG A 11 2.32 1.79 -8.79
CA ARG A 11 3.73 2.00 -8.44
C ARG A 11 3.93 3.35 -7.77
N ARG A 12 4.35 3.31 -6.51
CA ARG A 12 4.60 4.51 -5.73
C ARG A 12 5.60 5.42 -6.44
N CYS A 13 5.32 6.71 -6.37
CA CYS A 13 6.16 7.72 -7.00
C CYS A 13 7.59 7.67 -6.47
N GLY A 14 7.74 7.72 -5.16
CA GLY A 14 9.06 7.69 -4.55
C GLY A 14 9.60 9.07 -4.22
N GLN A 15 8.69 10.05 -4.09
CA GLN A 15 9.10 11.41 -3.77
C GLN A 15 7.99 12.18 -3.05
N CYS A 16 7.10 11.45 -2.40
CA CYS A 16 6.00 12.07 -1.66
C CYS A 16 6.24 11.94 -0.15
N PRO A 17 5.38 12.56 0.67
CA PRO A 17 5.51 12.51 2.13
C PRO A 17 5.58 11.08 2.65
N GLY A 18 4.92 10.16 1.95
CA GLY A 18 4.92 8.76 2.35
C GLY A 18 6.21 8.04 1.99
N CYS A 19 6.58 8.15 0.72
CA CYS A 19 7.77 7.50 0.19
C CYS A 19 9.05 8.00 0.87
N GLN A 20 9.01 9.22 1.40
CA GLN A 20 10.19 9.80 2.04
C GLN A 20 10.34 9.36 3.50
N VAL A 21 9.44 8.50 3.98
CA VAL A 21 9.51 8.05 5.37
C VAL A 21 10.03 6.61 5.46
N PRO A 22 11.34 6.45 5.72
CA PRO A 22 11.96 5.13 5.85
C PRO A 22 11.79 4.54 7.24
N GLU A 23 11.16 5.31 8.13
CA GLU A 23 10.94 4.87 9.50
C GLU A 23 9.47 5.00 9.90
N ASP A 24 9.18 4.66 11.16
CA ASP A 24 7.81 4.74 11.68
C ASP A 24 7.64 6.02 12.49
N CYS A 25 6.73 6.90 12.07
CA CYS A 25 6.51 8.15 12.80
C CYS A 25 6.32 7.87 14.29
N GLY A 26 5.53 6.85 14.60
CA GLY A 26 5.34 6.48 15.99
C GLY A 26 4.16 7.13 16.65
N VAL A 27 3.21 7.62 15.87
CA VAL A 27 2.06 8.30 16.46
C VAL A 27 0.74 7.96 15.77
N CYS A 28 0.81 7.24 14.65
CA CYS A 28 -0.41 6.83 13.96
C CYS A 28 -0.82 5.45 14.46
N THR A 29 -2.09 5.11 14.32
CA THR A 29 -2.58 3.82 14.82
C THR A 29 -1.66 2.66 14.40
N ASN A 30 -1.22 2.70 13.16
CA ASN A 30 -0.35 1.67 12.61
C ASN A 30 0.99 1.58 13.35
N CYS A 31 1.63 2.72 13.54
CA CYS A 31 2.91 2.78 14.22
C CYS A 31 2.73 2.50 15.70
N LEU A 32 1.76 3.17 16.29
CA LEU A 32 1.45 2.98 17.68
C LEU A 32 1.08 1.52 17.94
N ASP A 33 0.64 0.85 16.88
CA ASP A 33 0.28 -0.56 16.96
C ASP A 33 1.55 -1.41 17.14
N LYS A 34 2.72 -0.80 16.96
CA LYS A 34 3.99 -1.50 17.11
C LYS A 34 4.40 -1.57 18.58
N PRO A 35 5.26 -2.53 18.94
CA PRO A 35 5.73 -2.69 20.31
C PRO A 35 6.59 -1.51 20.78
N LYS A 36 7.34 -0.93 19.84
CA LYS A 36 8.20 0.21 20.15
C LYS A 36 7.38 1.47 20.39
N PHE A 37 6.12 1.46 19.95
CA PHE A 37 5.25 2.61 20.12
C PHE A 37 4.13 2.33 21.13
N GLY A 38 4.31 1.29 21.94
CA GLY A 38 3.32 0.94 22.94
C GLY A 38 2.39 -0.18 22.49
N GLY A 39 2.38 -0.45 21.20
CA GLY A 39 1.54 -1.52 20.67
C GLY A 39 2.03 -2.90 21.03
N ARG A 40 1.84 -3.86 20.12
CA ARG A 40 2.27 -5.23 20.35
C ARG A 40 2.64 -5.94 19.05
N ASN A 41 2.88 -5.18 17.98
CA ASN A 41 3.23 -5.76 16.69
C ASN A 41 2.17 -6.76 16.24
N ILE A 42 0.97 -6.62 16.77
CA ILE A 42 -0.13 -7.51 16.42
C ILE A 42 -0.87 -7.01 15.19
N LYS A 43 -1.11 -5.71 15.14
CA LYS A 43 -1.80 -5.11 14.02
C LYS A 43 -0.80 -4.82 12.89
N LYS A 44 0.43 -4.48 13.29
CA LYS A 44 1.51 -4.17 12.33
C LYS A 44 0.96 -3.77 10.96
N GLN A 45 0.54 -2.51 10.84
CA GLN A 45 -0.01 -2.02 9.57
C GLN A 45 0.93 -1.03 8.91
N CYS A 46 0.58 -0.62 7.69
CA CYS A 46 1.40 0.33 6.94
C CYS A 46 1.30 1.72 7.56
N CYS A 47 2.43 2.24 8.01
CA CYS A 47 2.48 3.56 8.64
C CYS A 47 1.72 4.60 7.81
N LYS A 48 0.83 5.32 8.46
CA LYS A 48 0.01 6.35 7.83
C LYS A 48 0.89 7.42 7.16
N MET A 49 2.01 7.75 7.78
CA MET A 49 2.91 8.76 7.24
C MET A 49 3.82 8.17 6.17
N ARG A 50 3.87 6.84 6.09
CA ARG A 50 4.72 6.16 5.12
C ARG A 50 3.96 5.82 3.85
N LYS A 51 2.67 5.52 4.00
CA LYS A 51 1.84 5.17 2.85
C LYS A 51 1.91 6.23 1.76
N CYS A 52 2.35 5.81 0.57
CA CYS A 52 2.49 6.71 -0.56
C CYS A 52 1.17 7.42 -0.88
N GLN A 53 1.29 8.65 -1.35
CA GLN A 53 0.15 9.48 -1.70
C GLN A 53 -0.08 9.53 -3.21
N ASN A 54 1.01 9.39 -3.97
CA ASN A 54 0.92 9.44 -5.43
C ASN A 54 1.65 8.25 -6.05
N LEU A 55 0.89 7.43 -6.76
CA LEU A 55 1.44 6.26 -7.42
C LEU A 55 0.94 6.16 -8.86
N GLN A 56 1.68 5.45 -9.70
CA GLN A 56 1.29 5.29 -11.10
C GLN A 56 0.32 4.12 -11.24
N TRP A 57 -0.92 4.42 -11.62
CA TRP A 57 -1.93 3.39 -11.76
C TRP A 57 -2.38 3.26 -13.22
N MET A 58 -2.90 2.08 -13.56
CA MET A 58 -3.38 1.82 -14.91
C MET A 58 -4.60 0.91 -14.90
N PRO A 59 -5.56 1.12 -15.80
CA PRO A 59 -6.77 0.31 -15.88
C PRO A 59 -6.51 -1.07 -16.49
N SER A 60 -7.17 -2.08 -15.94
CA SER A 60 -7.01 -3.45 -16.43
C SER A 60 -8.12 -3.82 -17.42
N LYS A 61 -7.75 -4.52 -18.48
CA LYS A 61 -8.71 -4.93 -19.50
C LYS A 61 -8.89 -6.44 -19.49
N ALA A 62 -8.77 -7.04 -18.32
CA ALA A 62 -8.92 -8.49 -18.17
C ALA A 62 -9.82 -8.84 -16.99
N TYR A 63 -10.47 -7.83 -16.41
CA TYR A 63 -11.37 -8.03 -15.27
C TYR A 63 -10.77 -9.01 -14.25
N LEU A 64 -11.14 -10.30 -14.37
CA LEU A 64 -10.63 -11.34 -13.47
C LEU A 64 -11.09 -11.14 -12.03
N GLN A 65 -11.58 -9.95 -11.70
CA GLN A 65 -12.06 -9.67 -10.35
C GLN A 65 -13.47 -9.11 -10.37
N LYS A 66 -14.32 -9.63 -9.47
CA LYS A 66 -15.70 -9.19 -9.39
C LYS A 66 -15.85 -8.02 -8.42
N GLN A 67 -17.01 -7.39 -8.42
CA GLN A 67 -17.27 -6.26 -7.53
C GLN A 67 -18.44 -6.56 -6.59
N ALA A 68 -18.39 -5.98 -5.40
CA ALA A 68 -19.43 -6.20 -4.40
C ALA A 68 -19.55 -7.66 -4.03
N LYS A 69 -18.73 -8.09 -3.07
CA LYS A 69 -18.75 -9.48 -2.61
C LYS A 69 -19.29 -9.58 -1.19
N ALA A 70 -19.00 -8.57 -0.38
CA ALA A 70 -19.47 -8.54 1.00
C ALA A 70 -19.10 -7.22 1.68
N VAL A 71 -19.70 -6.97 2.85
CA VAL A 71 -19.43 -5.75 3.60
C VAL A 71 -19.28 -6.04 5.08
N LYS A 72 -20.18 -6.84 5.62
CA LYS A 72 -20.14 -7.21 7.03
C LYS A 72 -19.04 -8.22 7.31
ZN ZN B . 3.29 6.14 11.35
ZN ZN C . 5.08 8.19 -3.20
#